data_7OCQ
#
_entry.id   7OCQ
#
_cell.length_a   99.301
_cell.length_b   157.337
_cell.length_c   219.020
_cell.angle_alpha   90.000
_cell.angle_beta   90.000
_cell.angle_gamma   90.000
#
_symmetry.space_group_name_H-M   'C 2 2 21'
#
loop_
_entity.id
_entity.type
_entity.pdbx_description
1 polymer 'HAD hydrolase, family IA, variant 3'
2 non-polymer '[[(2~{R},3~{S},4~{R},5~{R})-5-(3-aminocarbonyl-4~{H}-pyridin-1-yl)-3,4-bis(oxidanyl)oxolan-2-yl]methoxy-oxidanyl-phosphoryl] [(2~{R},3~{S},4~{R},5~{R})-3,4,5-tris(oxidanyl)oxolan-2-yl]methyl hydrogen phosphate'
3 non-polymer 'MAGNESIUM ION'
4 non-polymer 'SULFATE ION'
5 non-polymer 1,2-ETHANEDIOL
6 non-polymer GLYCEROL
7 non-polymer 'CHLORIDE ION'
8 non-polymer '4-(2-HYDROXYETHYL)-1-PIPERAZINE ETHANESULFONIC ACID'
9 non-polymer '1,4-DIHYDRONICOTINAMIDE ADENINE DINUCLEOTIDE'
10 water water
#
_entity_poly.entity_id   1
_entity_poly.type   'polypeptide(L)'
_entity_poly.pdbx_seq_one_letter_code
;MVLIFHGKPVHGAIFDMDGTMFDTERLRFQTLQQASQELIGQEFSHEYLMQCLGLSATTAEKLAQRLYGVDVPYKEIRKR
ADEMELEHIRKHGVPIKKGLVQVLERLRKSGLRMAVATSSRRAIAEEYLINANVYKFFDVITCGDEVEQGKPHPEIFLKA
ASQLHLDANQCLMFEDSENGLTSAHTSKGLTILLKDIKEPNDEMLEKAHFYYDQMYDFLTDLDQFIPVMDMPEMQEPFPQ
SLNQLTVGIHGFGAIGGGYIAQILSHWDGYTKPKRIIASTRNSLFREAVNAFGTYSIRYGQFSYDERIENMSIVDSDNEQ
QMLEMYTHSSLIALCLPEQAIESESKIIAKGLYARFNSQLETCIEPLTFLIILNKVGAKYLVMKHLKEALLELTNDEDVT
EHILKEHYFCDTVVNRMVSKLSNQNLYRQLRIKHNFLEQHLEDVEQEDQIEIEDCNKLTPDQLNQASIYVDNMRRNFQPG
HILQSMDLILFHSETDMPIYVEKGSPLLEKLRQVVLVDQITDIQLIKNRLWNGVHAMLAWYASLMGYESIGVAMGDHLVK
AFAENLIAEVKQGLAIVLPNYAKDLDRMSQSFLDSCEYAFKDPCQRVARDPLRKLNHNERVMASIAVNIRHDLPYKNLLK
GAALGYAYAIQFLEIEETKAVEHLQQQIQNLDLSTAQRRQLEAELVQLIQYLFSEQGKQPLDIKSNNTKTTSTQYVAAAL
EHHHHHH
;
_entity_poly.pdbx_strand_id   A,B
#
loop_
_chem_comp.id
_chem_comp.type
_chem_comp.name
_chem_comp.formula
CL non-polymer 'CHLORIDE ION' 'Cl -1'
EDO non-polymer 1,2-ETHANEDIOL 'C2 H6 O2'
EPE non-polymer '4-(2-HYDROXYETHYL)-1-PIPERAZINE ETHANESULFONIC ACID' 'C8 H18 N2 O4 S'
GOL non-polymer GLYCEROL 'C3 H8 O3'
MG non-polymer 'MAGNESIUM ION' 'Mg 2'
NAI non-polymer '1,4-DIHYDRONICOTINAMIDE ADENINE DINUCLEOTIDE' 'C21 H29 N7 O14 P2'
SO4 non-polymer 'SULFATE ION' 'O4 S -2'
V8H non-polymer '[[(2~{R},3~{S},4~{R},5~{R})-5-(3-aminocarbonyl-4~{H}-pyridin-1-yl)-3,4-bis(oxidanyl)oxolan-2-yl]methoxy-oxidanyl-phosphoryl] [(2~{R},3~{S},4~{R},5~{R})-3,4,5-tris(oxidanyl)oxolan-2-yl]methyl hydrogen phosphate' 'C16 H26 N2 O15 P2'
#
# COMPACT_ATOMS: atom_id res chain seq x y z
N VAL A 2 -19.80 -17.89 5.46
CA VAL A 2 -20.78 -18.35 4.41
C VAL A 2 -21.71 -17.19 4.08
N LEU A 3 -21.71 -16.73 2.82
CA LEU A 3 -22.59 -15.62 2.34
C LEU A 3 -24.03 -16.13 2.27
N ILE A 4 -24.91 -15.60 3.12
CA ILE A 4 -26.37 -15.93 3.15
C ILE A 4 -27.12 -14.87 2.32
N PHE A 5 -27.82 -15.29 1.28
CA PHE A 5 -28.59 -14.42 0.34
C PHE A 5 -30.04 -14.91 0.29
N HIS A 6 -30.95 -14.16 0.93
CA HIS A 6 -32.41 -14.44 1.01
C HIS A 6 -32.63 -15.87 1.54
N GLY A 7 -31.99 -16.21 2.66
CA GLY A 7 -32.21 -17.46 3.41
C GLY A 7 -31.53 -18.67 2.79
N LYS A 8 -30.86 -18.49 1.64
CA LYS A 8 -30.13 -19.57 0.91
C LYS A 8 -28.64 -19.38 1.10
N PRO A 9 -27.89 -20.40 1.58
CA PRO A 9 -26.44 -20.29 1.71
C PRO A 9 -25.75 -20.37 0.35
N VAL A 10 -24.97 -19.33 0.02
CA VAL A 10 -24.24 -19.19 -1.28
C VAL A 10 -22.75 -19.46 -1.04
N HIS A 11 -22.16 -20.37 -1.81
CA HIS A 11 -20.73 -20.75 -1.77
C HIS A 11 -20.02 -20.33 -3.07
N GLY A 12 -20.78 -20.11 -4.16
CA GLY A 12 -20.23 -19.76 -5.49
C GLY A 12 -21.08 -18.72 -6.20
N ALA A 13 -20.53 -18.14 -7.28
CA ALA A 13 -21.19 -17.11 -8.12
C ALA A 13 -20.67 -17.21 -9.55
N ILE A 14 -21.51 -17.70 -10.48
CA ILE A 14 -21.17 -17.87 -11.92
C ILE A 14 -21.83 -16.73 -12.71
N PHE A 15 -21.08 -16.04 -13.56
CA PHE A 15 -21.49 -14.81 -14.29
C PHE A 15 -21.48 -15.07 -15.80
N ASP A 16 -22.56 -14.64 -16.48
CA ASP A 16 -22.55 -14.41 -17.95
C ASP A 16 -21.68 -13.17 -18.20
N MET A 17 -21.02 -13.11 -19.36
CA MET A 17 -20.03 -12.05 -19.68
C MET A 17 -20.74 -10.91 -20.44
N ASP A 18 -21.21 -11.17 -21.66
CA ASP A 18 -21.80 -10.14 -22.56
C ASP A 18 -23.26 -9.93 -22.19
N GLY A 19 -23.62 -8.70 -21.78
CA GLY A 19 -25.00 -8.31 -21.41
C GLY A 19 -25.21 -8.24 -19.91
N THR A 20 -24.43 -9.02 -19.14
CA THR A 20 -24.55 -9.18 -17.66
C THR A 20 -23.45 -8.37 -16.97
N MET A 21 -22.19 -8.60 -17.35
CA MET A 21 -20.99 -7.94 -16.75
C MET A 21 -20.63 -6.69 -17.56
N PHE A 22 -20.52 -6.84 -18.89
CA PHE A 22 -20.09 -5.76 -19.83
C PHE A 22 -21.27 -5.31 -20.70
N ASP A 23 -21.31 -4.01 -21.01
CA ASP A 23 -22.37 -3.37 -21.83
C ASP A 23 -21.98 -3.46 -23.31
N THR A 24 -21.68 -4.68 -23.77
CA THR A 24 -21.14 -4.99 -25.12
C THR A 24 -22.29 -5.19 -26.12
N GLU A 25 -23.50 -5.49 -25.62
CA GLU A 25 -24.73 -5.67 -26.45
C GLU A 25 -25.15 -4.32 -27.04
N ARG A 26 -25.02 -3.25 -26.25
CA ARG A 26 -25.39 -1.86 -26.64
C ARG A 26 -24.28 -1.29 -27.53
N LEU A 27 -23.03 -1.74 -27.36
CA LEU A 27 -21.88 -1.40 -28.24
C LEU A 27 -22.10 -2.07 -29.61
N ARG A 28 -22.58 -3.31 -29.63
CA ARG A 28 -22.87 -4.10 -30.86
C ARG A 28 -24.00 -3.41 -31.65
N PHE A 29 -24.97 -2.81 -30.94
CA PHE A 29 -26.04 -1.94 -31.50
C PHE A 29 -25.41 -0.80 -32.32
N GLN A 30 -24.44 -0.10 -31.72
CA GLN A 30 -23.79 1.11 -32.29
C GLN A 30 -22.93 0.73 -33.49
N THR A 31 -22.15 -0.35 -33.39
CA THR A 31 -21.24 -0.84 -34.46
C THR A 31 -22.06 -1.27 -35.68
N LEU A 32 -23.14 -2.02 -35.46
CA LEU A 32 -24.06 -2.52 -36.53
C LEU A 32 -24.68 -1.34 -37.29
N GLN A 33 -25.02 -0.25 -36.58
CA GLN A 33 -25.57 1.00 -37.17
C GLN A 33 -24.47 1.70 -37.97
N GLN A 34 -23.31 1.91 -37.35
CA GLN A 34 -22.14 2.61 -37.96
C GLN A 34 -21.63 1.84 -39.18
N ALA A 35 -21.65 0.50 -39.12
CA ALA A 35 -21.20 -0.40 -40.21
C ALA A 35 -22.17 -0.32 -41.40
N SER A 36 -23.47 -0.29 -41.12
CA SER A 36 -24.56 -0.17 -42.13
C SER A 36 -24.46 1.19 -42.85
N GLN A 37 -24.25 2.27 -42.09
CA GLN A 37 -24.11 3.66 -42.59
C GLN A 37 -23.00 3.72 -43.65
N GLU A 38 -21.92 2.95 -43.45
CA GLU A 38 -20.75 2.92 -44.36
C GLU A 38 -21.09 2.17 -45.65
N LEU A 39 -21.57 0.93 -45.54
CA LEU A 39 -21.68 -0.02 -46.68
C LEU A 39 -22.95 0.26 -47.51
N ILE A 40 -24.14 0.05 -46.93
CA ILE A 40 -25.44 0.15 -47.67
C ILE A 40 -25.91 1.60 -47.72
N GLY A 41 -25.32 2.49 -46.91
CA GLY A 41 -25.61 3.94 -46.92
C GLY A 41 -26.61 4.33 -45.84
N GLN A 42 -27.66 3.53 -45.65
CA GLN A 42 -28.71 3.72 -44.61
C GLN A 42 -28.33 2.91 -43.36
N GLU A 43 -28.55 3.48 -42.16
CA GLU A 43 -28.38 2.79 -40.86
C GLU A 43 -29.50 1.76 -40.69
N PHE A 44 -29.19 0.58 -40.16
CA PHE A 44 -30.19 -0.40 -39.65
C PHE A 44 -31.00 0.29 -38.54
N SER A 45 -32.33 0.19 -38.61
CA SER A 45 -33.27 0.82 -37.64
C SER A 45 -33.03 0.23 -36.24
N HIS A 46 -33.12 1.07 -35.21
CA HIS A 46 -33.09 0.67 -33.77
C HIS A 46 -34.12 -0.44 -33.54
N GLU A 47 -35.29 -0.34 -34.17
CA GLU A 47 -36.44 -1.26 -34.01
C GLU A 47 -36.05 -2.66 -34.51
N TYR A 48 -35.34 -2.76 -35.63
CA TYR A 48 -34.84 -4.03 -36.23
C TYR A 48 -33.86 -4.70 -35.27
N LEU A 49 -32.85 -3.94 -34.81
CA LEU A 49 -31.77 -4.42 -33.91
C LEU A 49 -32.37 -4.89 -32.59
N MET A 50 -33.41 -4.22 -32.10
CA MET A 50 -34.16 -4.59 -30.87
C MET A 50 -34.89 -5.92 -31.09
N GLN A 51 -35.37 -6.17 -32.31
CA GLN A 51 -36.11 -7.40 -32.69
C GLN A 51 -35.15 -8.59 -32.77
N CYS A 52 -33.87 -8.33 -33.06
CA CYS A 52 -32.82 -9.36 -33.31
C CYS A 52 -32.29 -9.95 -31.99
N LEU A 53 -32.40 -9.22 -30.88
CA LEU A 53 -31.88 -9.64 -29.55
C LEU A 53 -32.53 -10.97 -29.15
N GLY A 54 -31.73 -12.05 -29.10
CA GLY A 54 -32.17 -13.42 -28.79
C GLY A 54 -32.08 -14.34 -29.99
N LEU A 55 -32.29 -13.80 -31.20
CA LEU A 55 -32.29 -14.56 -32.48
C LEU A 55 -30.85 -14.90 -32.87
N SER A 56 -30.68 -15.99 -33.62
CA SER A 56 -29.37 -16.47 -34.17
C SER A 56 -28.92 -15.52 -35.28
N ALA A 57 -27.66 -15.63 -35.70
CA ALA A 57 -27.02 -14.81 -36.76
C ALA A 57 -27.72 -15.03 -38.10
N THR A 58 -28.22 -16.25 -38.35
CA THR A 58 -28.91 -16.65 -39.61
C THR A 58 -30.33 -16.07 -39.66
N THR A 59 -31.05 -16.13 -38.54
CA THR A 59 -32.43 -15.59 -38.39
C THR A 59 -32.39 -14.05 -38.55
N ALA A 60 -31.41 -13.41 -37.92
CA ALA A 60 -31.16 -11.94 -37.99
C ALA A 60 -30.83 -11.54 -39.43
N GLU A 61 -30.08 -12.37 -40.14
CA GLU A 61 -29.70 -12.15 -41.57
C GLU A 61 -30.95 -12.23 -42.45
N LYS A 62 -31.78 -13.26 -42.23
CA LYS A 62 -33.07 -13.47 -42.95
C LYS A 62 -34.00 -12.27 -42.72
N LEU A 63 -34.03 -11.75 -41.50
CA LEU A 63 -34.88 -10.58 -41.11
C LEU A 63 -34.39 -9.32 -41.84
N ALA A 64 -33.07 -9.13 -41.90
CA ALA A 64 -32.41 -8.01 -42.63
C ALA A 64 -32.74 -8.10 -44.12
N GLN A 65 -32.73 -9.30 -44.68
CA GLN A 65 -33.04 -9.59 -46.11
C GLN A 65 -34.49 -9.20 -46.40
N ARG A 66 -35.41 -9.48 -45.48
CA ARG A 66 -36.86 -9.18 -45.63
C ARG A 66 -37.09 -7.67 -45.72
N LEU A 67 -36.37 -6.90 -44.91
CA LEU A 67 -36.57 -5.43 -44.74
C LEU A 67 -35.76 -4.66 -45.79
N TYR A 68 -34.46 -4.94 -45.91
CA TYR A 68 -33.47 -4.11 -46.64
C TYR A 68 -33.05 -4.76 -47.97
N GLY A 69 -33.74 -5.84 -48.39
CA GLY A 69 -33.52 -6.50 -49.68
C GLY A 69 -32.67 -7.75 -49.57
N VAL A 70 -32.85 -8.70 -50.49
CA VAL A 70 -32.24 -10.06 -50.47
C VAL A 70 -30.71 -9.94 -50.60
N ASP A 71 -30.23 -9.00 -51.41
CA ASP A 71 -28.79 -8.83 -51.76
C ASP A 71 -28.10 -7.91 -50.73
N VAL A 72 -28.73 -7.63 -49.59
CA VAL A 72 -28.11 -6.84 -48.48
C VAL A 72 -26.85 -7.56 -48.04
N PRO A 73 -25.69 -6.87 -47.94
CA PRO A 73 -24.43 -7.51 -47.53
C PRO A 73 -24.32 -7.62 -46.00
N TYR A 74 -25.16 -8.45 -45.39
CA TYR A 74 -25.33 -8.58 -43.92
C TYR A 74 -24.04 -9.12 -43.28
N LYS A 75 -23.48 -10.21 -43.83
CA LYS A 75 -22.23 -10.86 -43.35
C LYS A 75 -21.06 -9.88 -43.48
N GLU A 76 -21.10 -9.00 -44.49
CA GLU A 76 -20.06 -7.96 -44.73
C GLU A 76 -20.20 -6.88 -43.65
N ILE A 77 -21.44 -6.45 -43.36
CA ILE A 77 -21.78 -5.46 -42.30
C ILE A 77 -21.41 -6.05 -40.93
N ARG A 78 -21.80 -7.30 -40.68
CA ARG A 78 -21.61 -7.99 -39.37
C ARG A 78 -20.13 -8.11 -39.06
N LYS A 79 -19.29 -8.44 -40.05
CA LYS A 79 -17.83 -8.64 -39.86
C LYS A 79 -17.14 -7.28 -39.67
N ARG A 80 -17.61 -6.24 -40.37
CA ARG A 80 -17.13 -4.84 -40.21
C ARG A 80 -17.43 -4.36 -38.78
N ALA A 81 -18.64 -4.66 -38.28
CA ALA A 81 -19.12 -4.27 -36.94
C ALA A 81 -18.26 -4.93 -35.85
N ASP A 82 -17.77 -6.16 -36.11
CA ASP A 82 -16.89 -6.92 -35.19
C ASP A 82 -15.53 -6.22 -35.09
N GLU A 83 -15.00 -5.72 -36.20
CA GLU A 83 -13.71 -4.98 -36.27
C GLU A 83 -13.84 -3.69 -35.45
N MET A 84 -14.93 -2.93 -35.66
CA MET A 84 -15.21 -1.65 -34.96
C MET A 84 -15.34 -1.88 -33.45
N GLU A 85 -15.86 -3.04 -33.04
CA GLU A 85 -16.06 -3.43 -31.62
C GLU A 85 -14.70 -3.61 -30.96
N LEU A 86 -13.86 -4.51 -31.50
CA LEU A 86 -12.50 -4.82 -30.98
C LEU A 86 -11.66 -3.54 -30.97
N GLU A 87 -11.67 -2.79 -32.07
CA GLU A 87 -10.89 -1.53 -32.26
C GLU A 87 -11.23 -0.55 -31.13
N HIS A 88 -12.52 -0.40 -30.80
CA HIS A 88 -13.04 0.48 -29.73
C HIS A 88 -12.64 -0.07 -28.36
N ILE A 89 -12.87 -1.38 -28.13
CA ILE A 89 -12.64 -2.07 -26.83
C ILE A 89 -11.16 -2.03 -26.44
N ARG A 90 -10.25 -2.15 -27.43
CA ARG A 90 -8.80 -2.35 -27.18
C ARG A 90 -8.15 -1.04 -26.72
N LYS A 91 -8.65 0.12 -27.17
CA LYS A 91 -8.06 1.45 -26.84
C LYS A 91 -8.86 2.13 -25.72
N HIS A 92 -10.19 2.23 -25.86
CA HIS A 92 -11.08 2.96 -24.92
C HIS A 92 -11.47 2.06 -23.74
N GLY A 93 -11.35 0.73 -23.90
CA GLY A 93 -11.62 -0.26 -22.84
C GLY A 93 -13.01 -0.86 -22.97
N VAL A 94 -13.19 -2.08 -22.43
CA VAL A 94 -14.51 -2.79 -22.37
C VAL A 94 -15.45 -1.95 -21.51
N PRO A 95 -16.69 -1.66 -21.97
CA PRO A 95 -17.66 -0.92 -21.17
C PRO A 95 -18.23 -1.79 -20.04
N ILE A 96 -17.78 -1.56 -18.81
CA ILE A 96 -18.18 -2.33 -17.59
C ILE A 96 -19.52 -1.80 -17.08
N LYS A 97 -20.48 -2.70 -16.81
CA LYS A 97 -21.79 -2.38 -16.19
C LYS A 97 -21.55 -1.69 -14.83
N LYS A 98 -22.17 -0.54 -14.62
CA LYS A 98 -22.05 0.25 -13.35
C LYS A 98 -22.47 -0.64 -12.18
N GLY A 99 -21.55 -0.86 -11.23
CA GLY A 99 -21.80 -1.60 -9.98
C GLY A 99 -21.17 -2.99 -9.97
N LEU A 100 -20.66 -3.47 -11.10
CA LEU A 100 -20.10 -4.85 -11.22
C LEU A 100 -18.94 -5.03 -10.24
N VAL A 101 -17.93 -4.15 -10.32
CA VAL A 101 -16.68 -4.23 -9.50
C VAL A 101 -17.07 -4.17 -8.02
N GLN A 102 -18.05 -3.32 -7.66
CA GLN A 102 -18.60 -3.21 -6.28
C GLN A 102 -19.20 -4.55 -5.86
N VAL A 103 -19.90 -5.23 -6.77
CA VAL A 103 -20.56 -6.56 -6.53
C VAL A 103 -19.47 -7.64 -6.39
N LEU A 104 -18.52 -7.70 -7.33
CA LEU A 104 -17.47 -8.76 -7.39
C LEU A 104 -16.63 -8.75 -6.11
N GLU A 105 -16.17 -7.57 -5.67
CA GLU A 105 -15.37 -7.39 -4.43
C GLU A 105 -16.16 -7.89 -3.23
N ARG A 106 -17.46 -7.59 -3.16
CA ARG A 106 -18.36 -7.99 -2.04
C ARG A 106 -18.47 -9.52 -2.00
N LEU A 107 -18.71 -10.16 -3.15
CA LEU A 107 -18.84 -11.64 -3.27
C LEU A 107 -17.48 -12.30 -2.97
N ARG A 108 -16.38 -11.71 -3.46
CA ARG A 108 -15.01 -12.26 -3.31
C ARG A 108 -14.60 -12.19 -1.83
N LYS A 109 -14.74 -11.02 -1.20
CA LYS A 109 -14.38 -10.78 0.22
C LYS A 109 -15.30 -11.58 1.16
N SER A 110 -16.42 -12.09 0.64
CA SER A 110 -17.35 -13.00 1.36
C SER A 110 -16.89 -14.46 1.18
N GLY A 111 -15.77 -14.68 0.50
CA GLY A 111 -15.11 -16.00 0.37
C GLY A 111 -15.83 -16.93 -0.59
N LEU A 112 -16.47 -16.37 -1.64
CA LEU A 112 -17.16 -17.15 -2.69
C LEU A 112 -16.15 -17.54 -3.78
N ARG A 113 -16.24 -18.79 -4.25
CA ARG A 113 -15.52 -19.28 -5.46
C ARG A 113 -16.33 -18.87 -6.69
N MET A 114 -15.75 -18.04 -7.57
CA MET A 114 -16.47 -17.37 -8.68
C MET A 114 -15.91 -17.83 -10.03
N ALA A 115 -16.79 -17.90 -11.04
CA ALA A 115 -16.46 -18.32 -12.42
C ALA A 115 -17.22 -17.46 -13.43
N VAL A 116 -16.92 -17.64 -14.72
CA VAL A 116 -17.64 -17.01 -15.87
C VAL A 116 -18.07 -18.13 -16.82
N ALA A 117 -19.36 -18.14 -17.20
CA ALA A 117 -19.97 -19.12 -18.12
C ALA A 117 -20.44 -18.41 -19.39
N THR A 118 -19.49 -18.05 -20.26
CA THR A 118 -19.72 -17.26 -21.50
C THR A 118 -19.84 -18.19 -22.70
N SER A 119 -20.65 -17.81 -23.69
CA SER A 119 -20.83 -18.51 -24.99
C SER A 119 -19.72 -18.10 -25.97
N SER A 120 -18.95 -17.05 -25.62
CA SER A 120 -17.80 -16.53 -26.41
C SER A 120 -16.67 -17.57 -26.46
N ARG A 121 -15.73 -17.40 -27.39
CA ARG A 121 -14.52 -18.25 -27.54
C ARG A 121 -13.56 -17.94 -26.40
N ARG A 122 -12.77 -18.94 -25.98
CA ARG A 122 -11.78 -18.85 -24.87
C ARG A 122 -10.85 -17.65 -25.08
N ALA A 123 -10.27 -17.53 -26.28
CA ALA A 123 -9.26 -16.51 -26.64
C ALA A 123 -9.80 -15.10 -26.41
N ILE A 124 -10.96 -14.78 -27.02
CA ILE A 124 -11.57 -13.42 -27.00
C ILE A 124 -12.11 -13.13 -25.59
N ALA A 125 -12.68 -14.14 -24.91
CA ALA A 125 -13.30 -14.03 -23.57
C ALA A 125 -12.26 -13.58 -22.54
N GLU A 126 -11.07 -14.18 -22.59
CA GLU A 126 -9.95 -13.90 -21.64
C GLU A 126 -9.44 -12.46 -21.81
N GLU A 127 -9.35 -11.99 -23.06
CA GLU A 127 -8.87 -10.62 -23.41
C GLU A 127 -9.80 -9.57 -22.78
N TYR A 128 -11.11 -9.75 -22.93
CA TYR A 128 -12.17 -8.84 -22.42
C TYR A 128 -12.06 -8.72 -20.89
N LEU A 129 -11.92 -9.86 -20.21
CA LEU A 129 -11.82 -9.95 -18.72
C LEU A 129 -10.52 -9.29 -18.25
N ILE A 130 -9.44 -9.42 -19.02
CA ILE A 130 -8.11 -8.77 -18.75
C ILE A 130 -8.24 -7.27 -19.02
N ASN A 131 -8.82 -6.91 -20.17
CA ASN A 131 -9.07 -5.49 -20.59
C ASN A 131 -9.83 -4.76 -19.48
N ALA A 132 -10.91 -5.36 -18.96
CA ALA A 132 -11.80 -4.77 -17.94
C ALA A 132 -11.15 -4.83 -16.55
N ASN A 133 -10.12 -5.67 -16.38
CA ASN A 133 -9.37 -5.86 -15.11
C ASN A 133 -10.30 -6.48 -14.06
N VAL A 134 -11.03 -7.53 -14.46
CA VAL A 134 -11.98 -8.28 -13.59
C VAL A 134 -11.64 -9.78 -13.61
N TYR A 135 -10.60 -10.18 -14.35
CA TYR A 135 -10.14 -11.60 -14.48
C TYR A 135 -9.67 -12.12 -13.11
N LYS A 136 -9.08 -11.23 -12.30
CA LYS A 136 -8.52 -11.50 -10.95
C LYS A 136 -9.59 -12.09 -10.02
N PHE A 137 -10.86 -11.73 -10.23
CA PHE A 137 -12.01 -12.10 -9.33
C PHE A 137 -12.46 -13.53 -9.58
N PHE A 138 -12.13 -14.12 -10.74
CA PHE A 138 -12.67 -15.42 -11.20
C PHE A 138 -11.61 -16.51 -11.07
N ASP A 139 -12.01 -17.64 -10.48
CA ASP A 139 -11.14 -18.83 -10.25
C ASP A 139 -10.97 -19.59 -11.57
N VAL A 140 -12.07 -19.79 -12.30
CA VAL A 140 -12.10 -20.56 -13.58
C VAL A 140 -13.06 -19.86 -14.55
N ILE A 141 -12.84 -20.03 -15.85
CA ILE A 141 -13.74 -19.59 -16.96
C ILE A 141 -14.24 -20.84 -17.68
N THR A 142 -15.53 -20.86 -18.06
CA THR A 142 -16.13 -21.92 -18.93
C THR A 142 -16.67 -21.24 -20.19
N CYS A 143 -16.26 -21.71 -21.36
CA CYS A 143 -16.48 -21.06 -22.68
C CYS A 143 -17.37 -21.93 -23.57
N GLY A 144 -17.98 -21.33 -24.60
CA GLY A 144 -18.93 -21.98 -25.52
C GLY A 144 -18.27 -22.99 -26.43
N ASP A 145 -16.97 -22.83 -26.68
CA ASP A 145 -16.18 -23.71 -27.59
C ASP A 145 -15.60 -24.91 -26.80
N GLU A 146 -15.98 -25.06 -25.53
CA GLU A 146 -15.47 -26.13 -24.63
C GLU A 146 -16.65 -26.88 -23.99
N VAL A 147 -17.77 -27.00 -24.70
CA VAL A 147 -18.98 -27.75 -24.28
C VAL A 147 -19.64 -28.37 -25.52
N GLU A 148 -20.10 -29.62 -25.41
CA GLU A 148 -20.76 -30.38 -26.51
C GLU A 148 -22.06 -29.67 -26.91
N GLN A 149 -22.81 -29.14 -25.94
CA GLN A 149 -24.09 -28.42 -26.16
C GLN A 149 -24.07 -27.09 -25.39
N GLY A 150 -24.13 -25.97 -26.12
CA GLY A 150 -24.19 -24.61 -25.56
C GLY A 150 -25.59 -24.27 -25.07
N LYS A 151 -25.79 -23.02 -24.62
CA LYS A 151 -27.07 -22.52 -24.06
C LYS A 151 -28.14 -22.62 -25.15
N PRO A 152 -29.40 -22.97 -24.83
CA PRO A 152 -29.90 -23.04 -23.45
C PRO A 152 -29.74 -24.37 -22.70
N HIS A 153 -28.82 -25.24 -23.15
CA HIS A 153 -28.47 -26.50 -22.44
C HIS A 153 -27.70 -26.15 -21.17
N PRO A 154 -28.00 -26.80 -20.02
CA PRO A 154 -27.34 -26.44 -18.74
C PRO A 154 -25.89 -26.91 -18.59
N GLU A 155 -25.29 -27.49 -19.63
CA GLU A 155 -23.93 -28.08 -19.62
C GLU A 155 -22.91 -27.05 -19.13
N ILE A 156 -22.95 -25.83 -19.69
CA ILE A 156 -21.92 -24.77 -19.45
C ILE A 156 -21.94 -24.33 -17.98
N PHE A 157 -23.13 -24.22 -17.37
CA PHE A 157 -23.32 -23.78 -15.97
C PHE A 157 -23.04 -24.95 -15.01
N LEU A 158 -23.45 -26.17 -15.39
CA LEU A 158 -23.18 -27.42 -14.62
C LEU A 158 -21.66 -27.66 -14.55
N LYS A 159 -20.95 -27.42 -15.66
CA LYS A 159 -19.48 -27.59 -15.78
C LYS A 159 -18.77 -26.56 -14.90
N ALA A 160 -19.13 -25.27 -15.05
CA ALA A 160 -18.57 -24.13 -14.29
C ALA A 160 -18.66 -24.41 -12.79
N ALA A 161 -19.82 -24.91 -12.33
CA ALA A 161 -20.11 -25.19 -10.91
C ALA A 161 -19.22 -26.33 -10.39
N SER A 162 -19.12 -27.43 -11.14
CA SER A 162 -18.33 -28.65 -10.78
C SER A 162 -16.85 -28.30 -10.69
N GLN A 163 -16.37 -27.40 -11.55
CA GLN A 163 -14.94 -26.93 -11.58
C GLN A 163 -14.62 -26.12 -10.32
N LEU A 164 -15.63 -25.54 -9.67
CA LEU A 164 -15.49 -24.78 -8.39
C LEU A 164 -15.72 -25.70 -7.18
N HIS A 165 -15.85 -27.01 -7.41
CA HIS A 165 -16.08 -28.05 -6.36
C HIS A 165 -17.44 -27.83 -5.69
N LEU A 166 -18.44 -27.35 -6.45
CA LEU A 166 -19.78 -26.98 -5.90
C LEU A 166 -20.87 -27.62 -6.75
N ASP A 167 -21.99 -27.96 -6.11
CA ASP A 167 -23.29 -28.26 -6.79
C ASP A 167 -23.85 -26.94 -7.31
N ALA A 168 -24.65 -26.99 -8.37
CA ALA A 168 -25.25 -25.80 -9.04
C ALA A 168 -26.07 -25.00 -8.01
N ASN A 169 -26.87 -25.68 -7.18
CA ASN A 169 -27.83 -25.07 -6.22
C ASN A 169 -27.08 -24.29 -5.11
N GLN A 170 -25.75 -24.41 -5.03
CA GLN A 170 -24.90 -23.68 -4.06
C GLN A 170 -24.44 -22.33 -4.64
N CYS A 171 -24.67 -22.10 -5.94
CA CYS A 171 -24.12 -20.94 -6.70
C CYS A 171 -25.21 -19.93 -7.05
N LEU A 172 -24.86 -18.64 -7.05
CA LEU A 172 -25.63 -17.56 -7.74
C LEU A 172 -25.23 -17.58 -9.22
N MET A 173 -26.21 -17.50 -10.12
CA MET A 173 -25.98 -17.53 -11.59
C MET A 173 -26.61 -16.28 -12.22
N PHE A 174 -25.78 -15.36 -12.71
CA PHE A 174 -26.16 -14.05 -13.28
C PHE A 174 -26.26 -14.18 -14.80
N GLU A 175 -27.29 -13.57 -15.40
CA GLU A 175 -27.64 -13.73 -16.84
C GLU A 175 -28.59 -12.61 -17.29
N ASP A 176 -28.56 -12.29 -18.60
CA ASP A 176 -29.45 -11.29 -19.26
C ASP A 176 -30.33 -11.98 -20.30
N SER A 177 -29.77 -12.89 -21.10
CA SER A 177 -30.43 -13.53 -22.28
C SER A 177 -31.47 -14.56 -21.82
N GLU A 178 -32.42 -14.89 -22.70
CA GLU A 178 -33.50 -15.89 -22.47
C GLU A 178 -32.87 -17.29 -22.34
N ASN A 179 -32.05 -17.66 -23.31
CA ASN A 179 -31.39 -19.00 -23.41
C ASN A 179 -30.49 -19.23 -22.19
N GLY A 180 -29.71 -18.21 -21.82
CA GLY A 180 -28.78 -18.27 -20.66
C GLY A 180 -29.51 -18.50 -19.35
N LEU A 181 -30.64 -17.82 -19.14
CA LEU A 181 -31.46 -17.93 -17.91
C LEU A 181 -32.02 -19.36 -17.81
N THR A 182 -32.46 -19.93 -18.94
CA THR A 182 -32.94 -21.33 -19.08
C THR A 182 -31.80 -22.28 -18.69
N SER A 183 -30.63 -22.11 -19.31
CA SER A 183 -29.38 -22.87 -19.04
C SER A 183 -29.08 -22.83 -17.54
N ALA A 184 -29.08 -21.62 -16.95
CA ALA A 184 -28.83 -21.36 -15.52
C ALA A 184 -29.90 -22.02 -14.65
N HIS A 185 -31.18 -21.85 -15.02
CA HIS A 185 -32.35 -22.34 -14.25
C HIS A 185 -32.35 -23.87 -14.20
N THR A 186 -32.16 -24.52 -15.35
CA THR A 186 -32.19 -26.00 -15.51
C THR A 186 -31.09 -26.63 -14.63
N SER A 187 -29.90 -26.02 -14.61
CA SER A 187 -28.70 -26.49 -13.85
C SER A 187 -29.05 -26.65 -12.36
N LYS A 188 -29.92 -25.78 -11.84
CA LYS A 188 -30.54 -25.82 -10.47
C LYS A 188 -29.98 -24.68 -9.60
N GLY A 189 -29.15 -23.80 -10.15
CA GLY A 189 -28.54 -22.67 -9.41
C GLY A 189 -29.54 -21.57 -9.11
N LEU A 190 -29.25 -20.74 -8.10
CA LEU A 190 -30.01 -19.51 -7.77
C LEU A 190 -29.81 -18.49 -8.90
N THR A 191 -30.83 -18.31 -9.75
CA THR A 191 -30.79 -17.47 -10.96
C THR A 191 -31.08 -16.01 -10.61
N ILE A 192 -30.18 -15.10 -10.98
CA ILE A 192 -30.36 -13.63 -10.87
C ILE A 192 -30.46 -13.07 -12.29
N LEU A 193 -31.67 -12.62 -12.69
CA LEU A 193 -31.94 -12.04 -14.03
C LEU A 193 -31.67 -10.53 -13.98
N LEU A 194 -30.87 -10.02 -14.92
CA LEU A 194 -30.47 -8.60 -15.02
C LEU A 194 -30.88 -8.07 -16.40
N LYS A 195 -31.79 -7.10 -16.44
CA LYS A 195 -32.25 -6.42 -17.69
C LYS A 195 -31.07 -5.67 -18.31
N ASP A 196 -30.83 -5.87 -19.60
CA ASP A 196 -29.75 -5.20 -20.38
C ASP A 196 -30.38 -4.08 -21.22
N ILE A 197 -31.03 -4.44 -22.33
CA ILE A 197 -31.68 -3.48 -23.28
C ILE A 197 -33.17 -3.82 -23.35
N LYS A 198 -33.52 -5.01 -23.83
CA LYS A 198 -34.92 -5.45 -24.06
C LYS A 198 -35.52 -5.91 -22.73
N GLU A 199 -36.71 -5.39 -22.40
CA GLU A 199 -37.54 -5.83 -21.24
C GLU A 199 -37.73 -7.35 -21.34
N PRO A 200 -37.45 -8.12 -20.27
CA PRO A 200 -37.61 -9.58 -20.34
C PRO A 200 -39.08 -9.99 -20.46
N ASN A 201 -39.36 -11.05 -21.22
CA ASN A 201 -40.73 -11.59 -21.42
C ASN A 201 -41.25 -12.15 -20.10
N ASP A 202 -42.55 -12.44 -20.02
CA ASP A 202 -43.24 -12.88 -18.78
C ASP A 202 -42.77 -14.28 -18.38
N GLU A 203 -42.39 -15.11 -19.36
CA GLU A 203 -41.90 -16.50 -19.14
C GLU A 203 -40.58 -16.46 -18.35
N MET A 204 -39.70 -15.51 -18.67
CA MET A 204 -38.37 -15.33 -18.03
C MET A 204 -38.54 -14.85 -16.58
N LEU A 205 -39.34 -13.79 -16.37
CA LEU A 205 -39.58 -13.17 -15.03
C LEU A 205 -40.14 -14.22 -14.07
N GLU A 206 -40.97 -15.15 -14.56
CA GLU A 206 -41.51 -16.30 -13.80
C GLU A 206 -40.37 -17.27 -13.46
N LYS A 207 -39.53 -17.59 -14.45
CA LYS A 207 -38.44 -18.60 -14.36
C LYS A 207 -37.40 -18.18 -13.33
N ALA A 208 -36.97 -16.91 -13.37
CA ALA A 208 -35.89 -16.32 -12.54
C ALA A 208 -36.27 -16.33 -11.06
N HIS A 209 -35.29 -16.56 -10.18
CA HIS A 209 -35.43 -16.54 -8.70
C HIS A 209 -35.43 -15.08 -8.21
N PHE A 210 -34.62 -14.23 -8.82
CA PHE A 210 -34.53 -12.76 -8.52
C PHE A 210 -34.37 -11.99 -9.82
N TYR A 211 -35.08 -10.86 -9.96
CA TYR A 211 -34.99 -9.93 -11.11
C TYR A 211 -34.59 -8.53 -10.63
N TYR A 212 -33.72 -7.86 -11.37
CA TYR A 212 -33.27 -6.46 -11.15
C TYR A 212 -33.18 -5.75 -12.50
N ASP A 213 -33.50 -4.44 -12.54
CA ASP A 213 -33.50 -3.62 -13.77
C ASP A 213 -32.06 -3.33 -14.20
N GLN A 214 -31.10 -3.38 -13.27
CA GLN A 214 -29.67 -3.08 -13.52
C GLN A 214 -28.81 -3.73 -12.41
N MET A 215 -27.48 -3.73 -12.61
CA MET A 215 -26.49 -4.30 -11.66
C MET A 215 -26.56 -3.58 -10.31
N TYR A 216 -26.85 -2.27 -10.31
CA TYR A 216 -26.79 -1.40 -9.11
C TYR A 216 -27.97 -1.72 -8.17
N ASP A 217 -29.09 -2.21 -8.74
CA ASP A 217 -30.28 -2.63 -7.96
C ASP A 217 -29.98 -3.93 -7.21
N PHE A 218 -29.10 -4.78 -7.77
CA PHE A 218 -28.60 -6.02 -7.11
C PHE A 218 -27.58 -5.65 -6.03
N LEU A 219 -26.71 -4.66 -6.32
CA LEU A 219 -25.69 -4.15 -5.38
C LEU A 219 -26.37 -3.59 -4.13
N THR A 220 -27.52 -2.91 -4.31
CA THR A 220 -28.35 -2.34 -3.21
C THR A 220 -28.94 -3.48 -2.37
N ASP A 221 -29.37 -4.57 -3.02
CA ASP A 221 -29.98 -5.76 -2.37
C ASP A 221 -28.88 -6.55 -1.64
N LEU A 222 -27.75 -6.79 -2.31
CA LEU A 222 -26.58 -7.53 -1.77
C LEU A 222 -26.06 -6.85 -0.50
N ASP A 223 -26.05 -5.51 -0.47
CA ASP A 223 -25.55 -4.68 0.65
C ASP A 223 -26.26 -5.04 1.96
N GLN A 224 -27.48 -5.59 1.88
CA GLN A 224 -28.29 -6.03 3.05
C GLN A 224 -27.70 -7.31 3.67
N PHE A 225 -26.81 -8.01 2.95
CA PHE A 225 -26.30 -9.36 3.32
C PHE A 225 -24.78 -9.33 3.59
N ILE A 226 -24.06 -8.35 3.04
CA ILE A 226 -22.60 -8.13 3.34
C ILE A 226 -22.50 -7.03 4.40
N PRO A 227 -21.56 -7.14 5.37
CA PRO A 227 -21.47 -6.18 6.46
C PRO A 227 -20.76 -4.87 6.09
N VAL A 228 -21.13 -3.77 6.74
CA VAL A 228 -20.33 -2.51 6.79
C VAL A 228 -19.04 -2.83 7.54
N MET A 229 -17.89 -2.41 7.01
CA MET A 229 -16.55 -2.71 7.59
C MET A 229 -16.28 -1.78 8.76
N ASP A 230 -15.30 -2.13 9.60
CA ASP A 230 -14.96 -1.41 10.87
C ASP A 230 -14.22 -0.11 10.54
N MET A 231 -14.07 0.75 11.56
CA MET A 231 -13.27 2.00 11.52
C MET A 231 -11.86 1.66 11.03
N PRO A 232 -11.39 2.26 9.91
CA PRO A 232 -10.02 2.05 9.45
C PRO A 232 -8.97 2.44 10.49
N GLU A 233 -7.96 1.60 10.68
CA GLU A 233 -6.77 1.89 11.53
C GLU A 233 -5.82 2.79 10.73
N MET A 234 -4.92 3.50 11.43
CA MET A 234 -3.82 4.28 10.80
C MET A 234 -2.91 3.31 10.04
N GLN A 235 -2.44 3.71 8.85
CA GLN A 235 -1.47 2.98 7.99
C GLN A 235 -2.16 1.77 7.31
N GLU A 236 -3.48 1.63 7.45
CA GLU A 236 -4.29 0.58 6.77
C GLU A 236 -4.42 0.97 5.30
N PRO A 237 -4.17 0.04 4.35
CA PRO A 237 -4.29 0.35 2.93
C PRO A 237 -5.71 0.74 2.49
N PHE A 238 -5.82 1.43 1.36
CA PHE A 238 -7.10 1.72 0.66
C PHE A 238 -7.47 0.52 -0.20
N PRO A 239 -8.75 0.36 -0.60
CA PRO A 239 -9.12 -0.70 -1.55
C PRO A 239 -8.37 -0.55 -2.88
N GLN A 240 -7.97 -1.67 -3.49
CA GLN A 240 -7.25 -1.71 -4.79
C GLN A 240 -8.23 -1.38 -5.93
N SER A 241 -9.41 -1.98 -5.89
CA SER A 241 -10.44 -1.92 -6.97
C SER A 241 -11.15 -0.56 -6.94
N LEU A 242 -11.37 0.04 -8.11
CA LEU A 242 -12.10 1.33 -8.30
C LEU A 242 -13.54 1.05 -8.74
N ASN A 243 -14.51 1.73 -8.13
CA ASN A 243 -15.91 1.81 -8.62
C ASN A 243 -15.99 2.95 -9.64
N GLN A 244 -17.17 3.17 -10.24
CA GLN A 244 -17.36 4.15 -11.34
C GLN A 244 -17.89 5.49 -10.79
N LEU A 245 -17.96 5.64 -9.46
CA LEU A 245 -18.44 6.88 -8.80
C LEU A 245 -17.32 7.93 -8.77
N THR A 246 -17.69 9.20 -8.98
CA THR A 246 -16.84 10.40 -8.74
C THR A 246 -17.31 11.07 -7.45
N VAL A 247 -16.38 11.63 -6.68
CA VAL A 247 -16.66 12.41 -5.43
C VAL A 247 -15.91 13.74 -5.50
N GLY A 248 -16.40 14.75 -4.78
CA GLY A 248 -15.86 16.12 -4.80
C GLY A 248 -15.38 16.57 -3.42
N ILE A 249 -14.39 17.46 -3.40
CA ILE A 249 -13.92 18.18 -2.17
C ILE A 249 -13.88 19.67 -2.50
N HIS A 250 -15.00 20.37 -2.28
CA HIS A 250 -15.15 21.84 -2.48
C HIS A 250 -14.32 22.57 -1.42
N GLY A 251 -13.01 22.73 -1.68
CA GLY A 251 -12.05 23.37 -0.76
C GLY A 251 -10.89 22.44 -0.44
N PHE A 252 -9.97 22.27 -1.39
CA PHE A 252 -8.73 21.46 -1.25
C PHE A 252 -7.77 22.19 -0.29
N GLY A 253 -8.16 22.25 0.99
CA GLY A 253 -7.38 22.86 2.08
C GLY A 253 -6.86 21.80 3.02
N ALA A 254 -6.47 22.19 4.24
CA ALA A 254 -5.93 21.31 5.29
C ALA A 254 -6.90 20.14 5.52
N ILE A 255 -8.13 20.44 5.95
CA ILE A 255 -9.15 19.42 6.36
C ILE A 255 -9.63 18.65 5.12
N GLY A 256 -9.74 19.33 3.98
CA GLY A 256 -10.19 18.72 2.71
C GLY A 256 -9.18 17.73 2.16
N GLY A 257 -7.91 18.15 2.03
CA GLY A 257 -6.82 17.36 1.43
C GLY A 257 -6.11 16.48 2.45
N GLY A 258 -6.22 16.78 3.74
CA GLY A 258 -5.46 16.12 4.82
C GLY A 258 -6.31 15.25 5.72
N TYR A 259 -7.61 15.09 5.43
CA TYR A 259 -8.56 14.25 6.20
C TYR A 259 -9.62 13.65 5.27
N ILE A 260 -10.49 14.49 4.70
CA ILE A 260 -11.66 14.07 3.87
C ILE A 260 -11.16 13.16 2.75
N ALA A 261 -10.01 13.49 2.16
CA ALA A 261 -9.33 12.71 1.09
C ALA A 261 -9.13 11.26 1.54
N GLN A 262 -8.72 11.06 2.80
CA GLN A 262 -8.50 9.71 3.40
C GLN A 262 -9.85 8.98 3.55
N ILE A 263 -10.87 9.68 4.05
CA ILE A 263 -12.24 9.13 4.28
C ILE A 263 -12.79 8.61 2.95
N LEU A 264 -12.71 9.43 1.89
CA LEU A 264 -13.24 9.11 0.54
C LEU A 264 -12.38 8.03 -0.12
N SER A 265 -11.09 7.96 0.24
CA SER A 265 -10.11 6.97 -0.30
C SER A 265 -10.41 5.58 0.28
N HIS A 266 -10.75 5.50 1.56
CA HIS A 266 -11.20 4.24 2.23
C HIS A 266 -12.58 3.85 1.70
N TRP A 267 -13.49 4.83 1.58
CA TRP A 267 -14.87 4.66 1.07
C TRP A 267 -15.60 3.60 1.91
N ASP A 268 -15.96 2.45 1.33
CA ASP A 268 -16.73 1.37 2.00
C ASP A 268 -15.81 0.18 2.34
N GLY A 269 -14.60 0.15 1.79
CA GLY A 269 -13.59 -0.89 2.06
C GLY A 269 -13.53 -1.95 0.96
N TYR A 270 -14.57 -2.03 0.12
CA TYR A 270 -14.69 -2.97 -1.01
C TYR A 270 -14.14 -2.32 -2.28
N THR A 271 -14.58 -1.08 -2.56
CA THR A 271 -14.14 -0.25 -3.70
C THR A 271 -13.91 1.18 -3.22
N LYS A 272 -13.41 2.06 -4.09
CA LYS A 272 -13.23 3.52 -3.83
C LYS A 272 -13.50 4.29 -5.12
N PRO A 273 -13.86 5.59 -5.03
CA PRO A 273 -14.12 6.40 -6.23
C PRO A 273 -12.95 6.37 -7.23
N LYS A 274 -13.27 6.33 -8.54
CA LYS A 274 -12.27 6.34 -9.64
C LYS A 274 -11.61 7.71 -9.73
N ARG A 275 -12.31 8.77 -9.33
CA ARG A 275 -11.86 10.18 -9.45
C ARG A 275 -12.32 10.97 -8.22
N ILE A 276 -11.39 11.69 -7.57
CA ILE A 276 -11.66 12.66 -6.48
C ILE A 276 -11.31 14.06 -6.98
N ILE A 277 -12.32 14.85 -7.37
CA ILE A 277 -12.17 16.26 -7.83
C ILE A 277 -12.09 17.16 -6.59
N ALA A 278 -11.15 18.11 -6.57
CA ALA A 278 -10.88 19.01 -5.43
C ALA A 278 -10.59 20.43 -5.94
N SER A 279 -11.31 21.42 -5.42
CA SER A 279 -11.26 22.84 -5.86
C SER A 279 -10.36 23.66 -4.92
N THR A 280 -9.46 24.47 -5.48
CA THR A 280 -8.58 25.42 -4.76
C THR A 280 -8.18 26.56 -5.69
N ARG A 281 -7.91 27.74 -5.12
CA ARG A 281 -7.41 28.95 -5.85
C ARG A 281 -5.88 28.96 -5.85
N ASN A 282 -5.25 28.06 -5.07
CA ASN A 282 -3.78 27.90 -4.99
C ASN A 282 -3.28 27.22 -6.27
N SER A 283 -2.68 27.99 -7.18
CA SER A 283 -2.19 27.55 -8.51
C SER A 283 -1.06 26.52 -8.36
N LEU A 284 -0.12 26.77 -7.44
CA LEU A 284 1.08 25.92 -7.20
C LEU A 284 0.62 24.53 -6.74
N PHE A 285 -0.34 24.47 -5.80
CA PHE A 285 -0.96 23.21 -5.29
C PHE A 285 -1.64 22.48 -6.44
N ARG A 286 -2.43 23.18 -7.26
CA ARG A 286 -3.25 22.62 -8.36
C ARG A 286 -2.34 21.91 -9.37
N GLU A 287 -1.31 22.61 -9.86
CA GLU A 287 -0.45 22.16 -10.99
C GLU A 287 0.58 21.12 -10.48
N ALA A 288 0.96 21.19 -9.20
CA ALA A 288 1.93 20.27 -8.55
C ALA A 288 1.31 18.88 -8.40
N VAL A 289 0.07 18.80 -7.90
CA VAL A 289 -0.68 17.53 -7.70
C VAL A 289 -0.95 16.89 -9.07
N ASN A 290 -1.29 17.71 -10.07
CA ASN A 290 -1.60 17.27 -11.46
C ASN A 290 -0.30 16.83 -12.16
N ALA A 291 0.85 17.36 -11.74
CA ALA A 291 2.19 17.00 -12.27
C ALA A 291 2.57 15.59 -11.82
N PHE A 292 2.46 15.32 -10.51
CA PHE A 292 2.76 14.00 -9.89
C PHE A 292 1.61 13.02 -10.13
N GLY A 293 0.39 13.53 -10.33
CA GLY A 293 -0.85 12.74 -10.48
C GLY A 293 -1.32 12.18 -9.15
N THR A 294 -0.70 12.61 -8.04
CA THR A 294 -0.90 12.10 -6.66
C THR A 294 -0.12 12.98 -5.69
N TYR A 295 -0.64 13.13 -4.45
CA TYR A 295 0.04 13.79 -3.32
C TYR A 295 0.02 12.85 -2.12
N SER A 296 0.62 13.26 -1.00
CA SER A 296 0.77 12.44 0.23
C SER A 296 0.50 13.28 1.49
N ILE A 297 -0.12 12.65 2.51
CA ILE A 297 -0.40 13.27 3.84
C ILE A 297 0.58 12.65 4.85
N ARG A 298 1.30 13.49 5.60
CA ARG A 298 2.30 13.06 6.61
C ARG A 298 1.65 12.99 7.98
N TYR A 299 1.98 11.94 8.76
CA TYR A 299 1.53 11.71 10.15
C TYR A 299 2.77 11.64 11.05
N GLY A 300 3.22 12.80 11.54
CA GLY A 300 4.47 13.00 12.29
C GLY A 300 4.65 11.98 13.41
N GLN A 301 3.58 11.66 14.14
CA GLN A 301 3.59 10.76 15.32
C GLN A 301 4.21 9.41 14.95
N PHE A 302 3.91 8.88 13.77
CA PHE A 302 4.39 7.55 13.28
C PHE A 302 5.38 7.71 12.12
N SER A 303 5.57 8.93 11.62
CA SER A 303 6.43 9.26 10.44
C SER A 303 5.95 8.46 9.22
N TYR A 304 4.64 8.37 9.04
CA TYR A 304 3.96 7.64 7.94
C TYR A 304 3.47 8.65 6.88
N ASP A 305 3.77 8.38 5.62
CA ASP A 305 3.32 9.19 4.44
C ASP A 305 2.22 8.42 3.71
N GLU A 306 0.97 8.88 3.84
CA GLU A 306 -0.23 8.26 3.22
C GLU A 306 -0.46 8.87 1.84
N ARG A 307 -0.31 8.08 0.78
CA ARG A 307 -0.41 8.53 -0.64
C ARG A 307 -1.88 8.48 -1.09
N ILE A 308 -2.45 9.64 -1.42
CA ILE A 308 -3.84 9.82 -1.92
C ILE A 308 -3.78 9.87 -3.46
N GLU A 309 -4.04 8.74 -4.13
CA GLU A 309 -4.00 8.62 -5.61
C GLU A 309 -5.42 8.79 -6.17
N ASN A 310 -5.53 8.86 -7.50
CA ASN A 310 -6.78 9.09 -8.26
C ASN A 310 -7.34 10.49 -7.93
N MET A 311 -6.45 11.45 -7.70
CA MET A 311 -6.80 12.87 -7.41
C MET A 311 -6.83 13.66 -8.73
N SER A 312 -7.59 14.75 -8.77
CA SER A 312 -7.73 15.66 -9.94
C SER A 312 -8.10 17.07 -9.44
N ILE A 313 -7.11 17.95 -9.30
CA ILE A 313 -7.29 19.32 -8.72
C ILE A 313 -7.72 20.27 -9.84
N VAL A 314 -8.66 21.18 -9.54
CA VAL A 314 -9.25 22.17 -10.49
C VAL A 314 -9.25 23.55 -9.82
N ASP A 315 -9.35 24.61 -10.63
CA ASP A 315 -9.44 26.02 -10.16
C ASP A 315 -10.85 26.27 -9.62
N SER A 316 -10.97 26.89 -8.45
CA SER A 316 -12.25 27.27 -7.79
C SER A 316 -13.00 28.30 -8.65
N ASP A 317 -12.26 29.16 -9.36
CA ASP A 317 -12.81 30.23 -10.22
C ASP A 317 -13.36 29.63 -11.52
N ASN A 318 -12.67 28.64 -12.09
CA ASN A 318 -13.05 27.95 -13.36
C ASN A 318 -14.46 27.39 -13.21
N GLU A 319 -15.40 27.87 -14.03
CA GLU A 319 -16.84 27.56 -13.94
C GLU A 319 -17.10 26.14 -14.47
N GLN A 320 -16.63 25.84 -15.68
CA GLN A 320 -16.87 24.54 -16.38
C GLN A 320 -16.31 23.39 -15.55
N GLN A 321 -15.20 23.60 -14.84
CA GLN A 321 -14.55 22.58 -13.96
C GLN A 321 -15.39 22.38 -12.69
N MET A 322 -15.91 23.46 -12.11
CA MET A 322 -16.72 23.44 -10.86
C MET A 322 -18.11 22.87 -11.14
N LEU A 323 -18.68 23.17 -12.31
CA LEU A 323 -19.99 22.61 -12.75
C LEU A 323 -19.85 21.09 -12.98
N GLU A 324 -18.72 20.66 -13.55
CA GLU A 324 -18.41 19.23 -13.84
C GLU A 324 -18.32 18.44 -12.53
N MET A 325 -17.89 19.08 -11.43
CA MET A 325 -17.81 18.48 -10.07
C MET A 325 -19.24 18.20 -9.57
N TYR A 326 -20.11 19.21 -9.61
CA TYR A 326 -21.50 19.17 -9.07
C TYR A 326 -22.42 18.38 -9.99
N THR A 327 -21.99 18.10 -11.24
CA THR A 327 -22.73 17.31 -12.25
C THR A 327 -22.41 15.82 -12.10
N HIS A 328 -21.13 15.48 -11.88
CA HIS A 328 -20.59 14.09 -11.94
C HIS A 328 -20.50 13.45 -10.55
N SER A 329 -20.32 14.25 -9.49
CA SER A 329 -20.05 13.76 -8.11
C SER A 329 -21.33 13.17 -7.48
N SER A 330 -21.19 12.06 -6.75
CA SER A 330 -22.25 11.38 -5.97
C SER A 330 -22.25 11.89 -4.53
N LEU A 331 -21.07 12.30 -4.03
CA LEU A 331 -20.87 12.91 -2.69
C LEU A 331 -19.88 14.07 -2.81
N ILE A 332 -20.20 15.22 -2.20
CA ILE A 332 -19.32 16.43 -2.15
C ILE A 332 -19.15 16.84 -0.69
N ALA A 333 -17.93 17.23 -0.30
CA ALA A 333 -17.56 17.72 1.05
C ALA A 333 -17.15 19.19 0.97
N LEU A 334 -17.96 20.09 1.53
CA LEU A 334 -17.67 21.54 1.62
C LEU A 334 -16.67 21.78 2.76
N CYS A 335 -15.41 22.07 2.41
CA CYS A 335 -14.28 22.24 3.36
C CYS A 335 -13.72 23.65 3.25
N LEU A 336 -14.61 24.66 3.34
CA LEU A 336 -14.24 26.10 3.23
C LEU A 336 -14.22 26.73 4.62
N PRO A 337 -13.59 27.91 4.78
CA PRO A 337 -13.75 28.73 5.99
C PRO A 337 -15.18 29.29 6.12
N GLU A 338 -15.46 30.01 7.21
CA GLU A 338 -16.77 30.66 7.49
C GLU A 338 -16.92 31.90 6.60
N GLN A 339 -15.82 32.57 6.26
CA GLN A 339 -15.79 33.81 5.44
C GLN A 339 -16.18 33.51 3.99
N ALA A 340 -15.74 32.36 3.46
CA ALA A 340 -15.86 31.97 2.03
C ALA A 340 -17.26 31.42 1.72
N ILE A 341 -18.08 31.15 2.74
CA ILE A 341 -19.44 30.54 2.60
C ILE A 341 -20.29 31.44 1.69
N GLU A 342 -20.39 32.74 2.03
CA GLU A 342 -21.23 33.74 1.31
C GLU A 342 -20.77 33.85 -0.16
N SER A 343 -19.47 34.01 -0.39
CA SER A 343 -18.86 34.21 -1.72
C SER A 343 -19.07 32.97 -2.61
N GLU A 344 -18.82 31.78 -2.06
CA GLU A 344 -18.85 30.48 -2.81
C GLU A 344 -20.25 29.86 -2.75
N SER A 345 -21.24 30.54 -2.16
CA SER A 345 -22.67 30.12 -2.18
C SER A 345 -23.20 30.17 -3.62
N LYS A 346 -22.70 31.11 -4.42
CA LYS A 346 -23.11 31.36 -5.84
C LYS A 346 -22.71 30.17 -6.72
N ILE A 347 -21.46 29.73 -6.61
CA ILE A 347 -20.87 28.65 -7.46
C ILE A 347 -21.51 27.30 -7.08
N ILE A 348 -21.94 27.14 -5.82
CA ILE A 348 -22.69 25.94 -5.35
C ILE A 348 -24.06 25.93 -6.03
N ALA A 349 -24.77 27.07 -6.00
CA ALA A 349 -26.11 27.27 -6.61
C ALA A 349 -26.04 27.03 -8.12
N LYS A 350 -25.04 27.63 -8.79
CA LYS A 350 -24.76 27.41 -10.24
C LYS A 350 -24.47 25.93 -10.48
N GLY A 351 -23.79 25.27 -9.54
CA GLY A 351 -23.45 23.83 -9.60
C GLY A 351 -24.69 22.94 -9.46
N LEU A 352 -25.47 23.14 -8.40
CA LEU A 352 -26.68 22.33 -8.08
C LEU A 352 -27.76 22.53 -9.15
N TYR A 353 -27.83 23.74 -9.73
CA TYR A 353 -28.79 24.10 -10.81
C TYR A 353 -28.40 23.39 -12.11
N ALA A 354 -27.09 23.35 -12.42
CA ALA A 354 -26.52 22.65 -13.60
C ALA A 354 -26.83 21.16 -13.50
N ARG A 355 -26.74 20.59 -12.29
CA ARG A 355 -27.06 19.18 -11.97
C ARG A 355 -28.54 18.91 -12.27
N PHE A 356 -29.43 19.81 -11.83
CA PHE A 356 -30.90 19.75 -12.05
C PHE A 356 -31.20 19.80 -13.56
N ASN A 357 -30.50 20.65 -14.31
CA ASN A 357 -30.68 20.85 -15.77
C ASN A 357 -30.07 19.66 -16.54
N SER A 358 -29.05 19.01 -15.99
CA SER A 358 -28.31 17.88 -16.62
C SER A 358 -29.21 16.63 -16.69
N GLN A 359 -28.93 15.74 -17.66
CA GLN A 359 -29.63 14.44 -17.87
C GLN A 359 -28.59 13.34 -18.10
N CYS A 363 -26.04 12.43 -11.77
CA CYS A 363 -26.97 13.53 -12.16
C CYS A 363 -28.42 13.16 -11.80
N ILE A 364 -28.85 11.96 -12.21
CA ILE A 364 -30.22 11.41 -11.91
C ILE A 364 -30.28 11.06 -10.42
N GLU A 365 -29.18 10.56 -9.85
CA GLU A 365 -29.06 10.17 -8.43
C GLU A 365 -28.93 11.43 -7.57
N PRO A 366 -29.52 11.49 -6.36
CA PRO A 366 -29.35 12.64 -5.46
C PRO A 366 -27.89 12.79 -4.97
N LEU A 367 -27.59 13.94 -4.37
CA LEU A 367 -26.23 14.33 -3.90
C LEU A 367 -26.19 14.28 -2.37
N THR A 368 -25.07 13.80 -1.80
CA THR A 368 -24.77 13.81 -0.35
C THR A 368 -23.77 14.94 -0.07
N PHE A 369 -24.19 15.99 0.63
CA PHE A 369 -23.41 17.23 0.89
C PHE A 369 -22.95 17.25 2.35
N LEU A 370 -21.66 16.99 2.59
CA LEU A 370 -21.04 16.98 3.93
C LEU A 370 -20.54 18.40 4.28
N ILE A 371 -21.10 19.00 5.33
CA ILE A 371 -20.72 20.35 5.84
C ILE A 371 -19.55 20.17 6.83
N ILE A 372 -18.32 20.40 6.36
CA ILE A 372 -17.07 20.36 7.17
C ILE A 372 -16.77 21.78 7.67
N LEU A 373 -17.15 22.09 8.90
CA LEU A 373 -16.96 23.41 9.54
C LEU A 373 -17.12 23.28 11.06
N ASN A 374 -16.17 23.85 11.82
CA ASN A 374 -16.12 23.77 13.31
C ASN A 374 -16.88 24.96 13.90
N LYS A 375 -18.18 25.04 13.62
CA LYS A 375 -19.09 26.13 14.10
C LYS A 375 -20.41 25.51 14.57
N VAL A 376 -21.10 26.18 15.51
CA VAL A 376 -22.38 25.72 16.10
C VAL A 376 -23.49 25.96 15.06
N GLY A 377 -24.20 24.89 14.68
CA GLY A 377 -25.23 24.93 13.63
C GLY A 377 -24.67 25.48 12.32
N ALA A 378 -23.50 24.98 11.92
CA ALA A 378 -22.75 25.42 10.72
C ALA A 378 -23.59 25.24 9.45
N LYS A 379 -24.43 24.20 9.43
CA LYS A 379 -25.33 23.86 8.30
C LYS A 379 -26.25 25.05 7.99
N TYR A 380 -26.91 25.60 9.01
CA TYR A 380 -27.86 26.75 8.92
C TYR A 380 -27.25 27.86 8.06
N LEU A 381 -26.00 28.23 8.34
CA LEU A 381 -25.26 29.32 7.64
C LEU A 381 -25.12 29.00 6.15
N VAL A 382 -24.79 27.75 5.81
CA VAL A 382 -24.58 27.28 4.41
C VAL A 382 -25.93 27.24 3.69
N MET A 383 -26.96 26.66 4.34
CA MET A 383 -28.32 26.51 3.77
C MET A 383 -28.94 27.89 3.52
N LYS A 384 -28.74 28.83 4.46
CA LYS A 384 -29.29 30.21 4.39
C LYS A 384 -28.72 30.93 3.16
N HIS A 385 -27.39 30.94 3.00
CA HIS A 385 -26.67 31.63 1.90
C HIS A 385 -26.96 30.94 0.57
N LEU A 386 -27.02 29.60 0.56
CA LEU A 386 -27.34 28.78 -0.64
C LEU A 386 -28.75 29.09 -1.12
N LYS A 387 -29.68 29.29 -0.19
CA LYS A 387 -31.12 29.61 -0.46
C LYS A 387 -31.20 30.94 -1.21
N GLU A 388 -30.44 31.95 -0.76
CA GLU A 388 -30.42 33.33 -1.33
C GLU A 388 -29.81 33.29 -2.74
N ALA A 389 -28.72 32.54 -2.92
CA ALA A 389 -27.94 32.45 -4.18
C ALA A 389 -28.79 31.80 -5.29
N LEU A 390 -29.50 30.73 -4.97
CA LEU A 390 -30.36 29.96 -5.92
C LEU A 390 -31.46 30.88 -6.47
N LEU A 391 -32.16 31.61 -5.60
CA LEU A 391 -33.24 32.56 -5.98
C LEU A 391 -32.67 33.63 -6.93
N GLU A 392 -31.53 34.22 -6.56
CA GLU A 392 -30.86 35.31 -7.33
C GLU A 392 -30.48 34.81 -8.73
N LEU A 393 -30.21 33.50 -8.87
CA LEU A 393 -29.83 32.85 -10.16
C LEU A 393 -31.09 32.44 -10.93
N THR A 394 -31.89 31.53 -10.35
CA THR A 394 -33.05 30.86 -11.02
C THR A 394 -34.23 31.84 -11.12
N ASN A 395 -34.51 32.59 -10.05
CA ASN A 395 -35.68 33.49 -9.91
C ASN A 395 -36.96 32.64 -9.95
N ASP A 396 -36.90 31.44 -9.35
CA ASP A 396 -38.01 30.45 -9.30
C ASP A 396 -38.00 29.80 -7.91
N GLU A 397 -39.02 30.08 -7.09
CA GLU A 397 -39.11 29.65 -5.67
C GLU A 397 -39.37 28.13 -5.61
N ASP A 398 -40.05 27.58 -6.63
CA ASP A 398 -40.38 26.13 -6.72
C ASP A 398 -39.11 25.33 -7.00
N VAL A 399 -38.33 25.74 -8.01
CA VAL A 399 -37.05 25.08 -8.43
C VAL A 399 -36.03 25.21 -7.29
N THR A 400 -35.91 26.41 -6.71
CA THR A 400 -35.02 26.73 -5.57
C THR A 400 -35.32 25.75 -4.42
N GLU A 401 -36.59 25.64 -4.02
CA GLU A 401 -37.04 24.82 -2.87
C GLU A 401 -36.95 23.33 -3.22
N HIS A 402 -37.14 22.97 -4.49
CA HIS A 402 -37.02 21.58 -4.99
C HIS A 402 -35.58 21.09 -4.81
N ILE A 403 -34.59 21.86 -5.27
CA ILE A 403 -33.14 21.53 -5.22
C ILE A 403 -32.72 21.30 -3.76
N LEU A 404 -33.14 22.17 -2.85
CA LEU A 404 -32.77 22.14 -1.41
C LEU A 404 -33.33 20.88 -0.73
N LYS A 405 -34.52 20.43 -1.15
CA LYS A 405 -35.22 19.26 -0.56
C LYS A 405 -34.77 17.95 -1.23
N GLU A 406 -34.23 18.05 -2.45
CA GLU A 406 -33.82 16.87 -3.28
C GLU A 406 -32.59 16.20 -2.65
N HIS A 407 -31.54 16.99 -2.36
CA HIS A 407 -30.20 16.50 -1.93
C HIS A 407 -30.14 16.36 -0.41
N TYR A 408 -29.21 15.52 0.07
CA TYR A 408 -28.90 15.30 1.51
C TYR A 408 -27.81 16.26 1.97
N PHE A 409 -28.14 17.20 2.86
CA PHE A 409 -27.22 18.18 3.46
C PHE A 409 -26.87 17.74 4.89
N CYS A 410 -25.77 16.98 5.02
CA CYS A 410 -25.31 16.37 6.30
C CYS A 410 -24.41 17.35 7.05
N ASP A 411 -24.71 17.60 8.34
CA ASP A 411 -23.83 18.32 9.29
C ASP A 411 -22.86 17.30 9.90
N THR A 412 -21.62 17.71 10.17
CA THR A 412 -20.52 16.82 10.64
C THR A 412 -19.79 17.44 11.83
N VAL A 413 -19.02 16.61 12.55
CA VAL A 413 -18.10 17.02 13.66
C VAL A 413 -16.76 16.31 13.44
N VAL A 414 -15.69 17.08 13.24
CA VAL A 414 -14.31 16.58 12.95
C VAL A 414 -13.42 16.87 14.16
N ASN A 415 -12.51 15.95 14.48
CA ASN A 415 -11.61 16.02 15.67
C ASN A 415 -10.13 15.99 15.24
N ARG A 416 -9.83 15.87 13.94
CA ARG A 416 -8.44 15.83 13.41
C ARG A 416 -7.94 17.26 13.17
N MET A 417 -6.88 17.65 13.86
CA MET A 417 -6.12 18.90 13.59
C MET A 417 -5.17 18.64 12.40
N VAL A 418 -5.23 19.50 11.38
CA VAL A 418 -4.43 19.38 10.12
C VAL A 418 -3.77 20.74 9.82
N SER A 419 -2.58 20.72 9.22
CA SER A 419 -1.78 21.91 8.84
C SER A 419 -1.42 21.83 7.34
N LYS A 420 -1.91 22.79 6.55
CA LYS A 420 -1.57 22.94 5.10
C LYS A 420 -0.15 23.47 4.99
N LEU A 421 0.66 22.90 4.08
CA LEU A 421 2.08 23.30 3.85
C LEU A 421 2.11 24.67 3.17
N SER A 422 3.11 25.51 3.49
CA SER A 422 3.29 26.86 2.93
C SER A 422 3.78 26.77 1.48
N ASN A 423 3.68 27.86 0.73
CA ASN A 423 4.05 27.94 -0.71
C ASN A 423 5.58 28.02 -0.84
N GLN A 424 6.26 28.55 0.19
CA GLN A 424 7.75 28.58 0.27
C GLN A 424 8.27 27.15 0.48
N ASN A 425 7.68 26.42 1.44
CA ASN A 425 8.06 25.03 1.79
C ASN A 425 7.76 24.09 0.62
N LEU A 426 6.72 24.38 -0.17
CA LEU A 426 6.35 23.59 -1.37
C LEU A 426 7.41 23.80 -2.46
N TYR A 427 7.73 25.05 -2.78
CA TYR A 427 8.80 25.44 -3.75
C TYR A 427 10.10 24.73 -3.37
N ARG A 428 10.47 24.76 -2.08
CA ARG A 428 11.65 24.06 -1.53
C ARG A 428 11.59 22.58 -1.93
N GLN A 429 10.45 21.93 -1.70
CA GLN A 429 10.22 20.49 -2.03
C GLN A 429 10.32 20.29 -3.54
N LEU A 430 9.64 21.14 -4.33
CA LEU A 430 9.60 21.07 -5.81
C LEU A 430 11.01 21.21 -6.38
N ARG A 431 11.87 22.03 -5.76
CA ARG A 431 13.26 22.28 -6.19
C ARG A 431 14.12 21.03 -5.93
N ILE A 432 13.92 20.38 -4.78
CA ILE A 432 14.74 19.22 -4.31
C ILE A 432 14.29 17.95 -5.05
N LYS A 433 12.98 17.79 -5.32
CA LYS A 433 12.41 16.61 -6.02
C LYS A 433 12.78 16.67 -7.51
N HIS A 434 12.69 17.85 -8.13
CA HIS A 434 13.11 18.11 -9.53
C HIS A 434 14.60 17.79 -9.69
N ASN A 435 15.40 18.03 -8.65
CA ASN A 435 16.85 17.72 -8.60
C ASN A 435 17.05 16.22 -8.79
N PHE A 436 16.31 15.40 -8.04
CA PHE A 436 16.39 13.90 -8.06
C PHE A 436 15.93 13.38 -9.43
N LEU A 437 14.97 14.05 -10.06
CA LEU A 437 14.45 13.69 -11.41
C LEU A 437 15.59 13.81 -12.44
N GLU A 438 16.36 14.90 -12.38
CA GLU A 438 17.54 15.15 -13.25
C GLU A 438 18.63 14.12 -12.94
N GLN A 439 18.84 13.80 -11.66
CA GLN A 439 19.80 12.78 -11.17
C GLN A 439 19.37 11.40 -11.68
N HIS A 440 18.06 11.18 -11.88
CA HIS A 440 17.46 9.91 -12.36
C HIS A 440 17.50 9.84 -13.89
N LEU A 441 17.40 10.98 -14.57
CA LEU A 441 17.28 11.07 -16.06
C LEU A 441 18.66 11.02 -16.73
N GLU A 442 19.75 11.04 -15.94
CA GLU A 442 21.14 10.84 -16.45
C GLU A 442 21.51 9.35 -16.37
N ASP A 443 20.70 8.55 -15.67
CA ASP A 443 20.88 7.08 -15.49
C ASP A 443 20.09 6.32 -16.56
N VAL A 444 18.89 6.80 -16.91
CA VAL A 444 17.99 6.17 -17.93
C VAL A 444 18.71 6.13 -19.28
N GLU A 445 19.50 7.16 -19.59
CA GLU A 445 20.35 7.25 -20.81
C GLU A 445 21.38 6.11 -20.79
N GLN A 446 21.94 5.80 -19.60
CA GLN A 446 22.90 4.69 -19.37
C GLN A 446 22.13 3.36 -19.23
N GLU A 451 15.84 -5.78 -26.64
CA GLU A 451 16.84 -6.84 -26.35
C GLU A 451 16.12 -8.12 -25.91
N ILE A 452 15.32 -8.71 -26.79
CA ILE A 452 14.51 -9.94 -26.51
C ILE A 452 15.19 -11.13 -27.19
N GLU A 453 15.93 -11.93 -26.41
CA GLU A 453 16.76 -13.08 -26.87
C GLU A 453 15.84 -14.19 -27.42
N ASP A 454 16.40 -15.09 -28.23
CA ASP A 454 15.72 -16.29 -28.79
C ASP A 454 14.78 -16.88 -27.74
N CYS A 455 13.48 -16.56 -27.82
CA CYS A 455 12.43 -16.97 -26.85
C CYS A 455 12.17 -18.47 -26.99
N ASN A 456 12.08 -18.98 -28.22
CA ASN A 456 11.79 -20.40 -28.56
C ASN A 456 10.44 -20.80 -27.94
N LYS A 457 9.48 -19.87 -27.91
CA LYS A 457 8.12 -20.03 -27.31
C LYS A 457 7.13 -19.13 -28.06
N LEU A 458 7.50 -17.86 -28.31
CA LEU A 458 6.75 -16.90 -29.15
C LEU A 458 7.18 -17.05 -30.61
N THR A 459 6.31 -16.68 -31.56
CA THR A 459 6.58 -16.62 -33.01
C THR A 459 7.37 -15.35 -33.30
N PRO A 460 8.19 -15.31 -34.39
CA PRO A 460 9.06 -14.17 -34.64
C PRO A 460 8.30 -12.88 -35.01
N ASP A 461 7.06 -13.01 -35.48
CA ASP A 461 6.14 -11.87 -35.78
C ASP A 461 5.78 -11.17 -34.46
N GLN A 462 5.38 -11.93 -33.44
CA GLN A 462 4.92 -11.42 -32.12
C GLN A 462 6.11 -11.29 -31.17
N LEU A 463 7.31 -11.69 -31.60
CA LEU A 463 8.60 -11.43 -30.90
C LEU A 463 9.09 -10.02 -31.27
N ASN A 464 8.94 -9.64 -32.54
CA ASN A 464 9.25 -8.29 -33.08
C ASN A 464 8.31 -7.26 -32.42
N GLN A 465 7.01 -7.56 -32.40
CA GLN A 465 5.93 -6.66 -31.89
C GLN A 465 6.10 -6.47 -30.38
N ALA A 466 6.58 -7.49 -29.66
CA ALA A 466 6.82 -7.48 -28.20
C ALA A 466 7.90 -6.45 -27.85
N SER A 467 8.97 -6.38 -28.66
CA SER A 467 10.09 -5.43 -28.51
C SER A 467 9.59 -3.99 -28.62
N ILE A 468 8.72 -3.72 -29.60
CA ILE A 468 8.12 -2.38 -29.87
C ILE A 468 7.30 -1.93 -28.66
N TYR A 469 6.54 -2.84 -28.05
CA TYR A 469 5.67 -2.58 -26.87
C TYR A 469 6.53 -2.18 -25.67
N VAL A 470 7.49 -3.04 -25.30
CA VAL A 470 8.36 -2.89 -24.10
C VAL A 470 9.19 -1.60 -24.25
N ASP A 471 9.73 -1.35 -25.45
CA ASP A 471 10.53 -0.15 -25.78
C ASP A 471 9.68 1.10 -25.55
N ASN A 472 8.47 1.14 -26.12
CA ASN A 472 7.51 2.26 -26.02
C ASN A 472 7.10 2.45 -24.55
N MET A 473 6.84 1.34 -23.84
CA MET A 473 6.47 1.32 -22.40
C MET A 473 7.61 1.92 -21.57
N ARG A 474 8.83 1.41 -21.75
CA ARG A 474 10.04 1.84 -20.99
C ARG A 474 10.30 3.34 -21.22
N ARG A 475 10.23 3.81 -22.47
CA ARG A 475 10.53 5.20 -22.86
C ARG A 475 9.62 6.18 -22.11
N ASN A 476 8.36 5.79 -21.85
CA ASN A 476 7.33 6.65 -21.23
C ASN A 476 7.34 6.48 -19.70
N PHE A 477 7.51 5.27 -19.19
CA PHE A 477 7.39 4.92 -17.74
C PHE A 477 8.68 5.23 -16.99
N GLN A 478 9.85 4.97 -17.60
CA GLN A 478 11.18 4.99 -16.92
C GLN A 478 11.45 6.34 -16.27
N PRO A 479 11.13 7.48 -16.92
CA PRO A 479 11.24 8.80 -16.27
C PRO A 479 10.45 8.90 -14.95
N GLY A 480 9.33 8.15 -14.84
CA GLY A 480 8.43 8.17 -13.67
C GLY A 480 8.64 6.99 -12.73
N HIS A 481 9.76 6.27 -12.84
CA HIS A 481 10.14 5.17 -11.92
C HIS A 481 10.45 5.73 -10.53
N ILE A 482 10.95 6.97 -10.47
CA ILE A 482 11.40 7.65 -9.21
C ILE A 482 10.20 7.87 -8.27
N LEU A 483 8.98 7.90 -8.81
CA LEU A 483 7.72 8.12 -8.04
C LEU A 483 7.44 6.93 -7.11
N GLN A 484 8.08 5.77 -7.34
CA GLN A 484 7.98 4.56 -6.48
C GLN A 484 8.23 4.95 -5.02
N SER A 485 9.36 5.63 -4.75
CA SER A 485 9.82 6.07 -3.41
C SER A 485 10.07 7.58 -3.40
N MET A 486 9.10 8.35 -3.90
CA MET A 486 9.11 9.84 -3.89
C MET A 486 7.66 10.33 -3.71
N ASP A 487 7.36 10.98 -2.58
CA ASP A 487 6.00 11.43 -2.20
C ASP A 487 5.98 12.98 -2.16
N LEU A 488 4.96 13.58 -2.76
CA LEU A 488 4.69 15.05 -2.71
C LEU A 488 3.89 15.36 -1.45
N ILE A 489 4.57 15.75 -0.36
CA ILE A 489 3.96 16.04 0.97
C ILE A 489 3.34 17.44 0.91
N LEU A 490 2.03 17.55 1.12
CA LEU A 490 1.27 18.83 1.11
C LEU A 490 0.59 19.09 2.46
N PHE A 491 0.43 18.06 3.31
CA PHE A 491 -0.37 18.14 4.56
C PHE A 491 0.33 17.39 5.70
N HIS A 492 0.31 17.98 6.90
CA HIS A 492 0.76 17.39 8.18
C HIS A 492 -0.45 17.31 9.12
N SER A 493 -0.91 16.09 9.44
CA SER A 493 -2.18 15.83 10.16
C SER A 493 -1.95 14.90 11.36
N GLU A 494 -2.88 14.92 12.32
CA GLU A 494 -2.93 14.00 13.49
C GLU A 494 -3.61 12.70 13.07
N THR A 495 -3.73 11.73 14.00
CA THR A 495 -4.11 10.32 13.71
C THR A 495 -5.60 10.07 14.01
N ASP A 496 -6.37 11.12 14.30
CA ASP A 496 -7.84 11.01 14.58
C ASP A 496 -8.55 10.55 13.29
N MET A 497 -9.20 9.38 13.35
CA MET A 497 -9.85 8.72 12.18
C MET A 497 -11.34 9.06 12.10
N PRO A 498 -12.18 8.80 13.14
CA PRO A 498 -13.63 8.88 12.99
C PRO A 498 -14.18 10.28 12.67
N ILE A 499 -15.05 10.37 11.65
CA ILE A 499 -15.89 11.57 11.35
C ILE A 499 -17.34 11.22 11.71
N TYR A 500 -18.00 12.09 12.48
CA TYR A 500 -19.43 11.98 12.84
C TYR A 500 -20.25 12.75 11.79
N VAL A 501 -21.30 12.12 11.25
CA VAL A 501 -22.15 12.65 10.15
C VAL A 501 -23.62 12.40 10.51
N GLU A 502 -24.52 13.30 10.12
CA GLU A 502 -25.99 13.17 10.31
C GLU A 502 -26.50 12.01 9.46
N LYS A 503 -27.20 11.06 10.10
CA LYS A 503 -27.80 9.86 9.43
C LYS A 503 -28.96 10.32 8.55
N GLY A 504 -29.01 9.85 7.30
CA GLY A 504 -30.05 10.20 6.33
C GLY A 504 -29.76 9.64 4.94
N SER A 505 -28.63 10.04 4.36
CA SER A 505 -28.15 9.60 3.02
C SER A 505 -27.91 8.10 3.02
N PRO A 506 -28.48 7.33 2.07
CA PRO A 506 -28.18 5.90 1.93
C PRO A 506 -26.70 5.62 1.60
N LEU A 507 -26.05 6.57 0.92
CA LEU A 507 -24.65 6.44 0.41
C LEU A 507 -23.66 6.41 1.58
N LEU A 508 -24.02 6.99 2.73
CA LEU A 508 -23.16 7.05 3.96
C LEU A 508 -23.21 5.72 4.72
N GLU A 509 -24.30 4.95 4.57
CA GLU A 509 -24.58 3.71 5.36
C GLU A 509 -23.37 2.77 5.34
N LYS A 510 -22.66 2.69 4.21
CA LYS A 510 -21.58 1.69 3.97
C LYS A 510 -20.18 2.33 4.12
N LEU A 511 -20.10 3.65 4.31
CA LEU A 511 -18.81 4.38 4.49
C LEU A 511 -18.25 4.05 5.87
N ARG A 512 -17.06 3.45 5.92
CA ARG A 512 -16.52 2.71 7.10
C ARG A 512 -15.81 3.66 8.06
N GLN A 513 -15.25 4.78 7.57
CA GLN A 513 -14.57 5.80 8.41
C GLN A 513 -15.60 6.79 8.97
N VAL A 514 -16.87 6.66 8.58
CA VAL A 514 -18.01 7.53 9.04
C VAL A 514 -18.67 6.88 10.27
N VAL A 515 -19.10 7.71 11.23
CA VAL A 515 -19.92 7.30 12.41
C VAL A 515 -21.27 8.03 12.32
N LEU A 516 -22.32 7.29 11.94
CA LEU A 516 -23.68 7.85 11.75
C LEU A 516 -24.34 8.09 13.12
N VAL A 517 -25.01 9.25 13.26
CA VAL A 517 -25.80 9.63 14.47
C VAL A 517 -27.16 10.16 14.01
N ASP A 518 -28.22 9.88 14.78
CA ASP A 518 -29.61 10.31 14.48
C ASP A 518 -29.71 11.83 14.60
N GLN A 519 -29.06 12.41 15.62
CA GLN A 519 -28.94 13.88 15.82
C GLN A 519 -27.48 14.21 16.19
N ILE A 520 -26.94 15.26 15.57
CA ILE A 520 -25.51 15.69 15.72
C ILE A 520 -25.35 16.49 17.03
N THR A 521 -26.46 16.84 17.68
CA THR A 521 -26.52 17.65 18.94
C THR A 521 -25.58 17.05 20.01
N ASP A 522 -25.61 15.73 20.18
CA ASP A 522 -24.91 14.99 21.26
C ASP A 522 -23.39 15.17 21.12
N ILE A 523 -22.85 14.83 19.94
CA ILE A 523 -21.37 14.84 19.67
C ILE A 523 -20.89 16.29 19.52
N GLN A 524 -21.78 17.21 19.10
CA GLN A 524 -21.48 18.66 19.04
C GLN A 524 -21.32 19.22 20.46
N LEU A 525 -22.15 18.77 21.40
CA LEU A 525 -22.10 19.16 22.84
C LEU A 525 -20.78 18.68 23.45
N ILE A 526 -20.32 17.49 23.06
CA ILE A 526 -19.03 16.89 23.50
C ILE A 526 -17.89 17.71 22.88
N LYS A 527 -17.93 17.92 21.56
CA LYS A 527 -16.94 18.73 20.79
C LYS A 527 -16.80 20.12 21.42
N ASN A 528 -17.93 20.70 21.86
CA ASN A 528 -18.01 22.08 22.44
C ASN A 528 -17.26 22.12 23.77
N ARG A 529 -17.64 21.25 24.73
CA ARG A 529 -17.20 21.29 26.14
C ARG A 529 -15.83 20.60 26.31
N LEU A 530 -15.66 19.42 25.70
CA LEU A 530 -14.47 18.55 25.93
C LEU A 530 -13.27 19.03 25.11
N TRP A 531 -13.49 19.42 23.86
CA TRP A 531 -12.41 19.82 22.91
C TRP A 531 -12.25 21.35 22.90
N ASN A 532 -13.21 22.08 22.31
CA ASN A 532 -13.13 23.54 22.06
C ASN A 532 -13.07 24.29 23.39
N GLY A 533 -13.76 23.80 24.41
CA GLY A 533 -13.78 24.38 25.77
C GLY A 533 -12.42 24.33 26.44
N VAL A 534 -11.82 23.14 26.47
CA VAL A 534 -10.47 22.89 27.06
C VAL A 534 -9.42 23.63 26.21
N HIS A 535 -9.57 23.57 24.88
CA HIS A 535 -8.65 24.23 23.89
C HIS A 535 -8.63 25.74 24.15
N ALA A 536 -9.78 26.34 24.43
CA ALA A 536 -9.95 27.77 24.75
C ALA A 536 -9.33 28.08 26.12
N MET A 537 -9.67 27.26 27.14
CA MET A 537 -9.20 27.44 28.55
C MET A 537 -7.68 27.25 28.61
N LEU A 538 -7.15 26.23 27.93
CA LEU A 538 -5.69 25.90 27.89
C LEU A 538 -4.93 27.03 27.17
N ALA A 539 -5.53 27.64 26.14
CA ALA A 539 -4.95 28.72 25.33
C ALA A 539 -4.82 30.00 26.18
N TRP A 540 -5.83 30.31 27.00
CA TRP A 540 -5.87 31.50 27.88
C TRP A 540 -4.70 31.46 28.87
N TYR A 541 -4.42 30.28 29.44
CA TYR A 541 -3.30 30.04 30.39
C TYR A 541 -1.97 30.27 29.65
N ALA A 542 -1.77 29.59 28.53
CA ALA A 542 -0.55 29.63 27.68
C ALA A 542 -0.18 31.09 27.35
N SER A 543 -1.18 31.91 26.99
CA SER A 543 -1.02 33.33 26.57
C SER A 543 -0.53 34.19 27.75
N LEU A 544 -1.19 34.08 28.91
CA LEU A 544 -0.88 34.85 30.14
C LEU A 544 0.55 34.51 30.63
N MET A 545 0.98 33.26 30.45
CA MET A 545 2.33 32.77 30.85
C MET A 545 3.37 33.23 29.82
N GLY A 546 2.93 33.68 28.63
CA GLY A 546 3.78 34.32 27.61
C GLY A 546 4.45 33.30 26.71
N TYR A 547 3.67 32.36 26.16
CA TYR A 547 4.12 31.31 25.21
C TYR A 547 3.55 31.60 23.81
N GLU A 548 4.35 31.38 22.77
CA GLU A 548 4.01 31.69 21.35
C GLU A 548 2.85 30.80 20.89
N SER A 549 2.91 29.50 21.20
CA SER A 549 1.89 28.48 20.82
C SER A 549 1.71 27.46 21.95
N ILE A 550 0.59 26.73 21.94
CA ILE A 550 0.27 25.64 22.90
C ILE A 550 1.33 24.54 22.79
N GLY A 551 1.83 24.30 21.56
CA GLY A 551 2.90 23.32 21.28
C GLY A 551 4.15 23.57 22.10
N VAL A 552 4.52 24.85 22.29
CA VAL A 552 5.70 25.26 23.11
C VAL A 552 5.31 25.17 24.60
N ALA A 553 4.09 25.58 24.94
CA ALA A 553 3.58 25.75 26.33
C ALA A 553 3.55 24.41 27.07
N MET A 554 3.31 23.29 26.36
CA MET A 554 3.16 21.94 26.96
C MET A 554 4.49 21.48 27.58
N GLY A 555 5.62 22.11 27.23
CA GLY A 555 6.93 21.92 27.87
C GLY A 555 6.89 22.25 29.35
N ASP A 556 6.15 23.30 29.72
CA ASP A 556 5.91 23.72 31.13
C ASP A 556 4.98 22.69 31.79
N HIS A 557 5.44 22.04 32.86
CA HIS A 557 4.73 20.96 33.58
C HIS A 557 3.38 21.47 34.13
N LEU A 558 3.29 22.77 34.45
CA LEU A 558 2.05 23.44 34.93
C LEU A 558 0.95 23.34 33.85
N VAL A 559 1.29 23.69 32.61
CA VAL A 559 0.35 23.77 31.45
C VAL A 559 -0.17 22.35 31.13
N LYS A 560 0.74 21.37 31.04
CA LYS A 560 0.43 19.97 30.66
C LYS A 560 -0.42 19.31 31.75
N ALA A 561 -0.06 19.51 33.02
CA ALA A 561 -0.79 18.98 34.20
C ALA A 561 -2.22 19.54 34.22
N PHE A 562 -2.36 20.85 33.99
CA PHE A 562 -3.65 21.58 33.92
C PHE A 562 -4.56 20.93 32.86
N ALA A 563 -4.04 20.77 31.64
CA ALA A 563 -4.73 20.17 30.48
C ALA A 563 -5.22 18.77 30.83
N GLU A 564 -4.34 17.93 31.38
CA GLU A 564 -4.60 16.51 31.73
C GLU A 564 -5.67 16.42 32.82
N ASN A 565 -5.67 17.35 33.78
CA ASN A 565 -6.60 17.39 34.94
C ASN A 565 -7.92 18.03 34.54
N LEU A 566 -7.92 18.89 33.50
CA LEU A 566 -9.11 19.63 33.03
C LEU A 566 -10.01 18.72 32.19
N ILE A 567 -9.43 18.00 31.22
CA ILE A 567 -10.14 17.02 30.35
C ILE A 567 -10.79 15.94 31.22
N ALA A 568 -10.18 15.61 32.37
CA ALA A 568 -10.66 14.59 33.34
C ALA A 568 -11.98 15.04 33.97
N GLU A 569 -12.04 16.28 34.47
CA GLU A 569 -13.22 16.86 35.18
C GLU A 569 -14.40 17.02 34.21
N VAL A 570 -14.12 17.42 32.97
CA VAL A 570 -15.14 17.60 31.90
C VAL A 570 -15.68 16.22 31.49
N LYS A 571 -14.77 15.26 31.24
CA LYS A 571 -15.08 13.86 30.85
C LYS A 571 -16.03 13.24 31.90
N GLN A 572 -15.66 13.32 33.18
CA GLN A 572 -16.46 12.80 34.33
C GLN A 572 -17.90 13.33 34.24
N GLY A 573 -18.05 14.63 33.96
CA GLY A 573 -19.36 15.31 33.82
C GLY A 573 -20.15 14.77 32.63
N LEU A 574 -19.54 14.76 31.45
CA LEU A 574 -20.18 14.34 30.16
C LEU A 574 -20.56 12.86 30.23
N ALA A 575 -19.80 12.05 30.97
CA ALA A 575 -20.03 10.60 31.16
C ALA A 575 -21.40 10.37 31.81
N ILE A 576 -21.84 11.29 32.67
CA ILE A 576 -23.17 11.23 33.36
C ILE A 576 -24.25 11.78 32.42
N VAL A 577 -23.98 12.91 31.76
CA VAL A 577 -24.93 13.63 30.86
C VAL A 577 -25.19 12.78 29.61
N LEU A 578 -24.15 12.13 29.08
CA LEU A 578 -24.20 11.27 27.87
C LEU A 578 -23.45 9.97 28.13
N PRO A 579 -24.07 8.99 28.84
CA PRO A 579 -23.41 7.71 29.12
C PRO A 579 -23.29 6.81 27.88
N ASN A 580 -24.07 7.12 26.83
CA ASN A 580 -24.11 6.36 25.55
C ASN A 580 -22.85 6.64 24.73
N TYR A 581 -22.19 7.79 24.95
CA TYR A 581 -20.96 8.22 24.23
C TYR A 581 -19.71 8.00 25.09
N ALA A 582 -19.79 7.11 26.08
CA ALA A 582 -18.70 6.81 27.05
C ALA A 582 -17.39 6.52 26.32
N LYS A 583 -17.44 5.65 25.30
CA LYS A 583 -16.27 5.21 24.50
C LYS A 583 -15.71 6.40 23.70
N ASP A 584 -16.59 7.26 23.17
CA ASP A 584 -16.25 8.41 22.30
C ASP A 584 -15.49 9.46 23.13
N LEU A 585 -15.91 9.68 24.37
CA LEU A 585 -15.30 10.66 25.32
C LEU A 585 -13.84 10.28 25.57
N ASP A 586 -13.60 9.03 25.97
CA ASP A 586 -12.25 8.48 26.29
C ASP A 586 -11.35 8.57 25.05
N ARG A 587 -11.88 8.24 23.87
CA ARG A 587 -11.16 8.27 22.57
C ARG A 587 -10.78 9.72 22.24
N MET A 588 -11.74 10.65 22.34
CA MET A 588 -11.56 12.09 22.01
C MET A 588 -10.66 12.77 23.05
N SER A 589 -10.68 12.29 24.30
CA SER A 589 -9.89 12.84 25.44
C SER A 589 -8.39 12.77 25.12
N GLN A 590 -7.88 11.58 24.81
CA GLN A 590 -6.44 11.32 24.52
C GLN A 590 -6.07 11.96 23.19
N SER A 591 -6.97 11.90 22.20
CA SER A 591 -6.82 12.49 20.84
C SER A 591 -6.45 13.98 20.94
N PHE A 592 -7.04 14.70 21.90
CA PHE A 592 -6.81 16.14 22.17
C PHE A 592 -5.42 16.35 22.76
N LEU A 593 -5.04 15.52 23.74
CA LEU A 593 -3.76 15.64 24.51
C LEU A 593 -2.58 15.31 23.59
N ASP A 594 -2.76 14.39 22.63
CA ASP A 594 -1.72 13.97 21.66
C ASP A 594 -1.41 15.12 20.71
N SER A 595 -2.45 15.72 20.12
CA SER A 595 -2.38 16.84 19.13
C SER A 595 -1.72 18.07 19.77
N CYS A 596 -2.15 18.42 20.99
CA CYS A 596 -1.68 19.61 21.76
C CYS A 596 -0.18 19.53 22.04
N GLU A 597 0.35 18.30 22.22
CA GLU A 597 1.77 18.03 22.59
C GLU A 597 2.70 18.85 21.69
N TYR A 598 2.49 18.81 20.37
CA TYR A 598 3.31 19.53 19.35
C TYR A 598 2.39 20.33 18.41
N ALA A 599 1.54 21.18 19.00
CA ALA A 599 0.65 22.14 18.29
C ALA A 599 1.39 23.47 18.12
N PHE A 600 2.55 23.45 17.45
CA PHE A 600 3.48 24.59 17.28
C PHE A 600 2.88 25.63 16.31
N LYS A 601 2.30 25.15 15.20
CA LYS A 601 1.94 25.97 14.01
C LYS A 601 0.76 26.90 14.35
N ASP A 602 -0.40 26.33 14.69
CA ASP A 602 -1.63 27.10 15.00
C ASP A 602 -1.44 27.85 16.32
N PRO A 603 -1.57 29.20 16.35
CA PRO A 603 -1.30 29.98 17.54
C PRO A 603 -2.43 29.93 18.58
N CYS A 604 -2.31 30.73 19.65
CA CYS A 604 -3.27 30.83 20.78
C CYS A 604 -4.37 31.85 20.46
N GLN A 605 -4.06 32.85 19.62
CA GLN A 605 -4.95 34.02 19.30
C GLN A 605 -6.31 33.53 18.81
N ARG A 606 -6.33 32.75 17.71
CA ARG A 606 -7.57 32.23 17.06
C ARG A 606 -8.44 31.50 18.08
N VAL A 607 -7.82 30.66 18.92
CA VAL A 607 -8.51 29.75 19.89
C VAL A 607 -9.05 30.57 21.07
N ALA A 608 -8.40 31.69 21.39
CA ALA A 608 -8.68 32.54 22.57
C ALA A 608 -9.58 33.74 22.20
N ARG A 609 -10.04 33.81 20.95
CA ARG A 609 -10.95 34.88 20.44
C ARG A 609 -12.27 34.84 21.21
N ASP A 610 -12.87 36.02 21.45
CA ASP A 610 -14.22 36.17 22.07
C ASP A 610 -14.30 35.34 23.34
N PRO A 611 -13.48 35.64 24.38
CA PRO A 611 -13.56 34.94 25.65
C PRO A 611 -14.87 35.27 26.40
N LEU A 612 -15.38 36.48 26.19
CA LEU A 612 -16.67 36.98 26.76
C LEU A 612 -17.80 36.02 26.39
N ARG A 613 -17.88 35.63 25.11
CA ARG A 613 -18.97 34.77 24.55
C ARG A 613 -18.82 33.33 25.06
N LYS A 614 -17.57 32.84 25.15
CA LYS A 614 -17.26 31.41 25.46
C LYS A 614 -17.47 31.12 26.95
N LEU A 615 -17.62 32.16 27.78
CA LEU A 615 -17.87 32.03 29.24
C LEU A 615 -19.37 32.23 29.54
N ASN A 616 -20.25 31.97 28.57
CA ASN A 616 -21.72 32.07 28.72
C ASN A 616 -22.24 30.82 29.47
N HIS A 617 -23.42 30.95 30.09
CA HIS A 617 -24.02 29.93 31.01
C HIS A 617 -24.26 28.60 30.28
N ASN A 618 -24.60 28.65 28.99
CA ASN A 618 -24.93 27.47 28.15
C ASN A 618 -23.75 27.08 27.25
N GLU A 619 -22.58 27.68 27.46
CA GLU A 619 -21.39 27.55 26.57
C GLU A 619 -20.36 26.61 27.21
N ARG A 620 -19.28 26.35 26.46
CA ARG A 620 -18.27 25.28 26.69
C ARG A 620 -17.70 25.29 28.11
N VAL A 621 -17.59 26.45 28.76
CA VAL A 621 -16.91 26.60 30.08
C VAL A 621 -17.93 26.44 31.23
N MET A 622 -18.87 27.38 31.37
CA MET A 622 -19.77 27.50 32.55
C MET A 622 -20.69 26.27 32.64
N ALA A 623 -21.13 25.73 31.51
CA ALA A 623 -22.04 24.57 31.41
C ALA A 623 -21.41 23.35 32.11
N SER A 624 -20.11 23.12 31.88
CA SER A 624 -19.33 21.99 32.47
C SER A 624 -19.32 22.08 34.00
N ILE A 625 -19.07 23.28 34.53
CA ILE A 625 -19.00 23.58 36.00
C ILE A 625 -20.35 23.20 36.64
N ALA A 626 -21.45 23.73 36.10
CA ALA A 626 -22.83 23.56 36.60
C ALA A 626 -23.20 22.07 36.63
N VAL A 627 -22.84 21.31 35.59
CA VAL A 627 -23.08 19.84 35.48
C VAL A 627 -22.34 19.14 36.63
N ASN A 628 -21.07 19.46 36.83
CA ASN A 628 -20.18 18.82 37.83
C ASN A 628 -20.67 19.13 39.25
N ILE A 629 -21.11 20.38 39.50
CA ILE A 629 -21.64 20.84 40.82
C ILE A 629 -22.95 20.10 41.13
N ARG A 630 -23.83 19.98 40.12
CA ARG A 630 -25.16 19.31 40.24
C ARG A 630 -24.97 17.84 40.64
N HIS A 631 -23.90 17.19 40.16
CA HIS A 631 -23.59 15.76 40.38
C HIS A 631 -22.41 15.59 41.34
N ASP A 632 -22.03 16.67 42.06
CA ASP A 632 -20.96 16.68 43.09
C ASP A 632 -19.70 16.01 42.54
N LEU A 633 -19.02 16.66 41.60
CA LEU A 633 -17.73 16.24 41.00
C LEU A 633 -16.72 17.38 41.16
N PRO A 634 -15.39 17.10 41.11
CA PRO A 634 -14.39 18.16 41.23
C PRO A 634 -14.44 19.12 40.03
N TYR A 635 -14.49 20.43 40.30
CA TYR A 635 -14.61 21.51 39.28
C TYR A 635 -13.59 22.63 39.55
N LYS A 636 -12.52 22.32 40.29
CA LYS A 636 -11.50 23.31 40.74
C LYS A 636 -10.64 23.76 39.54
N ASN A 637 -10.39 22.87 38.58
CA ASN A 637 -9.59 23.15 37.36
C ASN A 637 -10.44 23.93 36.35
N LEU A 638 -11.73 23.57 36.23
CA LEU A 638 -12.72 24.29 35.38
C LEU A 638 -12.86 25.74 35.86
N LEU A 639 -12.94 25.93 37.17
CA LEU A 639 -13.07 27.27 37.83
C LEU A 639 -11.83 28.12 37.50
N LYS A 640 -10.65 27.51 37.55
CA LYS A 640 -9.35 28.15 37.16
C LYS A 640 -9.41 28.55 35.69
N GLY A 641 -9.98 27.68 34.84
CA GLY A 641 -10.15 27.92 33.39
C GLY A 641 -11.05 29.13 33.13
N ALA A 642 -12.14 29.26 33.89
CA ALA A 642 -13.10 30.39 33.81
C ALA A 642 -12.40 31.69 34.19
N ALA A 643 -11.59 31.67 35.27
CA ALA A 643 -10.81 32.81 35.79
C ALA A 643 -9.84 33.32 34.73
N LEU A 644 -9.09 32.40 34.10
CA LEU A 644 -8.08 32.70 33.05
C LEU A 644 -8.75 33.40 31.86
N GLY A 645 -10.01 33.06 31.58
CA GLY A 645 -10.83 33.68 30.51
C GLY A 645 -11.06 35.16 30.79
N TYR A 646 -11.55 35.50 31.99
CA TYR A 646 -11.83 36.88 32.44
C TYR A 646 -10.51 37.66 32.58
N ALA A 647 -9.42 36.96 32.91
CA ALA A 647 -8.04 37.51 33.00
C ALA A 647 -7.54 37.89 31.61
N TYR A 648 -7.68 36.99 30.63
CA TYR A 648 -7.29 37.18 29.21
C TYR A 648 -8.07 38.36 28.62
N ALA A 649 -9.36 38.48 28.98
CA ALA A 649 -10.27 39.54 28.52
C ALA A 649 -9.77 40.91 28.98
N ILE A 650 -9.44 41.04 30.27
CA ILE A 650 -9.04 42.32 30.92
C ILE A 650 -7.66 42.76 30.42
N GLN A 651 -6.72 41.82 30.29
CA GLN A 651 -5.29 42.11 30.00
C GLN A 651 -5.07 42.31 28.50
N PHE A 652 -5.35 41.28 27.69
CA PHE A 652 -5.08 41.27 26.21
C PHE A 652 -6.14 42.11 25.48
N LEU A 653 -7.42 41.79 25.67
CA LEU A 653 -8.56 42.39 24.91
C LEU A 653 -8.92 43.78 25.47
N GLU A 654 -8.32 44.18 26.60
CA GLU A 654 -8.50 45.52 27.23
C GLU A 654 -9.98 45.72 27.59
N ILE A 655 -10.54 44.79 28.36
CA ILE A 655 -11.94 44.82 28.88
C ILE A 655 -11.92 45.34 30.32
N GLU A 656 -13.00 46.00 30.75
CA GLU A 656 -13.16 46.52 32.14
C GLU A 656 -13.40 45.35 33.09
N GLU A 657 -12.84 45.43 34.31
CA GLU A 657 -13.04 44.42 35.40
C GLU A 657 -14.50 44.46 35.84
N THR A 658 -15.15 45.63 35.76
CA THR A 658 -16.59 45.83 36.11
C THR A 658 -17.47 45.16 35.06
N LYS A 659 -17.05 45.17 33.78
CA LYS A 659 -17.77 44.53 32.65
C LYS A 659 -17.70 43.01 32.77
N ALA A 660 -16.56 42.48 33.26
CA ALA A 660 -16.31 41.04 33.47
C ALA A 660 -17.29 40.49 34.50
N VAL A 661 -17.48 41.21 35.62
CA VAL A 661 -18.40 40.82 36.73
C VAL A 661 -19.85 41.00 36.26
N GLU A 662 -20.14 42.11 35.56
CA GLU A 662 -21.47 42.42 34.97
C GLU A 662 -21.94 41.23 34.11
N HIS A 663 -21.02 40.66 33.32
CA HIS A 663 -21.27 39.45 32.47
C HIS A 663 -21.36 38.21 33.37
N LEU A 664 -20.39 38.04 34.28
CA LEU A 664 -20.24 36.83 35.15
C LEU A 664 -21.54 36.55 35.91
N GLN A 665 -21.97 37.50 36.75
CA GLN A 665 -23.13 37.34 37.68
C GLN A 665 -24.40 36.98 36.89
N GLN A 666 -24.57 37.55 35.68
CA GLN A 666 -25.72 37.27 34.78
C GLN A 666 -25.70 35.79 34.37
N GLN A 667 -24.51 35.24 34.07
CA GLN A 667 -24.33 33.84 33.61
C GLN A 667 -24.58 32.88 34.79
N ILE A 668 -24.07 33.22 35.98
CA ILE A 668 -24.20 32.39 37.22
C ILE A 668 -25.69 32.23 37.58
N GLN A 669 -26.47 33.30 37.43
CA GLN A 669 -27.91 33.35 37.81
C GLN A 669 -28.74 32.47 36.87
N ASN A 670 -28.29 32.28 35.62
CA ASN A 670 -29.00 31.50 34.57
C ASN A 670 -28.74 29.99 34.75
N LEU A 671 -27.67 29.61 35.44
CA LEU A 671 -27.30 28.19 35.72
C LEU A 671 -28.31 27.59 36.70
N ASP A 672 -28.65 26.31 36.50
CA ASP A 672 -29.60 25.54 37.35
C ASP A 672 -28.87 25.05 38.61
N LEU A 673 -28.59 25.98 39.54
CA LEU A 673 -27.87 25.72 40.82
C LEU A 673 -28.68 26.29 41.99
N SER A 674 -28.35 25.88 43.22
CA SER A 674 -28.90 26.43 44.48
C SER A 674 -28.39 27.86 44.66
N THR A 675 -29.21 28.72 45.31
CA THR A 675 -28.88 30.14 45.59
C THR A 675 -27.59 30.22 46.42
N ALA A 676 -27.30 29.19 47.22
CA ALA A 676 -26.06 29.04 48.01
C ALA A 676 -24.87 28.78 47.08
N GLN A 677 -25.01 27.81 46.16
CA GLN A 677 -23.96 27.38 45.21
C GLN A 677 -23.54 28.54 44.30
N ARG A 678 -24.50 29.38 43.90
CA ARG A 678 -24.28 30.56 43.00
C ARG A 678 -23.32 31.54 43.67
N ARG A 679 -23.62 31.95 44.92
CA ARG A 679 -22.86 32.96 45.70
C ARG A 679 -21.44 32.45 45.97
N GLN A 680 -21.29 31.15 46.23
CA GLN A 680 -19.99 30.50 46.54
C GLN A 680 -19.10 30.49 45.29
N LEU A 681 -19.68 30.22 44.11
CA LEU A 681 -18.96 30.14 42.81
C LEU A 681 -18.37 31.52 42.47
N GLU A 682 -19.12 32.60 42.70
CA GLU A 682 -18.71 34.00 42.41
C GLU A 682 -17.51 34.37 43.28
N ALA A 683 -17.64 34.22 44.60
CA ALA A 683 -16.64 34.60 45.63
C ALA A 683 -15.27 33.97 45.32
N GLU A 684 -15.26 32.70 44.93
CA GLU A 684 -14.03 31.92 44.60
C GLU A 684 -13.41 32.47 43.32
N LEU A 685 -14.23 32.70 42.28
CA LEU A 685 -13.78 33.00 40.89
C LEU A 685 -13.16 34.41 40.83
N VAL A 686 -13.78 35.40 41.46
CA VAL A 686 -13.32 36.82 41.46
C VAL A 686 -11.95 36.92 42.13
N GLN A 687 -11.69 36.07 43.13
CA GLN A 687 -10.40 36.04 43.90
C GLN A 687 -9.27 35.55 43.00
N LEU A 688 -9.51 34.53 42.18
CA LEU A 688 -8.52 33.91 41.25
C LEU A 688 -8.08 34.94 40.20
N ILE A 689 -9.01 35.77 39.72
CA ILE A 689 -8.79 36.79 38.65
C ILE A 689 -7.88 37.91 39.18
N GLN A 690 -8.11 38.34 40.43
CA GLN A 690 -7.36 39.47 41.08
C GLN A 690 -5.88 39.10 41.22
N TYR A 691 -5.57 37.82 41.42
CA TYR A 691 -4.18 37.30 41.58
C TYR A 691 -3.45 37.32 40.23
N LEU A 692 -4.12 36.90 39.17
CA LEU A 692 -3.53 36.68 37.81
C LEU A 692 -3.04 38.00 37.20
N PHE A 693 -3.50 39.14 37.73
CA PHE A 693 -2.94 40.49 37.44
C PHE A 693 -1.46 40.54 37.85
N SER A 694 -1.17 40.06 39.07
CA SER A 694 0.18 40.00 39.68
C SER A 694 0.73 38.57 39.59
N VAL B 2 8.62 4.11 26.27
CA VAL B 2 9.81 4.18 27.17
C VAL B 2 10.72 2.98 26.85
N LEU B 3 11.88 3.25 26.23
CA LEU B 3 12.90 2.23 25.85
C LEU B 3 13.91 2.07 27.00
N ILE B 4 14.26 0.83 27.34
CA ILE B 4 15.29 0.49 28.37
C ILE B 4 16.57 0.08 27.64
N PHE B 5 17.46 1.05 27.38
CA PHE B 5 18.75 0.86 26.66
C PHE B 5 19.88 0.67 27.68
N HIS B 6 20.37 -0.56 27.81
CA HIS B 6 21.41 -1.00 28.78
C HIS B 6 21.01 -0.55 30.20
N GLY B 7 19.76 -0.83 30.58
CA GLY B 7 19.20 -0.52 31.91
C GLY B 7 19.15 0.98 32.18
N LYS B 8 18.69 1.76 31.20
CA LYS B 8 18.50 3.23 31.32
C LYS B 8 17.14 3.60 30.73
N PRO B 9 16.26 4.29 31.48
CA PRO B 9 14.93 4.66 30.97
C PRO B 9 15.01 5.82 29.96
N VAL B 10 14.97 5.50 28.66
CA VAL B 10 15.08 6.47 27.53
C VAL B 10 13.67 6.89 27.10
N HIS B 11 13.41 8.20 27.03
CA HIS B 11 12.11 8.80 26.61
C HIS B 11 12.24 9.51 25.26
N GLY B 12 13.43 10.03 24.93
CA GLY B 12 13.71 10.76 23.67
C GLY B 12 15.12 10.49 23.15
N ALA B 13 15.49 11.14 22.05
CA ALA B 13 16.81 11.03 21.39
C ALA B 13 17.10 12.28 20.55
N ILE B 14 18.29 12.87 20.73
CA ILE B 14 18.73 14.11 20.01
C ILE B 14 20.00 13.80 19.24
N PHE B 15 19.96 13.94 17.90
CA PHE B 15 21.06 13.60 16.96
C PHE B 15 21.79 14.87 16.51
N ASP B 16 23.11 14.79 16.35
CA ASP B 16 23.93 15.76 15.59
C ASP B 16 23.86 15.37 14.11
N MET B 17 23.89 16.36 13.21
CA MET B 17 23.74 16.15 11.75
C MET B 17 25.13 15.95 11.11
N ASP B 18 26.01 16.95 11.25
CA ASP B 18 27.32 17.01 10.53
C ASP B 18 28.32 16.04 11.19
N GLY B 19 28.57 14.90 10.54
CA GLY B 19 29.59 13.92 10.94
C GLY B 19 28.99 12.69 11.60
N THR B 20 27.80 12.83 12.22
CA THR B 20 27.09 11.74 12.96
C THR B 20 26.06 11.10 12.03
N MET B 21 25.11 11.88 11.52
CA MET B 21 24.03 11.42 10.61
C MET B 21 24.59 11.29 9.18
N PHE B 22 25.16 12.37 8.65
CA PHE B 22 25.75 12.46 7.30
C PHE B 22 27.27 12.66 7.42
N ASP B 23 27.99 12.43 6.31
CA ASP B 23 29.47 12.57 6.20
C ASP B 23 29.77 13.93 5.55
N THR B 24 29.14 15.00 6.05
CA THR B 24 29.20 16.38 5.49
C THR B 24 30.44 17.12 6.02
N GLU B 25 30.94 16.77 7.21
CA GLU B 25 32.14 17.37 7.83
C GLU B 25 33.34 17.22 6.87
N ARG B 26 33.46 16.05 6.23
CA ARG B 26 34.52 15.76 5.21
C ARG B 26 34.39 16.71 4.02
N LEU B 27 33.16 16.99 3.57
CA LEU B 27 32.88 17.84 2.38
C LEU B 27 33.28 19.29 2.68
N ARG B 28 32.75 19.89 3.76
CA ARG B 28 33.03 21.30 4.14
C ARG B 28 34.53 21.45 4.48
N PHE B 29 35.18 20.37 4.91
CA PHE B 29 36.65 20.27 5.12
C PHE B 29 37.36 20.54 3.78
N GLN B 30 36.82 20.00 2.69
CA GLN B 30 37.37 20.09 1.31
C GLN B 30 36.98 21.43 0.66
N THR B 31 35.76 21.91 0.88
CA THR B 31 35.21 23.15 0.27
C THR B 31 35.88 24.39 0.87
N LEU B 32 36.02 24.44 2.20
CA LEU B 32 36.67 25.57 2.94
C LEU B 32 38.10 25.77 2.41
N GLN B 33 38.79 24.67 2.06
CA GLN B 33 40.17 24.70 1.48
C GLN B 33 40.13 25.31 0.08
N GLN B 34 39.25 24.80 -0.79
CA GLN B 34 39.13 25.21 -2.22
C GLN B 34 38.57 26.63 -2.32
N ALA B 35 37.53 26.96 -1.52
CA ALA B 35 36.87 28.27 -1.46
C ALA B 35 37.89 29.35 -1.06
N SER B 36 38.70 29.07 -0.03
CA SER B 36 39.75 29.97 0.50
C SER B 36 40.83 30.25 -0.56
N GLN B 37 41.16 29.23 -1.37
CA GLN B 37 42.26 29.29 -2.38
C GLN B 37 41.89 30.26 -3.50
N GLU B 38 40.62 30.33 -3.89
CA GLU B 38 40.13 31.12 -5.06
C GLU B 38 39.56 32.47 -4.61
N LEU B 39 39.74 32.85 -3.33
CA LEU B 39 39.28 34.16 -2.77
C LEU B 39 40.48 34.92 -2.19
N ILE B 40 41.10 34.40 -1.12
CA ILE B 40 42.22 35.07 -0.38
C ILE B 40 43.57 34.51 -0.85
N GLY B 41 43.60 33.27 -1.37
CA GLY B 41 44.79 32.61 -1.91
C GLY B 41 45.36 31.56 -0.96
N GLN B 42 45.61 31.96 0.29
CA GLN B 42 46.21 31.09 1.34
C GLN B 42 45.15 30.08 1.82
N GLU B 43 45.45 28.78 1.72
CA GLU B 43 44.58 27.67 2.22
C GLU B 43 44.57 27.69 3.75
N PHE B 44 43.49 27.18 4.35
CA PHE B 44 43.34 27.00 5.82
C PHE B 44 44.21 25.83 6.28
N SER B 45 44.90 25.98 7.43
CA SER B 45 45.69 24.92 8.10
C SER B 45 44.74 23.83 8.59
N HIS B 46 45.22 22.58 8.65
CA HIS B 46 44.45 21.39 9.09
C HIS B 46 44.15 21.48 10.60
N GLU B 47 44.95 22.27 11.34
CA GLU B 47 44.75 22.54 12.79
C GLU B 47 43.47 23.36 12.99
N TYR B 48 43.27 24.40 12.17
CA TYR B 48 42.10 25.31 12.23
C TYR B 48 40.80 24.54 11.97
N LEU B 49 40.78 23.70 10.92
CA LEU B 49 39.58 22.93 10.48
C LEU B 49 39.24 21.85 11.51
N MET B 50 40.25 21.19 12.09
CA MET B 50 40.08 20.12 13.11
C MET B 50 39.54 20.70 14.41
N GLN B 51 39.83 21.99 14.68
CA GLN B 51 39.33 22.73 15.87
C GLN B 51 37.89 23.23 15.63
N CYS B 52 37.51 23.45 14.37
CA CYS B 52 36.21 24.02 13.95
C CYS B 52 35.14 22.93 13.78
N LEU B 53 35.47 21.67 14.10
CA LEU B 53 34.54 20.51 13.98
C LEU B 53 33.43 20.64 15.03
N GLY B 54 32.16 20.61 14.60
CA GLY B 54 30.98 20.75 15.46
C GLY B 54 30.90 22.13 16.09
N LEU B 55 30.96 23.17 15.26
CA LEU B 55 30.99 24.60 15.68
C LEU B 55 30.18 25.44 14.70
N SER B 56 29.32 26.33 15.21
CA SER B 56 28.46 27.24 14.40
C SER B 56 29.34 28.20 13.59
N ALA B 57 28.90 28.56 12.38
CA ALA B 57 29.62 29.44 11.42
C ALA B 57 30.03 30.75 12.13
N THR B 58 29.16 31.27 13.01
CA THR B 58 29.40 32.49 13.83
C THR B 58 30.49 32.22 14.86
N THR B 59 30.49 31.03 15.47
CA THR B 59 31.44 30.61 16.54
C THR B 59 32.80 30.28 15.91
N ALA B 60 32.81 29.73 14.69
CA ALA B 60 34.03 29.39 13.91
C ALA B 60 34.72 30.66 13.43
N GLU B 61 33.94 31.73 13.21
CA GLU B 61 34.44 33.07 12.77
C GLU B 61 35.24 33.73 13.91
N LYS B 62 34.95 33.38 15.16
CA LYS B 62 35.70 33.86 16.36
C LYS B 62 37.11 33.26 16.35
N LEU B 63 37.23 31.95 16.11
CA LEU B 63 38.52 31.21 16.08
C LEU B 63 39.34 31.65 14.86
N ALA B 64 38.67 32.05 13.78
CA ALA B 64 39.28 32.57 12.53
C ALA B 64 40.04 33.88 12.82
N GLN B 65 39.44 34.76 13.63
CA GLN B 65 40.00 36.09 13.98
C GLN B 65 41.04 35.95 15.09
N ARG B 66 40.81 35.05 16.06
CA ARG B 66 41.74 34.76 17.19
C ARG B 66 43.10 34.30 16.63
N LEU B 67 43.08 33.46 15.59
CA LEU B 67 44.31 32.94 14.92
C LEU B 67 44.77 33.96 13.86
N TYR B 68 43.85 34.52 13.09
CA TYR B 68 44.11 35.58 12.06
C TYR B 68 42.89 36.48 11.92
N TYR B 74 35.85 35.91 6.40
CA TYR B 74 35.39 34.50 6.59
C TYR B 74 33.97 34.31 6.02
N LYS B 75 33.09 35.29 6.20
CA LYS B 75 31.70 35.29 5.67
C LYS B 75 31.71 34.94 4.18
N GLU B 76 32.47 35.69 3.38
CA GLU B 76 32.59 35.51 1.90
C GLU B 76 33.21 34.14 1.59
N ILE B 77 34.16 33.69 2.43
CA ILE B 77 34.86 32.37 2.29
C ILE B 77 33.84 31.26 2.54
N ARG B 78 33.14 31.31 3.68
CA ARG B 78 32.18 30.27 4.14
C ARG B 78 30.95 30.27 3.22
N LYS B 79 30.52 31.45 2.74
CA LYS B 79 29.36 31.60 1.83
C LYS B 79 29.61 30.78 0.56
N ARG B 80 30.82 30.87 -0.01
CA ARG B 80 31.22 30.13 -1.24
C ARG B 80 31.45 28.65 -0.89
N ALA B 81 32.00 28.37 0.29
CA ALA B 81 32.26 27.00 0.82
C ALA B 81 30.93 26.25 0.98
N ASP B 82 29.89 26.92 1.49
CA ASP B 82 28.51 26.38 1.65
C ASP B 82 27.90 26.15 0.26
N GLU B 83 28.07 27.10 -0.66
CA GLU B 83 27.56 27.05 -2.05
C GLU B 83 28.16 25.84 -2.77
N MET B 84 29.47 25.61 -2.61
CA MET B 84 30.19 24.42 -3.16
C MET B 84 29.64 23.15 -2.51
N GLU B 85 29.40 23.19 -1.20
CA GLU B 85 28.93 22.02 -0.39
C GLU B 85 27.57 21.57 -0.89
N LEU B 86 26.57 22.46 -0.90
CA LEU B 86 25.16 22.16 -1.28
C LEU B 86 25.10 21.76 -2.77
N GLU B 87 26.00 22.29 -3.60
CA GLU B 87 26.10 21.97 -5.06
C GLU B 87 26.53 20.51 -5.23
N HIS B 88 27.45 20.04 -4.37
CA HIS B 88 27.91 18.62 -4.31
C HIS B 88 26.74 17.70 -3.98
N ILE B 89 25.78 18.18 -3.17
CA ILE B 89 24.57 17.42 -2.72
C ILE B 89 23.57 17.37 -3.88
N ARG B 90 23.48 18.42 -4.70
CA ARG B 90 22.53 18.51 -5.85
C ARG B 90 22.88 17.43 -6.88
N LYS B 91 24.16 17.07 -7.01
CA LYS B 91 24.67 16.12 -8.02
C LYS B 91 24.70 14.70 -7.45
N HIS B 92 25.45 14.50 -6.35
CA HIS B 92 25.81 13.17 -5.78
C HIS B 92 24.87 12.78 -4.63
N GLY B 93 24.02 13.70 -4.16
CA GLY B 93 23.11 13.46 -3.01
C GLY B 93 23.82 13.64 -1.69
N VAL B 94 23.10 13.48 -0.58
CA VAL B 94 23.64 13.57 0.81
C VAL B 94 24.42 12.30 1.11
N PRO B 95 25.65 12.39 1.65
CA PRO B 95 26.40 11.21 2.07
C PRO B 95 25.88 10.69 3.43
N ILE B 96 24.85 9.86 3.40
CA ILE B 96 24.14 9.33 4.62
C ILE B 96 24.98 8.19 5.20
N LYS B 97 25.42 8.33 6.45
CA LYS B 97 26.18 7.29 7.20
C LYS B 97 25.33 6.02 7.27
N LYS B 98 25.93 4.85 7.00
CA LYS B 98 25.23 3.54 6.92
C LYS B 98 24.66 3.18 8.29
N GLY B 99 23.37 2.86 8.34
CA GLY B 99 22.66 2.44 9.57
C GLY B 99 21.73 3.51 10.11
N LEU B 100 21.91 4.77 9.70
CA LEU B 100 21.14 5.94 10.22
C LEU B 100 19.63 5.65 10.09
N VAL B 101 19.15 5.42 8.86
CA VAL B 101 17.71 5.21 8.54
C VAL B 101 17.18 4.06 9.40
N GLN B 102 17.99 3.01 9.57
CA GLN B 102 17.64 1.78 10.34
C GLN B 102 17.46 2.14 11.82
N VAL B 103 18.35 2.95 12.38
CA VAL B 103 18.31 3.43 13.79
C VAL B 103 17.06 4.29 13.98
N LEU B 104 16.88 5.32 13.15
CA LEU B 104 15.83 6.37 13.30
C LEU B 104 14.44 5.75 13.40
N GLU B 105 14.14 4.77 12.53
CA GLU B 105 12.80 4.11 12.46
C GLU B 105 12.54 3.30 13.73
N ARG B 106 13.56 2.58 14.22
CA ARG B 106 13.49 1.73 15.44
C ARG B 106 13.22 2.62 16.67
N LEU B 107 13.89 3.76 16.76
CA LEU B 107 13.73 4.74 17.87
C LEU B 107 12.35 5.41 17.77
N ARG B 108 11.87 5.67 16.55
CA ARG B 108 10.54 6.29 16.28
C ARG B 108 9.43 5.34 16.74
N LYS B 109 9.48 4.09 16.27
CA LYS B 109 8.45 3.04 16.53
C LYS B 109 8.52 2.58 18.00
N SER B 110 9.66 2.77 18.66
CA SER B 110 9.84 2.53 20.12
C SER B 110 9.05 3.58 20.92
N GLY B 111 8.68 4.69 20.28
CA GLY B 111 7.80 5.73 20.83
C GLY B 111 8.58 6.89 21.43
N LEU B 112 9.86 7.04 21.05
CA LEU B 112 10.77 8.07 21.58
C LEU B 112 10.49 9.41 20.88
N ARG B 113 10.57 10.50 21.64
CA ARG B 113 10.37 11.89 21.14
C ARG B 113 11.73 12.41 20.65
N MET B 114 11.92 12.45 19.33
CA MET B 114 13.24 12.64 18.67
C MET B 114 13.37 14.05 18.10
N ALA B 115 14.62 14.55 17.99
CA ALA B 115 14.97 15.87 17.42
C ALA B 115 16.40 15.83 16.87
N VAL B 116 16.81 16.93 16.22
CA VAL B 116 18.19 17.14 15.69
C VAL B 116 18.77 18.39 16.37
N ALA B 117 20.04 18.32 16.80
CA ALA B 117 20.80 19.43 17.41
C ALA B 117 22.07 19.68 16.59
N THR B 118 21.96 20.45 15.51
CA THR B 118 23.06 20.79 14.57
C THR B 118 23.44 22.27 14.72
N SER B 119 24.74 22.58 14.64
CA SER B 119 25.28 23.96 14.68
C SER B 119 25.19 24.61 13.29
N SER B 120 24.73 23.86 12.28
CA SER B 120 24.44 24.36 10.91
C SER B 120 23.25 25.31 10.94
N ARG B 121 23.15 26.18 9.93
CA ARG B 121 22.01 27.13 9.74
C ARG B 121 20.74 26.35 9.42
N ARG B 122 19.58 26.90 9.79
CA ARG B 122 18.24 26.29 9.52
C ARG B 122 18.06 26.07 8.02
N ALA B 123 18.40 27.08 7.21
CA ALA B 123 18.31 27.06 5.73
C ALA B 123 19.07 25.86 5.16
N ILE B 124 20.28 25.60 5.69
CA ILE B 124 21.20 24.52 5.23
C ILE B 124 20.79 23.21 5.92
N ALA B 125 20.47 23.25 7.22
CA ALA B 125 20.11 22.08 8.06
C ALA B 125 18.96 21.31 7.40
N GLU B 126 17.85 21.99 7.13
CA GLU B 126 16.62 21.40 6.53
C GLU B 126 16.97 20.83 5.15
N GLU B 127 17.55 21.65 4.26
CA GLU B 127 17.93 21.30 2.86
C GLU B 127 18.40 19.83 2.80
N TYR B 128 19.34 19.45 3.68
CA TYR B 128 19.95 18.08 3.72
C TYR B 128 18.97 17.08 4.30
N LEU B 129 18.29 17.44 5.41
CA LEU B 129 17.29 16.57 6.10
C LEU B 129 16.14 16.25 5.12
N ILE B 130 15.76 17.22 4.28
CA ILE B 130 14.75 17.05 3.19
C ILE B 130 15.35 16.11 2.12
N ASN B 131 16.57 16.40 1.68
CA ASN B 131 17.29 15.66 0.60
C ASN B 131 17.46 14.19 1.02
N ALA B 132 17.83 13.94 2.29
CA ALA B 132 18.13 12.60 2.84
C ALA B 132 16.84 11.83 3.16
N ASN B 133 15.71 12.54 3.32
CA ASN B 133 14.38 11.96 3.63
C ASN B 133 14.41 11.37 5.05
N VAL B 134 14.91 12.14 6.01
CA VAL B 134 14.96 11.78 7.46
C VAL B 134 14.31 12.88 8.31
N TYR B 135 13.92 14.01 7.69
CA TYR B 135 13.27 15.16 8.36
C TYR B 135 11.96 14.73 9.02
N LYS B 136 11.30 13.71 8.44
CA LYS B 136 9.99 13.16 8.89
C LYS B 136 10.12 12.51 10.27
N PHE B 137 11.32 12.01 10.63
CA PHE B 137 11.57 11.22 11.86
C PHE B 137 11.68 12.12 13.10
N PHE B 138 11.80 13.43 12.92
CA PHE B 138 12.09 14.41 13.99
C PHE B 138 10.87 15.31 14.23
N ASP B 139 10.57 15.58 15.51
CA ASP B 139 9.43 16.42 15.97
C ASP B 139 9.88 17.89 15.96
N VAL B 140 11.07 18.16 16.51
CA VAL B 140 11.72 19.50 16.56
C VAL B 140 13.12 19.38 15.96
N ILE B 141 13.71 20.49 15.50
CA ILE B 141 15.16 20.60 15.16
C ILE B 141 15.69 21.93 15.70
N THR B 142 16.81 21.89 16.43
CA THR B 142 17.52 23.07 16.99
C THR B 142 18.77 23.34 16.15
N CYS B 143 18.85 24.53 15.54
CA CYS B 143 19.92 24.94 14.59
C CYS B 143 20.87 25.92 15.29
N GLY B 144 21.96 26.31 14.61
CA GLY B 144 22.97 27.26 15.11
C GLY B 144 22.63 28.70 14.78
N ASP B 145 21.35 29.08 14.93
CA ASP B 145 20.81 30.43 14.66
C ASP B 145 19.99 30.89 15.87
N GLU B 146 18.94 30.14 16.21
CA GLU B 146 18.02 30.40 17.37
C GLU B 146 18.79 30.28 18.69
N VAL B 147 19.86 29.47 18.73
CA VAL B 147 20.77 29.35 19.90
C VAL B 147 21.57 30.65 20.03
N GLU B 148 21.70 31.18 21.26
CA GLU B 148 22.47 32.42 21.57
C GLU B 148 23.95 32.07 21.69
N GLN B 149 24.27 31.08 22.54
CA GLN B 149 25.64 30.53 22.74
C GLN B 149 25.65 29.08 22.24
N GLY B 150 26.27 28.84 21.08
CA GLY B 150 26.32 27.53 20.40
C GLY B 150 27.29 26.57 21.09
N LYS B 151 27.79 25.57 20.37
CA LYS B 151 28.73 24.55 20.88
C LYS B 151 30.07 25.22 21.20
N PRO B 152 30.81 24.80 22.25
CA PRO B 152 30.47 23.61 23.04
C PRO B 152 29.59 23.85 24.29
N HIS B 153 28.85 24.97 24.34
CA HIS B 153 27.91 25.31 25.44
C HIS B 153 26.66 24.45 25.30
N PRO B 154 26.10 23.90 26.41
CA PRO B 154 24.98 22.95 26.33
C PRO B 154 23.60 23.54 25.96
N GLU B 155 23.53 24.83 25.62
CA GLU B 155 22.27 25.55 25.30
C GLU B 155 21.51 24.80 24.19
N ILE B 156 22.19 24.48 23.09
CA ILE B 156 21.60 23.87 21.86
C ILE B 156 20.97 22.51 22.19
N PHE B 157 21.58 21.74 23.10
CA PHE B 157 21.13 20.39 23.52
C PHE B 157 20.04 20.51 24.60
N LEU B 158 20.10 21.55 25.43
CA LEU B 158 19.09 21.84 26.49
C LEU B 158 17.80 22.33 25.82
N LYS B 159 17.91 23.24 24.85
CA LYS B 159 16.78 23.83 24.09
C LYS B 159 16.06 22.73 23.30
N ALA B 160 16.82 21.82 22.69
CA ALA B 160 16.30 20.67 21.92
C ALA B 160 15.40 19.80 22.81
N ALA B 161 15.91 19.39 23.98
CA ALA B 161 15.20 18.55 24.98
C ALA B 161 13.98 19.30 25.51
N SER B 162 14.11 20.62 25.75
CA SER B 162 13.04 21.51 26.29
C SER B 162 11.84 21.54 25.35
N GLN B 163 12.08 21.59 24.03
CA GLN B 163 11.03 21.69 22.98
C GLN B 163 10.37 20.31 22.78
N LEU B 164 11.05 19.22 23.16
CA LEU B 164 10.50 17.83 23.13
C LEU B 164 9.68 17.56 24.40
N HIS B 165 9.73 18.47 25.39
CA HIS B 165 9.00 18.40 26.68
C HIS B 165 9.56 17.23 27.51
N LEU B 166 10.89 17.10 27.55
CA LEU B 166 11.63 16.06 28.31
C LEU B 166 12.88 16.68 28.94
N ASP B 167 13.35 16.11 30.06
CA ASP B 167 14.64 16.46 30.70
C ASP B 167 15.77 15.83 29.89
N ALA B 168 16.96 16.43 29.91
CA ALA B 168 18.15 16.02 29.13
C ALA B 168 18.55 14.59 29.50
N ASN B 169 18.49 14.24 30.79
CA ASN B 169 18.92 12.92 31.34
C ASN B 169 18.09 11.79 30.72
N GLN B 170 16.82 12.06 30.40
CA GLN B 170 15.87 11.08 29.80
C GLN B 170 16.23 10.81 28.33
N CYS B 171 16.88 11.76 27.66
CA CYS B 171 17.18 11.74 26.20
C CYS B 171 18.58 11.17 25.93
N LEU B 172 18.70 10.34 24.89
CA LEU B 172 20.00 9.95 24.27
C LEU B 172 20.51 11.14 23.46
N MET B 173 21.83 11.28 23.32
CA MET B 173 22.48 12.39 22.56
C MET B 173 23.64 11.84 21.72
N PHE B 174 23.50 11.88 20.39
CA PHE B 174 24.50 11.43 19.40
C PHE B 174 25.34 12.63 18.95
N GLU B 175 26.64 12.43 18.75
CA GLU B 175 27.60 13.49 18.36
C GLU B 175 28.89 12.85 17.83
N ASP B 176 29.59 13.55 16.93
CA ASP B 176 30.90 13.14 16.34
C ASP B 176 32.03 13.99 16.94
N SER B 177 31.82 15.31 17.04
CA SER B 177 32.86 16.33 17.37
C SER B 177 33.25 16.24 18.86
N GLU B 178 34.41 16.81 19.20
CA GLU B 178 34.93 16.96 20.59
C GLU B 178 34.14 18.07 21.29
N ASN B 179 33.92 19.20 20.60
CA ASN B 179 33.16 20.37 21.11
C ASN B 179 31.72 19.94 21.44
N GLY B 180 31.04 19.27 20.50
CA GLY B 180 29.64 18.85 20.62
C GLY B 180 29.42 17.83 21.73
N LEU B 181 30.41 16.98 22.00
CA LEU B 181 30.34 15.91 23.03
C LEU B 181 30.35 16.56 24.42
N THR B 182 31.10 17.65 24.60
CA THR B 182 31.11 18.50 25.82
C THR B 182 29.73 19.14 25.98
N SER B 183 29.21 19.73 24.90
CA SER B 183 27.86 20.36 24.83
C SER B 183 26.78 19.34 25.23
N ALA B 184 26.92 18.10 24.75
CA ALA B 184 26.01 16.97 25.04
C ALA B 184 26.15 16.53 26.50
N HIS B 185 27.39 16.40 26.99
CA HIS B 185 27.74 15.91 28.35
C HIS B 185 27.34 16.95 29.41
N THR B 186 27.62 18.24 29.16
CA THR B 186 27.33 19.36 30.09
C THR B 186 25.82 19.51 30.28
N SER B 187 25.02 19.09 29.28
CA SER B 187 23.53 19.03 29.33
C SER B 187 23.08 17.93 30.30
N LYS B 188 23.95 16.95 30.57
CA LYS B 188 23.75 15.83 31.54
C LYS B 188 22.76 14.82 30.94
N GLY B 189 22.89 14.54 29.64
CA GLY B 189 22.12 13.50 28.91
C GLY B 189 22.95 12.25 28.70
N LEU B 190 22.31 11.16 28.28
CA LEU B 190 22.97 9.85 27.99
C LEU B 190 23.72 9.98 26.64
N THR B 191 24.98 10.42 26.71
CA THR B 191 25.83 10.77 25.55
C THR B 191 26.24 9.50 24.79
N ILE B 192 26.28 9.59 23.45
CA ILE B 192 26.79 8.53 22.52
C ILE B 192 27.77 9.18 21.53
N LEU B 193 28.98 8.64 21.42
CA LEU B 193 30.06 9.17 20.55
C LEU B 193 30.30 8.22 19.38
N LEU B 194 30.22 8.73 18.15
CA LEU B 194 30.47 7.99 16.88
C LEU B 194 31.69 8.61 16.17
N LYS B 195 32.74 7.81 15.96
CA LYS B 195 33.99 8.24 15.28
C LYS B 195 33.66 8.66 13.84
N ASP B 196 34.19 9.81 13.40
CA ASP B 196 33.98 10.37 12.03
C ASP B 196 35.34 10.73 11.44
N ILE B 197 35.92 11.87 11.83
CA ILE B 197 37.23 12.39 11.32
C ILE B 197 38.03 12.93 12.51
N LYS B 198 38.02 12.23 13.65
CA LYS B 198 38.77 12.58 14.88
C LYS B 198 38.86 11.34 15.78
N GLU B 199 40.06 10.78 15.95
CA GLU B 199 40.36 9.66 16.89
C GLU B 199 40.04 10.13 18.31
N PRO B 200 39.01 9.58 18.98
CA PRO B 200 38.60 10.03 20.31
C PRO B 200 39.76 10.11 21.32
N ASN B 201 39.81 11.21 22.07
CA ASN B 201 40.82 11.47 23.14
C ASN B 201 40.39 10.71 24.41
N ASP B 202 41.26 10.70 25.44
CA ASP B 202 40.97 10.12 26.78
C ASP B 202 39.82 10.90 27.42
N GLU B 203 39.86 12.24 27.31
CA GLU B 203 38.82 13.17 27.82
C GLU B 203 37.47 12.84 27.16
N MET B 204 37.46 12.65 25.84
CA MET B 204 36.25 12.34 25.03
C MET B 204 35.72 10.95 25.42
N LEU B 205 36.60 9.94 25.47
CA LEU B 205 36.24 8.52 25.77
C LEU B 205 35.62 8.41 27.17
N GLU B 206 36.09 9.21 28.12
CA GLU B 206 35.59 9.22 29.53
C GLU B 206 34.21 9.87 29.59
N LYS B 207 34.07 11.04 28.94
CA LYS B 207 32.81 11.84 28.89
C LYS B 207 31.65 10.96 28.40
N ALA B 208 31.85 10.20 27.33
CA ALA B 208 30.82 9.38 26.64
C ALA B 208 30.39 8.21 27.53
N HIS B 209 29.08 7.98 27.64
CA HIS B 209 28.46 6.83 28.35
C HIS B 209 28.58 5.56 27.48
N PHE B 210 28.57 5.74 26.15
CA PHE B 210 28.73 4.66 25.15
C PHE B 210 29.56 5.17 23.97
N TYR B 211 30.40 4.31 23.38
CA TYR B 211 31.23 4.60 22.18
C TYR B 211 31.10 3.44 21.17
N TYR B 212 31.09 3.79 19.89
CA TYR B 212 30.99 2.85 18.73
C TYR B 212 31.85 3.38 17.58
N ASP B 213 32.49 2.46 16.84
CA ASP B 213 33.43 2.77 15.72
C ASP B 213 32.64 3.40 14.57
N GLN B 214 31.47 2.83 14.23
CA GLN B 214 30.57 3.31 13.15
C GLN B 214 29.14 3.46 13.68
N MET B 215 28.26 4.07 12.89
CA MET B 215 26.80 4.22 13.18
C MET B 215 26.16 2.83 13.22
N TYR B 216 26.61 1.91 12.35
CA TYR B 216 26.07 0.54 12.21
C TYR B 216 26.41 -0.31 13.43
N ASP B 217 27.51 0.01 14.12
CA ASP B 217 27.99 -0.71 15.34
C ASP B 217 27.03 -0.44 16.50
N PHE B 218 26.49 0.77 16.60
CA PHE B 218 25.46 1.17 17.60
C PHE B 218 24.16 0.42 17.31
N LEU B 219 23.74 0.40 16.04
CA LEU B 219 22.49 -0.27 15.55
C LEU B 219 22.44 -1.71 16.07
N THR B 220 23.51 -2.47 15.86
CA THR B 220 23.66 -3.89 16.31
C THR B 220 23.44 -3.98 17.82
N ASP B 221 24.05 -3.06 18.58
CA ASP B 221 23.95 -2.99 20.06
C ASP B 221 22.53 -2.59 20.48
N LEU B 222 21.89 -1.70 19.71
CA LEU B 222 20.53 -1.17 20.00
C LEU B 222 19.47 -2.26 19.75
N ASP B 223 19.66 -3.07 18.70
CA ASP B 223 18.63 -3.98 18.14
C ASP B 223 18.29 -5.12 19.12
N GLN B 224 19.15 -5.37 20.12
CA GLN B 224 18.91 -6.41 21.16
C GLN B 224 17.92 -5.90 22.21
N PHE B 225 17.60 -4.60 22.18
CA PHE B 225 16.58 -3.95 23.06
C PHE B 225 15.33 -3.57 22.25
N ILE B 226 15.43 -3.54 20.91
CA ILE B 226 14.29 -3.28 19.98
C ILE B 226 13.58 -4.61 19.73
N PRO B 227 12.25 -4.70 19.97
CA PRO B 227 11.50 -5.94 19.73
C PRO B 227 11.58 -6.43 18.27
N VAL B 228 11.69 -7.75 18.08
CA VAL B 228 11.58 -8.41 16.75
C VAL B 228 10.09 -8.47 16.37
N MET B 229 9.75 -8.01 15.16
CA MET B 229 8.34 -7.94 14.67
C MET B 229 7.89 -9.36 14.24
N ASP B 230 6.60 -9.65 14.40
CA ASP B 230 6.00 -11.00 14.23
C ASP B 230 5.68 -11.25 12.76
N MET B 231 5.28 -12.49 12.43
CA MET B 231 4.93 -12.97 11.06
C MET B 231 3.94 -11.99 10.42
N PRO B 232 4.22 -11.46 9.22
CA PRO B 232 3.29 -10.57 8.52
C PRO B 232 2.01 -11.31 8.10
N GLU B 233 0.87 -10.60 8.09
CA GLU B 233 -0.41 -11.09 7.51
C GLU B 233 -0.40 -10.80 6.01
N MET B 234 -1.32 -11.43 5.26
CA MET B 234 -1.33 -11.44 3.77
C MET B 234 -1.18 -10.02 3.22
N GLN B 235 -2.18 -9.16 3.41
CA GLN B 235 -2.27 -7.83 2.75
C GLN B 235 -1.67 -6.75 3.66
N GLU B 236 -0.60 -7.08 4.40
CA GLU B 236 0.11 -6.15 5.30
C GLU B 236 1.13 -5.35 4.49
N PRO B 237 1.16 -4.00 4.60
CA PRO B 237 2.06 -3.19 3.79
C PRO B 237 3.54 -3.42 4.14
N PHE B 238 4.43 -3.18 3.18
CA PHE B 238 5.91 -3.21 3.36
C PHE B 238 6.34 -1.92 4.05
N PRO B 239 7.57 -1.85 4.63
CA PRO B 239 8.08 -0.61 5.21
C PRO B 239 8.27 0.48 4.15
N GLN B 240 8.06 1.74 4.53
CA GLN B 240 8.18 2.92 3.62
C GLN B 240 9.67 3.28 3.45
N SER B 241 10.38 3.44 4.57
CA SER B 241 11.79 3.90 4.64
C SER B 241 12.73 2.77 4.18
N LEU B 242 13.70 3.10 3.32
CA LEU B 242 14.66 2.14 2.71
C LEU B 242 16.02 2.25 3.42
N ASN B 243 16.60 1.10 3.81
CA ASN B 243 18.00 1.01 4.31
C ASN B 243 18.94 0.99 3.11
N GLN B 244 20.26 0.92 3.36
CA GLN B 244 21.33 1.04 2.33
C GLN B 244 21.83 -0.35 1.90
N LEU B 245 21.21 -1.42 2.40
CA LEU B 245 21.61 -2.83 2.12
C LEU B 245 21.00 -3.27 0.78
N THR B 246 21.77 -4.02 -0.02
CA THR B 246 21.32 -4.73 -1.25
C THR B 246 21.06 -6.21 -0.87
N VAL B 247 20.17 -6.87 -1.61
CA VAL B 247 19.91 -8.34 -1.49
C VAL B 247 19.71 -8.91 -2.91
N GLY B 248 19.96 -10.21 -3.08
CA GLY B 248 19.93 -10.87 -4.39
C GLY B 248 18.94 -12.03 -4.44
N ILE B 249 18.44 -12.34 -5.65
CA ILE B 249 17.60 -13.54 -5.96
C ILE B 249 18.17 -14.21 -7.21
N HIS B 250 19.05 -15.20 -7.03
CA HIS B 250 19.63 -16.02 -8.13
C HIS B 250 18.55 -16.94 -8.69
N GLY B 251 17.77 -16.43 -9.66
CA GLY B 251 16.65 -17.14 -10.31
C GLY B 251 15.34 -16.42 -10.09
N PHE B 252 15.05 -15.41 -10.90
CA PHE B 252 13.77 -14.65 -10.93
C PHE B 252 12.70 -15.52 -11.59
N GLY B 253 12.20 -16.51 -10.86
CA GLY B 253 11.18 -17.46 -11.31
C GLY B 253 10.00 -17.49 -10.34
N ALA B 254 9.21 -18.57 -10.38
CA ALA B 254 8.01 -18.77 -9.54
C ALA B 254 8.32 -18.42 -8.08
N ILE B 255 9.30 -19.10 -7.48
CA ILE B 255 9.67 -18.95 -6.04
C ILE B 255 10.36 -17.60 -5.83
N GLY B 256 11.47 -17.35 -6.54
CA GLY B 256 12.30 -16.14 -6.39
C GLY B 256 11.46 -14.87 -6.48
N GLY B 257 10.75 -14.69 -7.60
CA GLY B 257 9.95 -13.49 -7.88
C GLY B 257 8.62 -13.50 -7.14
N GLY B 258 8.04 -14.67 -6.91
CA GLY B 258 6.66 -14.84 -6.42
C GLY B 258 6.55 -15.22 -4.96
N TYR B 259 7.67 -15.29 -4.22
CA TYR B 259 7.68 -15.61 -2.77
C TYR B 259 8.81 -14.88 -2.05
N ILE B 260 10.07 -15.17 -2.42
CA ILE B 260 11.29 -14.63 -1.73
C ILE B 260 11.24 -13.10 -1.77
N ALA B 261 10.86 -12.52 -2.91
CA ALA B 261 10.76 -11.06 -3.13
C ALA B 261 9.87 -10.41 -2.07
N GLN B 262 8.80 -11.11 -1.62
CA GLN B 262 7.90 -10.65 -0.55
C GLN B 262 8.64 -10.70 0.80
N ILE B 263 9.35 -11.81 1.06
CA ILE B 263 10.12 -12.06 2.32
C ILE B 263 11.15 -10.93 2.50
N LEU B 264 11.86 -10.57 1.41
CA LEU B 264 12.94 -9.55 1.41
C LEU B 264 12.31 -8.15 1.50
N SER B 265 11.15 -7.94 0.87
CA SER B 265 10.43 -6.65 0.84
C SER B 265 9.88 -6.31 2.24
N HIS B 266 9.35 -7.29 2.97
CA HIS B 266 8.91 -7.15 4.39
C HIS B 266 10.13 -6.93 5.28
N TRP B 267 11.20 -7.73 5.08
CA TRP B 267 12.51 -7.61 5.78
C TRP B 267 12.29 -7.78 7.29
N ASP B 268 12.71 -6.79 8.11
CA ASP B 268 12.60 -6.80 9.58
C ASP B 268 11.40 -5.96 10.03
N GLY B 269 10.73 -5.29 9.09
CA GLY B 269 9.52 -4.47 9.34
C GLY B 269 9.86 -3.05 9.78
N TYR B 270 11.14 -2.74 9.95
CA TYR B 270 11.64 -1.39 10.31
C TYR B 270 12.11 -0.68 9.03
N THR B 271 13.01 -1.31 8.28
CA THR B 271 13.54 -0.80 6.98
C THR B 271 13.40 -1.89 5.91
N LYS B 272 13.67 -1.52 4.65
CA LYS B 272 13.57 -2.39 3.45
C LYS B 272 14.85 -2.22 2.63
N PRO B 273 15.40 -3.30 2.04
CA PRO B 273 16.56 -3.19 1.14
C PRO B 273 16.40 -2.09 0.08
N LYS B 274 17.47 -1.31 -0.15
CA LYS B 274 17.54 -0.20 -1.14
C LYS B 274 17.15 -0.72 -2.52
N ARG B 275 17.74 -1.85 -2.93
CA ARG B 275 17.50 -2.50 -4.25
C ARG B 275 17.50 -4.02 -4.07
N ILE B 276 16.72 -4.73 -4.89
CA ILE B 276 16.68 -6.22 -4.98
C ILE B 276 17.12 -6.61 -6.40
N ILE B 277 18.27 -7.27 -6.52
CA ILE B 277 18.87 -7.70 -7.82
C ILE B 277 18.50 -9.17 -8.06
N ALA B 278 17.68 -9.45 -9.08
CA ALA B 278 17.18 -10.79 -9.44
C ALA B 278 17.68 -11.17 -10.84
N SER B 279 18.28 -12.36 -10.97
CA SER B 279 18.87 -12.88 -12.23
C SER B 279 17.88 -13.84 -12.90
N THR B 280 17.70 -13.72 -14.22
CA THR B 280 16.85 -14.59 -15.06
C THR B 280 17.42 -14.68 -16.49
N ARG B 281 17.19 -15.81 -17.16
CA ARG B 281 17.52 -16.03 -18.59
C ARG B 281 16.33 -15.57 -19.45
N ASN B 282 15.12 -15.55 -18.87
CA ASN B 282 13.87 -15.07 -19.52
C ASN B 282 14.00 -13.56 -19.77
N SER B 283 14.35 -13.17 -21.00
CA SER B 283 14.66 -11.78 -21.42
C SER B 283 13.38 -10.94 -21.47
N LEU B 284 12.24 -11.56 -21.83
CA LEU B 284 10.90 -10.90 -21.87
C LEU B 284 10.55 -10.42 -20.46
N PHE B 285 10.57 -11.33 -19.49
CA PHE B 285 10.39 -11.04 -18.03
C PHE B 285 11.33 -9.92 -17.60
N ARG B 286 12.63 -10.06 -17.93
CA ARG B 286 13.70 -9.10 -17.55
C ARG B 286 13.33 -7.69 -18.05
N GLU B 287 13.07 -7.56 -19.35
CA GLU B 287 12.82 -6.26 -20.04
C GLU B 287 11.46 -5.70 -19.61
N ALA B 288 10.47 -6.56 -19.35
CA ALA B 288 9.10 -6.19 -18.94
C ALA B 288 9.13 -5.46 -17.59
N VAL B 289 9.82 -6.04 -16.60
CA VAL B 289 9.91 -5.49 -15.20
C VAL B 289 10.71 -4.19 -15.24
N ASN B 290 11.84 -4.16 -15.95
CA ASN B 290 12.75 -2.99 -16.07
C ASN B 290 12.01 -1.84 -16.78
N ALA B 291 11.08 -2.16 -17.68
CA ALA B 291 10.25 -1.19 -18.44
C ALA B 291 9.17 -0.61 -17.53
N PHE B 292 8.46 -1.46 -16.77
CA PHE B 292 7.36 -1.07 -15.85
C PHE B 292 7.93 -0.43 -14.58
N GLY B 293 9.08 -0.93 -14.11
CA GLY B 293 9.74 -0.49 -12.86
C GLY B 293 9.40 -1.39 -11.70
N THR B 294 8.17 -1.94 -11.69
CA THR B 294 7.64 -2.87 -10.67
C THR B 294 6.94 -4.05 -11.35
N TYR B 295 6.68 -5.11 -10.59
CA TYR B 295 5.76 -6.23 -10.96
C TYR B 295 4.90 -6.56 -9.73
N SER B 296 3.81 -7.30 -9.94
CA SER B 296 2.84 -7.67 -8.88
C SER B 296 2.69 -9.19 -8.81
N ILE B 297 2.60 -9.74 -7.60
CA ILE B 297 2.24 -11.16 -7.31
C ILE B 297 0.71 -11.21 -7.09
N ARG B 298 0.00 -11.95 -7.94
CA ARG B 298 -1.48 -12.13 -7.85
C ARG B 298 -1.80 -13.23 -6.83
N TYR B 299 -2.42 -12.87 -5.71
CA TYR B 299 -2.97 -13.81 -4.71
C TYR B 299 -4.45 -14.04 -5.07
N GLY B 300 -4.71 -15.11 -5.83
CA GLY B 300 -6.01 -15.42 -6.46
C GLY B 300 -7.13 -15.54 -5.45
N GLN B 301 -6.86 -16.17 -4.30
CA GLN B 301 -7.88 -16.48 -3.25
C GLN B 301 -8.67 -15.22 -2.88
N PHE B 302 -7.97 -14.09 -2.67
CA PHE B 302 -8.56 -12.79 -2.20
C PHE B 302 -8.47 -11.72 -3.30
N SER B 303 -8.13 -12.12 -4.53
CA SER B 303 -7.99 -11.24 -5.73
C SER B 303 -7.13 -10.01 -5.39
N TYR B 304 -6.07 -10.21 -4.61
CA TYR B 304 -5.14 -9.15 -4.14
C TYR B 304 -3.87 -9.17 -4.99
N ASP B 305 -3.55 -8.02 -5.62
CA ASP B 305 -2.33 -7.80 -6.43
C ASP B 305 -1.30 -7.06 -5.57
N GLU B 306 -0.21 -7.73 -5.21
CA GLU B 306 0.86 -7.22 -4.30
C GLU B 306 2.01 -6.65 -5.14
N ARG B 307 2.13 -5.32 -5.18
CA ARG B 307 3.18 -4.60 -5.93
C ARG B 307 4.51 -4.71 -5.16
N ILE B 308 5.57 -5.16 -5.85
CA ILE B 308 6.96 -5.25 -5.32
C ILE B 308 7.83 -4.27 -6.11
N GLU B 309 8.49 -3.34 -5.41
CA GLU B 309 9.23 -2.20 -6.02
C GLU B 309 10.70 -2.24 -5.55
N ASN B 310 11.54 -1.39 -6.14
CA ASN B 310 13.00 -1.34 -5.92
C ASN B 310 13.64 -2.62 -6.49
N MET B 311 13.09 -3.13 -7.60
CA MET B 311 13.60 -4.34 -8.30
C MET B 311 14.54 -3.92 -9.43
N SER B 312 15.60 -4.70 -9.67
CA SER B 312 16.56 -4.55 -10.79
C SER B 312 16.85 -5.94 -11.37
N ILE B 313 16.17 -6.30 -12.47
CA ILE B 313 16.29 -7.65 -13.11
C ILE B 313 17.49 -7.62 -14.05
N VAL B 314 18.39 -8.61 -13.92
CA VAL B 314 19.69 -8.70 -14.66
C VAL B 314 19.74 -10.04 -15.41
N ASP B 315 20.68 -10.17 -16.35
CA ASP B 315 20.91 -11.41 -17.14
C ASP B 315 21.85 -12.33 -16.35
N SER B 316 21.55 -13.63 -16.33
CA SER B 316 22.33 -14.69 -15.63
C SER B 316 23.71 -14.87 -16.29
N ASP B 317 23.81 -14.60 -17.60
CA ASP B 317 25.04 -14.78 -18.41
C ASP B 317 25.98 -13.58 -18.23
N ASN B 318 25.42 -12.37 -18.09
CA ASN B 318 26.18 -11.11 -17.89
C ASN B 318 26.91 -11.18 -16.54
N GLU B 319 28.23 -11.30 -16.56
CA GLU B 319 29.10 -11.60 -15.38
C GLU B 319 29.18 -10.38 -14.46
N GLN B 320 29.36 -9.18 -15.03
CA GLN B 320 29.63 -7.93 -14.28
C GLN B 320 28.44 -7.58 -13.38
N GLN B 321 27.21 -7.97 -13.78
CA GLN B 321 25.96 -7.73 -12.99
C GLN B 321 25.77 -8.85 -11.96
N MET B 322 26.24 -10.07 -12.25
CA MET B 322 26.15 -11.24 -11.34
C MET B 322 27.18 -11.09 -10.21
N LEU B 323 28.35 -10.54 -10.51
CA LEU B 323 29.40 -10.20 -9.50
C LEU B 323 28.94 -9.00 -8.66
N GLU B 324 28.33 -8.00 -9.30
CA GLU B 324 27.71 -6.80 -8.66
C GLU B 324 26.78 -7.27 -7.53
N MET B 325 26.00 -8.32 -7.77
CA MET B 325 25.03 -8.91 -6.81
C MET B 325 25.80 -9.48 -5.60
N TYR B 326 26.70 -10.43 -5.84
CA TYR B 326 27.36 -11.27 -4.80
C TYR B 326 28.34 -10.46 -3.95
N THR B 327 28.82 -9.31 -4.45
CA THR B 327 29.78 -8.42 -3.73
C THR B 327 29.02 -7.50 -2.78
N HIS B 328 27.94 -6.85 -3.24
CA HIS B 328 27.23 -5.75 -2.54
C HIS B 328 26.01 -6.26 -1.76
N SER B 329 25.57 -7.50 -2.00
CA SER B 329 24.36 -8.09 -1.37
C SER B 329 24.67 -8.56 0.05
N SER B 330 23.70 -8.38 0.97
CA SER B 330 23.75 -8.84 2.38
C SER B 330 23.18 -10.27 2.48
N LEU B 331 22.19 -10.58 1.64
CA LEU B 331 21.51 -11.91 1.58
C LEU B 331 21.26 -12.28 0.11
N ILE B 332 21.59 -13.52 -0.27
CA ILE B 332 21.30 -14.12 -1.61
C ILE B 332 20.35 -15.31 -1.41
N ALA B 333 19.36 -15.45 -2.31
CA ALA B 333 18.40 -16.57 -2.35
C ALA B 333 18.61 -17.35 -3.67
N LEU B 334 19.09 -18.59 -3.57
CA LEU B 334 19.29 -19.50 -4.73
C LEU B 334 17.96 -20.19 -5.05
N CYS B 335 17.30 -19.75 -6.12
CA CYS B 335 15.97 -20.24 -6.57
C CYS B 335 16.09 -20.86 -7.96
N LEU B 336 16.96 -21.87 -8.09
CA LEU B 336 17.25 -22.59 -9.37
C LEU B 336 16.86 -24.06 -9.21
N PRO B 337 16.35 -24.72 -10.28
CA PRO B 337 16.18 -26.18 -10.29
C PRO B 337 17.53 -26.93 -10.23
N GLU B 338 17.48 -28.23 -9.93
CA GLU B 338 18.66 -29.12 -9.80
C GLU B 338 19.49 -29.09 -11.09
N GLN B 339 18.82 -28.98 -12.25
CA GLN B 339 19.43 -29.06 -13.60
C GLN B 339 20.47 -27.94 -13.78
N ALA B 340 20.23 -26.78 -13.17
CA ALA B 340 21.01 -25.54 -13.36
C ALA B 340 22.11 -25.38 -12.29
N ILE B 341 22.04 -26.17 -11.20
CA ILE B 341 22.94 -26.04 -10.01
C ILE B 341 24.40 -26.15 -10.45
N GLU B 342 24.72 -27.13 -11.31
CA GLU B 342 26.11 -27.45 -11.74
C GLU B 342 26.69 -26.30 -12.58
N SER B 343 25.94 -25.84 -13.59
CA SER B 343 26.36 -24.79 -14.56
C SER B 343 26.51 -23.44 -13.84
N GLU B 344 25.58 -23.12 -12.93
CA GLU B 344 25.48 -21.79 -12.25
C GLU B 344 26.45 -21.71 -11.07
N SER B 345 26.91 -22.85 -10.53
CA SER B 345 27.90 -22.91 -9.42
C SER B 345 29.20 -22.21 -9.82
N LYS B 346 29.51 -22.19 -11.13
CA LYS B 346 30.66 -21.46 -11.72
C LYS B 346 30.47 -19.95 -11.52
N ILE B 347 29.24 -19.46 -11.75
CA ILE B 347 28.87 -18.01 -11.63
C ILE B 347 28.86 -17.61 -10.16
N ILE B 348 28.40 -18.50 -9.27
CA ILE B 348 28.34 -18.30 -7.79
C ILE B 348 29.77 -18.18 -7.24
N ALA B 349 30.66 -19.08 -7.65
CA ALA B 349 32.07 -19.17 -7.22
C ALA B 349 32.80 -17.86 -7.52
N LYS B 350 32.66 -17.34 -8.75
CA LYS B 350 33.27 -16.07 -9.22
C LYS B 350 32.78 -14.91 -8.34
N GLY B 351 31.49 -14.88 -8.02
CA GLY B 351 30.84 -13.84 -7.19
C GLY B 351 31.36 -13.85 -5.75
N LEU B 352 31.54 -15.04 -5.17
CA LEU B 352 32.05 -15.22 -3.78
C LEU B 352 33.54 -14.86 -3.72
N TYR B 353 34.29 -15.20 -4.77
CA TYR B 353 35.75 -14.88 -4.90
C TYR B 353 35.92 -13.37 -5.10
N ALA B 354 35.02 -12.75 -5.87
CA ALA B 354 34.95 -11.29 -6.09
C ALA B 354 34.62 -10.57 -4.78
N ARG B 355 33.78 -11.19 -3.94
CA ARG B 355 33.39 -10.68 -2.60
C ARG B 355 34.62 -10.67 -1.68
N PHE B 356 35.41 -11.75 -1.70
CA PHE B 356 36.64 -11.93 -0.88
C PHE B 356 37.74 -10.98 -1.37
N ASN B 357 37.88 -10.81 -2.68
CA ASN B 357 38.86 -9.89 -3.33
C ASN B 357 38.58 -8.46 -2.86
N SER B 358 37.30 -8.09 -2.75
CA SER B 358 36.82 -6.78 -2.20
C SER B 358 36.90 -6.80 -0.67
N GLN B 359 36.96 -5.62 -0.05
CA GLN B 359 37.12 -5.45 1.42
C GLN B 359 35.86 -4.77 1.99
N GLU B 365 30.91 -7.45 5.07
CA GLU B 365 29.99 -8.09 6.05
C GLU B 365 29.78 -9.55 5.68
N PRO B 366 29.37 -10.43 6.62
CA PRO B 366 29.11 -11.84 6.30
C PRO B 366 27.87 -11.99 5.41
N LEU B 367 27.86 -13.01 4.55
CA LEU B 367 26.74 -13.29 3.60
C LEU B 367 25.83 -14.39 4.17
N THR B 368 24.52 -14.20 4.05
CA THR B 368 23.46 -15.20 4.38
C THR B 368 22.93 -15.78 3.07
N PHE B 369 23.29 -17.02 2.75
CA PHE B 369 22.97 -17.71 1.46
C PHE B 369 21.82 -18.69 1.65
N LEU B 370 20.59 -18.25 1.37
CA LEU B 370 19.37 -19.11 1.37
C LEU B 370 19.41 -20.03 0.14
N ILE B 371 19.22 -21.34 0.35
CA ILE B 371 19.15 -22.37 -0.74
C ILE B 371 17.71 -22.89 -0.81
N ILE B 372 16.97 -22.47 -1.83
CA ILE B 372 15.56 -22.91 -2.09
C ILE B 372 15.60 -23.99 -3.17
N LEU B 373 15.30 -25.24 -2.79
CA LEU B 373 15.38 -26.42 -3.68
C LEU B 373 14.64 -27.61 -3.02
N ASN B 374 13.67 -28.18 -3.73
CA ASN B 374 12.91 -29.38 -3.28
C ASN B 374 13.73 -30.63 -3.60
N LYS B 375 14.59 -31.04 -2.65
CA LYS B 375 15.53 -32.18 -2.77
C LYS B 375 16.01 -32.54 -1.36
N VAL B 376 16.11 -33.84 -1.05
CA VAL B 376 16.67 -34.36 0.22
C VAL B 376 18.20 -34.18 0.17
N GLY B 377 18.74 -33.35 1.06
CA GLY B 377 20.16 -32.95 1.06
C GLY B 377 20.44 -31.95 -0.05
N ALA B 378 19.62 -30.90 -0.14
CA ALA B 378 19.70 -29.83 -1.16
C ALA B 378 21.01 -29.04 -1.01
N LYS B 379 21.38 -28.70 0.23
CA LYS B 379 22.61 -27.93 0.55
C LYS B 379 23.84 -28.70 0.05
N TYR B 380 23.94 -29.99 0.40
CA TYR B 380 25.07 -30.89 0.05
C TYR B 380 25.41 -30.76 -1.44
N LEU B 381 24.39 -30.85 -2.31
CA LEU B 381 24.53 -30.75 -3.79
C LEU B 381 25.16 -29.41 -4.17
N VAL B 382 24.67 -28.31 -3.59
CA VAL B 382 25.14 -26.92 -3.86
C VAL B 382 26.60 -26.79 -3.39
N MET B 383 26.87 -27.15 -2.13
CA MET B 383 28.21 -27.03 -1.48
C MET B 383 29.25 -27.85 -2.27
N LYS B 384 28.88 -29.07 -2.66
CA LYS B 384 29.77 -29.99 -3.43
C LYS B 384 30.16 -29.34 -4.76
N HIS B 385 29.16 -28.86 -5.52
CA HIS B 385 29.33 -28.21 -6.85
C HIS B 385 30.05 -26.87 -6.69
N LEU B 386 29.82 -26.18 -5.56
CA LEU B 386 30.44 -24.85 -5.26
C LEU B 386 31.93 -25.04 -4.94
N LYS B 387 32.27 -26.04 -4.13
CA LYS B 387 33.65 -26.39 -3.71
C LYS B 387 34.48 -26.71 -4.96
N GLU B 388 34.00 -27.65 -5.78
CA GLU B 388 34.67 -28.11 -7.04
C GLU B 388 34.87 -26.93 -7.98
N ALA B 389 33.88 -26.05 -8.10
CA ALA B 389 33.90 -24.84 -8.96
C ALA B 389 34.95 -23.85 -8.45
N LEU B 390 34.96 -23.56 -7.15
CA LEU B 390 35.88 -22.61 -6.49
C LEU B 390 37.33 -23.08 -6.68
N LEU B 391 37.62 -24.35 -6.38
CA LEU B 391 38.97 -24.97 -6.48
C LEU B 391 39.51 -24.84 -7.92
N GLU B 392 38.64 -25.04 -8.92
CA GLU B 392 39.01 -24.97 -10.37
C GLU B 392 39.47 -23.56 -10.73
N LEU B 393 38.87 -22.52 -10.13
CA LEU B 393 39.16 -21.09 -10.43
C LEU B 393 40.32 -20.59 -9.55
N THR B 394 40.20 -20.76 -8.22
CA THR B 394 41.16 -20.24 -7.22
C THR B 394 42.50 -20.98 -7.33
N ASN B 395 42.46 -22.30 -7.48
CA ASN B 395 43.65 -23.20 -7.45
C ASN B 395 44.34 -23.07 -6.09
N ASP B 396 43.55 -22.86 -5.03
CA ASP B 396 44.02 -22.59 -3.64
C ASP B 396 42.98 -23.12 -2.66
N GLU B 397 43.32 -24.17 -1.90
CA GLU B 397 42.41 -24.83 -0.92
C GLU B 397 42.29 -23.97 0.35
N ASP B 398 43.24 -23.06 0.58
CA ASP B 398 43.30 -22.18 1.78
C ASP B 398 42.21 -21.11 1.72
N VAL B 399 41.96 -20.53 0.54
CA VAL B 399 40.97 -19.42 0.33
C VAL B 399 39.56 -20.00 0.23
N THR B 400 39.41 -21.21 -0.33
CA THR B 400 38.09 -21.87 -0.57
C THR B 400 37.47 -22.28 0.78
N GLU B 401 38.23 -23.00 1.62
CA GLU B 401 37.77 -23.49 2.95
C GLU B 401 37.39 -22.30 3.84
N HIS B 402 38.05 -21.15 3.67
CA HIS B 402 37.73 -19.87 4.34
C HIS B 402 36.35 -19.37 3.88
N ILE B 403 36.17 -19.23 2.56
CA ILE B 403 34.92 -18.71 1.91
C ILE B 403 33.73 -19.57 2.33
N LEU B 404 33.86 -20.90 2.26
CA LEU B 404 32.78 -21.88 2.54
C LEU B 404 32.43 -21.89 4.03
N LYS B 405 33.36 -21.47 4.90
CA LYS B 405 33.16 -21.37 6.38
C LYS B 405 32.68 -19.97 6.77
N GLU B 406 33.10 -18.93 6.04
CA GLU B 406 32.82 -17.51 6.36
C GLU B 406 31.31 -17.24 6.33
N HIS B 407 30.65 -17.59 5.21
CA HIS B 407 29.24 -17.25 4.90
C HIS B 407 28.30 -18.34 5.46
N TYR B 408 27.04 -17.97 5.75
CA TYR B 408 25.99 -18.87 6.28
C TYR B 408 25.20 -19.48 5.11
N PHE B 409 25.50 -20.74 4.76
CA PHE B 409 24.80 -21.53 3.72
C PHE B 409 23.64 -22.29 4.38
N CYS B 410 22.42 -21.77 4.23
CA CYS B 410 21.20 -22.17 4.99
C CYS B 410 20.31 -23.09 4.14
N ASP B 411 19.87 -24.21 4.73
CA ASP B 411 18.78 -25.08 4.20
C ASP B 411 17.45 -24.39 4.48
N THR B 412 16.44 -24.61 3.62
CA THR B 412 15.09 -24.02 3.72
C THR B 412 14.02 -25.09 3.44
N VAL B 413 12.79 -24.83 3.90
CA VAL B 413 11.57 -25.63 3.58
C VAL B 413 10.47 -24.64 3.16
N VAL B 414 10.17 -24.60 1.86
CA VAL B 414 9.16 -23.69 1.24
C VAL B 414 7.90 -24.51 0.92
N ASN B 415 6.79 -24.22 1.60
CA ASN B 415 5.49 -24.94 1.45
C ASN B 415 4.63 -24.25 0.39
N ARG B 416 4.88 -22.96 0.10
CA ARG B 416 4.02 -22.11 -0.78
C ARG B 416 4.07 -22.65 -2.22
N MET B 417 2.88 -22.76 -2.84
CA MET B 417 2.71 -23.11 -4.27
C MET B 417 2.59 -21.82 -5.10
N VAL B 418 3.59 -21.56 -5.96
CA VAL B 418 3.65 -20.36 -6.84
C VAL B 418 3.77 -20.82 -8.30
N SER B 419 3.23 -20.02 -9.23
CA SER B 419 3.16 -20.33 -10.69
C SER B 419 3.69 -19.15 -11.51
N LYS B 420 4.68 -19.41 -12.38
CA LYS B 420 5.24 -18.44 -13.34
C LYS B 420 4.24 -18.26 -14.50
N LEU B 421 4.06 -17.02 -14.96
CA LEU B 421 3.17 -16.69 -16.11
C LEU B 421 3.85 -17.16 -17.41
N SER B 422 3.08 -17.77 -18.32
CA SER B 422 3.56 -18.20 -19.65
C SER B 422 3.92 -16.97 -20.49
N ASN B 423 4.89 -17.12 -21.41
CA ASN B 423 5.43 -16.01 -22.25
C ASN B 423 4.33 -15.45 -23.14
N GLN B 424 3.44 -16.31 -23.65
CA GLN B 424 2.29 -15.92 -24.52
C GLN B 424 1.31 -15.05 -23.72
N ASN B 425 1.03 -15.44 -22.46
CA ASN B 425 0.10 -14.73 -21.55
C ASN B 425 0.71 -13.40 -21.11
N LEU B 426 2.05 -13.34 -21.01
CA LEU B 426 2.80 -12.08 -20.67
C LEU B 426 2.80 -11.16 -21.90
N TYR B 427 2.95 -11.72 -23.11
CA TYR B 427 2.83 -10.98 -24.40
C TYR B 427 1.41 -10.46 -24.56
N ARG B 428 0.41 -11.31 -24.27
CA ARG B 428 -1.03 -10.97 -24.29
C ARG B 428 -1.28 -9.76 -23.39
N GLN B 429 -0.77 -9.81 -22.16
CA GLN B 429 -0.87 -8.74 -21.13
C GLN B 429 -0.23 -7.45 -21.68
N LEU B 430 0.99 -7.55 -22.19
CA LEU B 430 1.77 -6.41 -22.75
C LEU B 430 1.02 -5.78 -23.92
N ARG B 431 0.52 -6.59 -24.85
CA ARG B 431 -0.25 -6.15 -26.05
C ARG B 431 -1.46 -5.33 -25.59
N ILE B 432 -2.25 -5.88 -24.65
CA ILE B 432 -3.50 -5.26 -24.11
C ILE B 432 -3.16 -3.94 -23.42
N LYS B 433 -2.18 -3.96 -22.51
CA LYS B 433 -1.81 -2.81 -21.63
C LYS B 433 -1.08 -1.74 -22.46
N HIS B 434 -0.48 -2.10 -23.59
CA HIS B 434 0.19 -1.16 -24.53
C HIS B 434 -0.88 -0.29 -25.23
N ASN B 435 -1.98 -0.90 -25.65
CA ASN B 435 -3.11 -0.20 -26.35
C ASN B 435 -3.68 0.88 -25.43
N PHE B 436 -3.73 0.63 -24.12
CA PHE B 436 -4.20 1.60 -23.09
C PHE B 436 -3.22 2.78 -22.98
N LEU B 437 -1.92 2.50 -23.04
CA LEU B 437 -0.84 3.52 -23.00
C LEU B 437 -0.95 4.42 -24.24
N GLU B 438 -1.04 3.81 -25.43
CA GLU B 438 -1.20 4.53 -26.74
C GLU B 438 -2.33 5.55 -26.62
N GLN B 439 -3.47 5.15 -26.05
CA GLN B 439 -4.69 6.00 -25.91
C GLN B 439 -4.46 7.06 -24.82
N HIS B 440 -3.76 6.69 -23.75
CA HIS B 440 -3.41 7.61 -22.62
C HIS B 440 -2.53 8.76 -23.12
N LEU B 441 -1.66 8.49 -24.10
CA LEU B 441 -0.71 9.48 -24.67
C LEU B 441 -1.43 10.42 -25.64
N GLU B 442 -2.65 10.08 -26.07
CA GLU B 442 -3.53 10.95 -26.90
C GLU B 442 -4.35 11.88 -25.99
N ASP B 443 -4.63 11.44 -24.76
CA ASP B 443 -5.49 12.18 -23.77
C ASP B 443 -4.74 13.43 -23.27
N VAL B 444 -3.42 13.37 -23.13
CA VAL B 444 -2.58 14.45 -22.55
C VAL B 444 -2.67 15.71 -23.43
N GLU B 445 -2.66 15.54 -24.75
CA GLU B 445 -2.83 16.62 -25.76
C GLU B 445 -1.74 17.69 -25.57
N GLN B 446 -2.00 18.70 -24.73
CA GLN B 446 -1.04 19.80 -24.40
C GLN B 446 -1.34 20.30 -22.97
N GLU B 451 1.88 26.90 -16.88
CA GLU B 451 1.81 28.34 -16.50
C GLU B 451 1.18 28.48 -15.11
N ILE B 452 2.01 28.62 -14.07
CA ILE B 452 1.60 28.80 -12.65
C ILE B 452 1.51 30.30 -12.35
N GLU B 453 0.30 30.87 -12.43
CA GLU B 453 0.00 32.30 -12.18
C GLU B 453 -0.30 32.49 -10.69
N ASP B 454 -1.00 33.59 -10.35
CA ASP B 454 -1.65 33.86 -9.03
C ASP B 454 -0.68 34.59 -8.10
N CYS B 455 0.62 34.28 -8.17
CA CYS B 455 1.71 34.96 -7.40
C CYS B 455 1.39 34.89 -5.90
N ASN B 456 1.60 33.72 -5.27
CA ASN B 456 1.12 33.39 -3.91
C ASN B 456 2.32 33.27 -2.96
N LYS B 457 2.68 34.37 -2.29
CA LYS B 457 3.71 34.46 -1.23
C LYS B 457 5.08 34.01 -1.77
N LEU B 458 5.34 34.28 -3.06
CA LEU B 458 6.61 33.93 -3.76
C LEU B 458 6.97 35.05 -4.74
N THR B 459 8.27 35.29 -4.93
CA THR B 459 8.82 36.30 -5.88
C THR B 459 8.52 35.84 -7.30
N PRO B 460 8.35 36.77 -8.27
CA PRO B 460 8.23 36.41 -9.69
C PRO B 460 9.36 35.50 -10.19
N ASP B 461 10.56 35.65 -9.63
CA ASP B 461 11.76 34.82 -9.92
C ASP B 461 11.46 33.36 -9.58
N GLN B 462 10.95 33.09 -8.37
CA GLN B 462 10.63 31.74 -7.86
C GLN B 462 9.43 31.16 -8.60
N LEU B 463 8.36 31.95 -8.78
CA LEU B 463 7.10 31.53 -9.43
C LEU B 463 7.37 31.10 -10.88
N ASN B 464 8.26 31.82 -11.56
CA ASN B 464 8.70 31.52 -12.96
C ASN B 464 9.59 30.26 -12.94
N GLN B 465 10.45 30.12 -11.92
CA GLN B 465 11.36 28.97 -11.74
C GLN B 465 10.54 27.72 -11.36
N ALA B 466 9.44 27.90 -10.62
CA ALA B 466 8.50 26.84 -10.21
C ALA B 466 7.80 26.26 -11.45
N SER B 467 7.38 27.13 -12.37
CA SER B 467 6.70 26.78 -13.64
C SER B 467 7.57 25.83 -14.48
N ILE B 468 8.89 26.09 -14.52
CA ILE B 468 9.88 25.31 -15.32
C ILE B 468 10.07 23.92 -14.68
N TYR B 469 10.01 23.83 -13.34
CA TYR B 469 10.10 22.57 -12.58
C TYR B 469 8.84 21.73 -12.81
N VAL B 470 7.67 22.32 -12.58
CA VAL B 470 6.33 21.64 -12.64
C VAL B 470 6.06 21.17 -14.08
N ASP B 471 6.55 21.89 -15.09
CA ASP B 471 6.31 21.59 -16.53
C ASP B 471 7.05 20.30 -16.90
N ASN B 472 8.38 20.26 -16.74
CA ASN B 472 9.24 19.14 -17.18
C ASN B 472 9.04 17.94 -16.24
N MET B 473 8.57 18.17 -15.00
CA MET B 473 8.14 17.10 -14.07
C MET B 473 6.88 16.43 -14.63
N ARG B 474 5.84 17.22 -14.93
CA ARG B 474 4.59 16.75 -15.58
C ARG B 474 4.95 16.03 -16.89
N ARG B 475 5.79 16.67 -17.72
CA ARG B 475 6.25 16.16 -19.04
C ARG B 475 6.77 14.72 -18.90
N ASN B 476 7.51 14.43 -17.82
CA ASN B 476 8.18 13.12 -17.57
C ASN B 476 7.23 12.17 -16.82
N PHE B 477 6.46 12.70 -15.85
CA PHE B 477 5.60 11.91 -14.93
C PHE B 477 4.27 11.54 -15.59
N GLN B 478 3.67 12.45 -16.37
CA GLN B 478 2.27 12.34 -16.86
C GLN B 478 2.09 11.05 -17.66
N PRO B 479 3.02 10.66 -18.56
CA PRO B 479 2.91 9.38 -19.26
C PRO B 479 2.85 8.16 -18.32
N GLY B 480 3.44 8.26 -17.12
CA GLY B 480 3.50 7.18 -16.12
C GLY B 480 2.44 7.32 -15.03
N HIS B 481 1.37 8.09 -15.27
CA HIS B 481 0.21 8.25 -14.35
C HIS B 481 -0.68 6.99 -14.42
N ILE B 482 -0.71 6.33 -15.59
CA ILE B 482 -1.53 5.12 -15.87
C ILE B 482 -1.12 3.98 -14.93
N LEU B 483 0.11 4.02 -14.39
CA LEU B 483 0.68 2.95 -13.52
C LEU B 483 0.01 2.95 -12.14
N GLN B 484 -0.80 3.97 -11.82
CA GLN B 484 -1.64 4.02 -10.59
C GLN B 484 -2.64 2.86 -10.62
N SER B 485 -3.29 2.65 -11.76
CA SER B 485 -4.30 1.57 -12.00
C SER B 485 -3.61 0.34 -12.60
N MET B 486 -2.72 0.54 -13.57
CA MET B 486 -2.06 -0.53 -14.36
C MET B 486 -0.96 -1.21 -13.51
N ASP B 487 -1.02 -2.53 -13.41
CA ASP B 487 0.02 -3.39 -12.75
C ASP B 487 0.63 -4.31 -13.80
N LEU B 488 1.74 -4.97 -13.47
CA LEU B 488 2.39 -6.03 -14.28
C LEU B 488 2.35 -7.34 -13.49
N ILE B 489 1.42 -8.24 -13.85
CA ILE B 489 1.19 -9.54 -13.15
C ILE B 489 2.09 -10.61 -13.78
N LEU B 490 2.97 -11.22 -12.99
CA LEU B 490 3.96 -12.22 -13.46
C LEU B 490 3.84 -13.54 -12.67
N PHE B 491 3.19 -13.54 -11.50
CA PHE B 491 3.17 -14.69 -10.57
C PHE B 491 1.78 -14.88 -9.95
N HIS B 492 1.30 -16.12 -9.93
CA HIS B 492 0.09 -16.58 -9.21
C HIS B 492 0.54 -17.41 -7.99
N SER B 493 0.32 -16.89 -6.79
CA SER B 493 0.80 -17.47 -5.50
C SER B 493 -0.40 -17.73 -4.57
N GLU B 494 -0.29 -18.74 -3.71
CA GLU B 494 -1.22 -18.95 -2.56
C GLU B 494 -0.76 -18.05 -1.40
N THR B 495 -1.53 -18.00 -0.31
CA THR B 495 -1.37 -17.02 0.79
C THR B 495 -0.62 -17.67 1.98
N ASP B 496 0.40 -18.50 1.70
CA ASP B 496 1.27 -19.12 2.72
C ASP B 496 2.51 -18.23 2.92
N MET B 497 2.69 -17.69 4.12
CA MET B 497 3.74 -16.68 4.45
C MET B 497 5.03 -17.35 4.92
N PRO B 498 5.01 -18.22 5.96
CA PRO B 498 6.23 -18.56 6.69
C PRO B 498 7.20 -19.50 5.95
N ILE B 499 8.40 -19.01 5.63
CA ILE B 499 9.56 -19.82 5.16
C ILE B 499 10.31 -20.35 6.40
N TYR B 500 10.60 -21.65 6.43
CA TYR B 500 11.31 -22.34 7.53
C TYR B 500 12.78 -22.53 7.10
N VAL B 501 13.72 -21.98 7.88
CA VAL B 501 15.17 -21.89 7.52
C VAL B 501 16.00 -22.47 8.68
N GLU B 502 17.18 -22.99 8.35
CA GLU B 502 18.17 -23.56 9.30
C GLU B 502 18.74 -22.43 10.18
N LYS B 503 19.08 -22.74 11.43
CA LYS B 503 19.64 -21.77 12.41
C LYS B 503 21.14 -21.58 12.12
N GLY B 504 21.67 -20.38 12.40
CA GLY B 504 23.09 -20.02 12.22
C GLY B 504 23.26 -18.53 12.00
N SER B 505 22.67 -17.99 10.93
CA SER B 505 22.77 -16.56 10.52
C SER B 505 22.03 -15.68 11.52
N PRO B 506 22.70 -14.70 12.17
CA PRO B 506 22.01 -13.74 13.04
C PRO B 506 20.99 -12.86 12.31
N LEU B 507 21.20 -12.61 11.01
CA LEU B 507 20.32 -11.78 10.15
C LEU B 507 18.90 -12.36 10.12
N LEU B 508 18.78 -13.69 10.02
CA LEU B 508 17.49 -14.43 9.86
C LEU B 508 16.66 -14.33 11.15
N GLU B 509 17.31 -14.10 12.30
CA GLU B 509 16.65 -13.93 13.63
C GLU B 509 15.67 -12.76 13.57
N LYS B 510 16.01 -11.70 12.82
CA LYS B 510 15.31 -10.39 12.81
C LYS B 510 14.34 -10.29 11.62
N LEU B 511 14.46 -11.14 10.61
CA LEU B 511 13.53 -11.19 9.45
C LEU B 511 12.18 -11.73 9.91
N ARG B 512 11.09 -11.05 9.54
CA ARG B 512 9.71 -11.30 10.02
C ARG B 512 9.18 -12.62 9.46
N GLN B 513 9.31 -12.82 8.15
CA GLN B 513 8.65 -13.92 7.39
C GLN B 513 9.45 -15.23 7.54
N VAL B 514 10.67 -15.16 8.08
CA VAL B 514 11.57 -16.33 8.32
C VAL B 514 11.30 -16.89 9.73
N VAL B 515 10.93 -18.17 9.81
CA VAL B 515 10.84 -18.97 11.06
C VAL B 515 12.06 -19.89 11.13
N LEU B 516 12.79 -19.87 12.25
CA LEU B 516 14.04 -20.67 12.46
C LEU B 516 13.67 -22.01 13.13
N VAL B 517 14.08 -23.12 12.50
CA VAL B 517 13.85 -24.51 13.00
C VAL B 517 15.22 -25.19 13.17
N ASP B 518 15.24 -26.36 13.81
CA ASP B 518 16.49 -27.12 14.13
C ASP B 518 16.66 -28.26 13.13
N GLN B 519 15.98 -29.39 13.34
CA GLN B 519 16.07 -30.61 12.49
C GLN B 519 15.37 -30.34 11.15
N ILE B 520 16.05 -29.60 10.26
CA ILE B 520 15.53 -29.21 8.91
C ILE B 520 15.51 -30.44 8.00
N THR B 521 16.47 -31.36 8.19
CA THR B 521 16.65 -32.60 7.38
C THR B 521 15.42 -33.50 7.53
N ASP B 522 14.89 -33.63 8.76
CA ASP B 522 13.70 -34.47 9.07
C ASP B 522 12.46 -33.88 8.40
N ILE B 523 12.32 -32.55 8.42
CA ILE B 523 11.18 -31.80 7.81
C ILE B 523 11.25 -31.95 6.29
N GLN B 524 12.46 -31.76 5.71
CA GLN B 524 12.71 -31.84 4.25
C GLN B 524 12.34 -33.22 3.72
N LEU B 525 12.59 -34.29 4.49
CA LEU B 525 12.29 -35.70 4.09
C LEU B 525 10.77 -35.89 4.02
N ILE B 526 10.03 -35.43 5.05
CA ILE B 526 8.55 -35.54 5.13
C ILE B 526 7.93 -34.63 4.05
N LYS B 527 8.44 -33.40 3.95
CA LYS B 527 8.10 -32.42 2.88
C LYS B 527 8.22 -33.11 1.51
N ASN B 528 9.34 -33.78 1.25
CA ASN B 528 9.64 -34.46 -0.05
C ASN B 528 8.60 -35.55 -0.31
N ARG B 529 8.39 -36.45 0.66
CA ARG B 529 7.61 -37.71 0.49
C ARG B 529 6.10 -37.41 0.52
N LEU B 530 5.63 -36.67 1.52
CA LEU B 530 4.18 -36.51 1.83
C LEU B 530 3.58 -35.32 1.08
N TRP B 531 4.34 -34.23 0.92
CA TRP B 531 3.89 -33.00 0.21
C TRP B 531 4.21 -33.11 -1.28
N ASN B 532 5.50 -33.02 -1.66
CA ASN B 532 5.97 -32.91 -3.07
C ASN B 532 5.69 -34.21 -3.84
N GLY B 533 5.70 -35.35 -3.13
CA GLY B 533 5.48 -36.69 -3.72
C GLY B 533 4.04 -36.90 -4.15
N VAL B 534 3.09 -36.62 -3.25
CA VAL B 534 1.63 -36.74 -3.51
C VAL B 534 1.24 -35.70 -4.57
N HIS B 535 1.84 -34.50 -4.50
CA HIS B 535 1.60 -33.36 -5.44
C HIS B 535 1.96 -33.77 -6.87
N ALA B 536 3.10 -34.47 -7.05
CA ALA B 536 3.63 -34.91 -8.36
C ALA B 536 2.77 -36.05 -8.92
N MET B 537 2.40 -37.02 -8.08
CA MET B 537 1.70 -38.27 -8.50
C MET B 537 0.25 -37.96 -8.89
N LEU B 538 -0.43 -37.06 -8.17
CA LEU B 538 -1.82 -36.65 -8.50
C LEU B 538 -1.81 -35.75 -9.74
N ALA B 539 -0.74 -34.97 -9.95
CA ALA B 539 -0.55 -34.08 -11.11
C ALA B 539 -0.40 -34.91 -12.40
N TRP B 540 0.29 -36.06 -12.31
CA TRP B 540 0.45 -37.02 -13.43
C TRP B 540 -0.90 -37.67 -13.75
N TYR B 541 -1.61 -38.12 -12.72
CA TYR B 541 -2.96 -38.73 -12.80
C TYR B 541 -3.95 -37.72 -13.40
N ALA B 542 -3.90 -36.47 -12.94
CA ALA B 542 -4.78 -35.35 -13.38
C ALA B 542 -4.50 -35.01 -14.86
N SER B 543 -3.22 -34.85 -15.22
CA SER B 543 -2.75 -34.51 -16.59
C SER B 543 -3.26 -35.55 -17.60
N LEU B 544 -3.13 -36.84 -17.28
CA LEU B 544 -3.52 -37.98 -18.16
C LEU B 544 -5.05 -38.08 -18.26
N MET B 545 -5.78 -37.56 -17.27
CA MET B 545 -7.27 -37.50 -17.27
C MET B 545 -7.75 -36.27 -18.05
N GLY B 546 -6.88 -35.28 -18.24
CA GLY B 546 -7.09 -34.13 -19.14
C GLY B 546 -7.40 -32.83 -18.40
N TYR B 547 -6.83 -32.64 -17.20
CA TYR B 547 -6.91 -31.40 -16.40
C TYR B 547 -5.61 -30.60 -16.57
N GLU B 548 -5.74 -29.28 -16.77
CA GLU B 548 -4.60 -28.33 -16.92
C GLU B 548 -4.44 -27.49 -15.65
N SER B 549 -5.28 -27.74 -14.63
CA SER B 549 -5.30 -27.00 -13.34
C SER B 549 -5.34 -28.00 -12.17
N ILE B 550 -4.49 -27.77 -11.15
CA ILE B 550 -4.47 -28.56 -9.88
C ILE B 550 -5.80 -28.33 -9.14
N GLY B 551 -6.19 -27.06 -8.98
CA GLY B 551 -7.43 -26.64 -8.30
C GLY B 551 -8.65 -27.36 -8.88
N VAL B 552 -8.81 -27.31 -10.20
CA VAL B 552 -9.97 -27.90 -10.94
C VAL B 552 -9.93 -29.42 -10.81
N ALA B 553 -8.73 -30.02 -10.95
CA ALA B 553 -8.49 -31.49 -10.93
C ALA B 553 -8.97 -32.08 -9.60
N MET B 554 -8.73 -31.39 -8.48
CA MET B 554 -9.12 -31.83 -7.11
C MET B 554 -10.64 -31.79 -6.94
N GLY B 555 -11.36 -31.12 -7.86
CA GLY B 555 -12.83 -31.15 -7.95
C GLY B 555 -13.35 -32.51 -8.37
N ASP B 556 -12.52 -33.29 -9.09
CA ASP B 556 -12.82 -34.68 -9.51
C ASP B 556 -12.66 -35.60 -8.29
N HIS B 557 -13.69 -36.39 -7.97
CA HIS B 557 -13.75 -37.28 -6.77
C HIS B 557 -12.64 -38.33 -6.84
N LEU B 558 -12.32 -38.81 -8.05
CA LEU B 558 -11.25 -39.83 -8.30
C LEU B 558 -9.88 -39.25 -7.93
N VAL B 559 -9.59 -38.03 -8.38
CA VAL B 559 -8.28 -37.34 -8.21
C VAL B 559 -8.00 -37.13 -6.71
N LYS B 560 -9.01 -36.70 -5.96
CA LYS B 560 -8.90 -36.42 -4.50
C LYS B 560 -8.79 -37.74 -3.73
N ALA B 561 -9.59 -38.75 -4.11
CA ALA B 561 -9.59 -40.11 -3.52
C ALA B 561 -8.19 -40.73 -3.66
N PHE B 562 -7.57 -40.59 -4.84
CA PHE B 562 -6.21 -41.10 -5.18
C PHE B 562 -5.18 -40.43 -4.26
N ALA B 563 -5.27 -39.10 -4.10
CA ALA B 563 -4.37 -38.27 -3.26
C ALA B 563 -4.50 -38.69 -1.78
N GLU B 564 -5.73 -38.89 -1.31
CA GLU B 564 -6.04 -39.33 0.08
C GLU B 564 -5.54 -40.76 0.29
N ASN B 565 -5.59 -41.60 -0.75
CA ASN B 565 -5.11 -43.01 -0.72
C ASN B 565 -3.57 -43.04 -0.65
N LEU B 566 -2.90 -42.20 -1.44
CA LEU B 566 -1.41 -42.05 -1.43
C LEU B 566 -0.95 -41.61 -0.04
N ILE B 567 -1.54 -40.52 0.47
CA ILE B 567 -1.21 -39.90 1.80
C ILE B 567 -1.23 -40.97 2.88
N ALA B 568 -2.22 -41.86 2.87
CA ALA B 568 -2.40 -42.97 3.83
C ALA B 568 -1.19 -43.91 3.78
N GLU B 569 -0.73 -44.26 2.58
CA GLU B 569 0.37 -45.24 2.34
C GLU B 569 1.72 -44.63 2.71
N VAL B 570 1.92 -43.34 2.42
CA VAL B 570 3.18 -42.60 2.72
C VAL B 570 3.32 -42.42 4.25
N LYS B 571 2.26 -41.92 4.90
CA LYS B 571 2.22 -41.65 6.36
C LYS B 571 2.45 -42.94 7.16
N GLN B 572 1.91 -44.06 6.68
CA GLN B 572 2.07 -45.41 7.29
C GLN B 572 3.55 -45.80 7.27
N GLY B 573 4.28 -45.37 6.23
CA GLY B 573 5.73 -45.62 6.06
C GLY B 573 6.57 -44.68 6.91
N LEU B 574 6.29 -43.38 6.86
CA LEU B 574 7.04 -42.31 7.58
C LEU B 574 6.94 -42.53 9.10
N ALA B 575 5.80 -43.04 9.58
CA ALA B 575 5.50 -43.28 11.01
C ALA B 575 6.46 -44.33 11.60
N ILE B 576 7.03 -45.19 10.76
CA ILE B 576 8.03 -46.23 11.14
C ILE B 576 9.44 -45.60 11.09
N VAL B 577 9.74 -44.85 10.03
CA VAL B 577 11.08 -44.24 9.76
C VAL B 577 11.31 -43.08 10.73
N LEU B 578 10.28 -42.26 10.96
CA LEU B 578 10.32 -41.08 11.88
C LEU B 578 9.16 -41.17 12.87
N PRO B 579 9.24 -42.05 13.90
CA PRO B 579 8.19 -42.18 14.90
C PRO B 579 7.96 -40.91 15.73
N ASN B 580 8.99 -40.08 15.88
CA ASN B 580 8.96 -38.81 16.67
C ASN B 580 8.13 -37.75 15.94
N TYR B 581 7.98 -37.87 14.61
CA TYR B 581 7.23 -36.94 13.74
C TYR B 581 5.85 -37.50 13.37
N ALA B 582 5.54 -38.73 13.80
CA ALA B 582 4.28 -39.45 13.51
C ALA B 582 3.07 -38.62 13.95
N LYS B 583 3.23 -37.77 14.97
CA LYS B 583 2.17 -36.92 15.56
C LYS B 583 1.73 -35.85 14.57
N ASP B 584 2.68 -35.32 13.77
CA ASP B 584 2.51 -34.09 12.95
C ASP B 584 2.12 -34.42 11.51
N LEU B 585 2.10 -35.71 11.13
CA LEU B 585 1.85 -36.16 9.72
C LEU B 585 0.42 -35.78 9.30
N ASP B 586 -0.55 -35.97 10.20
CA ASP B 586 -2.00 -35.71 9.94
C ASP B 586 -2.22 -34.22 9.67
N ARG B 587 -1.51 -33.34 10.39
CA ARG B 587 -1.63 -31.86 10.24
C ARG B 587 -1.09 -31.43 8.88
N MET B 588 0.11 -31.91 8.51
CA MET B 588 0.83 -31.52 7.26
C MET B 588 0.08 -32.07 6.04
N SER B 589 -0.45 -33.29 6.14
CA SER B 589 -1.21 -33.99 5.06
C SER B 589 -2.49 -33.21 4.75
N GLN B 590 -3.20 -32.73 5.79
CA GLN B 590 -4.45 -31.94 5.66
C GLN B 590 -4.12 -30.55 5.14
N SER B 591 -3.03 -29.93 5.62
CA SER B 591 -2.54 -28.59 5.19
C SER B 591 -2.22 -28.59 3.69
N PHE B 592 -1.70 -29.72 3.18
CA PHE B 592 -1.35 -29.92 1.75
C PHE B 592 -2.62 -29.92 0.90
N LEU B 593 -3.60 -30.76 1.26
CA LEU B 593 -4.88 -30.93 0.53
C LEU B 593 -5.63 -29.59 0.44
N ASP B 594 -5.57 -28.78 1.51
CA ASP B 594 -6.21 -27.44 1.59
C ASP B 594 -5.58 -26.50 0.56
N SER B 595 -4.25 -26.51 0.46
CA SER B 595 -3.45 -25.68 -0.48
C SER B 595 -3.69 -26.12 -1.93
N CYS B 596 -4.00 -27.41 -2.14
CA CYS B 596 -4.29 -28.03 -3.46
C CYS B 596 -5.74 -27.74 -3.90
N GLU B 597 -6.67 -27.76 -2.94
CA GLU B 597 -8.14 -27.74 -3.20
C GLU B 597 -8.53 -26.52 -4.04
N TYR B 598 -7.94 -25.35 -3.77
CA TYR B 598 -8.27 -24.06 -4.43
C TYR B 598 -7.01 -23.42 -5.04
N ALA B 599 -6.21 -24.23 -5.74
CA ALA B 599 -5.02 -23.81 -6.51
C ALA B 599 -5.37 -23.81 -8.01
N PHE B 600 -6.35 -22.99 -8.39
CA PHE B 600 -6.98 -22.96 -9.74
C PHE B 600 -6.00 -22.41 -10.78
N LYS B 601 -5.10 -21.51 -10.37
CA LYS B 601 -4.12 -20.82 -11.26
C LYS B 601 -2.77 -21.54 -11.22
N ASP B 602 -2.66 -22.65 -10.47
CA ASP B 602 -1.44 -23.51 -10.39
C ASP B 602 -1.58 -24.66 -11.38
N PRO B 603 -0.80 -24.68 -12.48
CA PRO B 603 -0.96 -25.69 -13.53
C PRO B 603 -0.28 -27.03 -13.20
N CYS B 604 -0.82 -28.14 -13.74
CA CYS B 604 -0.30 -29.52 -13.58
C CYS B 604 1.09 -29.63 -14.22
N GLN B 605 1.31 -28.93 -15.35
CA GLN B 605 2.60 -28.86 -16.09
C GLN B 605 3.75 -28.61 -15.11
N ARG B 606 3.64 -27.54 -14.30
CA ARG B 606 4.70 -27.08 -13.36
C ARG B 606 4.99 -28.14 -12.30
N VAL B 607 3.94 -28.82 -11.81
CA VAL B 607 4.02 -29.79 -10.68
C VAL B 607 4.58 -31.13 -11.19
N ALA B 608 4.43 -31.40 -12.49
CA ALA B 608 4.84 -32.67 -13.15
C ALA B 608 6.11 -32.47 -13.98
N ARG B 609 6.85 -31.38 -13.78
CA ARG B 609 8.19 -31.15 -14.38
C ARG B 609 9.08 -32.36 -14.07
N ASP B 610 10.05 -32.66 -14.93
CA ASP B 610 11.15 -33.63 -14.67
C ASP B 610 10.61 -34.87 -13.95
N PRO B 611 9.75 -35.70 -14.60
CA PRO B 611 9.20 -36.89 -13.94
C PRO B 611 10.26 -37.94 -13.59
N LEU B 612 11.21 -38.20 -14.51
CA LEU B 612 12.31 -39.18 -14.33
C LEU B 612 13.14 -38.79 -13.10
N ARG B 613 13.46 -37.51 -12.95
CA ARG B 613 14.21 -36.95 -11.79
C ARG B 613 13.46 -37.28 -10.49
N LYS B 614 12.12 -37.17 -10.51
CA LYS B 614 11.23 -37.38 -9.34
C LYS B 614 10.98 -38.88 -9.12
N LEU B 615 11.23 -39.70 -10.14
CA LEU B 615 11.09 -41.19 -10.08
C LEU B 615 12.44 -41.84 -9.77
N ASN B 616 13.43 -41.06 -9.32
CA ASN B 616 14.76 -41.56 -8.86
C ASN B 616 14.56 -42.36 -7.57
N HIS B 617 15.52 -43.25 -7.26
CA HIS B 617 15.46 -44.20 -6.11
C HIS B 617 15.47 -43.45 -4.78
N ASN B 618 16.11 -42.28 -4.74
CA ASN B 618 16.29 -41.44 -3.52
C ASN B 618 15.38 -40.20 -3.62
N GLU B 619 14.14 -40.36 -4.11
CA GLU B 619 13.21 -39.24 -4.40
C GLU B 619 11.78 -39.60 -3.98
N ARG B 620 10.89 -38.62 -4.11
CA ARG B 620 9.54 -38.53 -3.47
C ARG B 620 8.65 -39.76 -3.77
N VAL B 621 8.87 -40.46 -4.89
CA VAL B 621 7.98 -41.57 -5.35
C VAL B 621 8.56 -42.91 -4.88
N MET B 622 9.76 -43.27 -5.35
CA MET B 622 10.38 -44.61 -5.18
C MET B 622 10.78 -44.84 -3.72
N ALA B 623 11.29 -43.82 -3.03
CA ALA B 623 11.75 -43.88 -1.63
C ALA B 623 10.62 -44.38 -0.72
N SER B 624 9.41 -43.85 -0.91
CA SER B 624 8.17 -44.24 -0.18
C SER B 624 7.84 -45.71 -0.45
N ILE B 625 7.81 -46.12 -1.72
CA ILE B 625 7.52 -47.52 -2.17
C ILE B 625 8.47 -48.48 -1.44
N ALA B 626 9.77 -48.19 -1.47
CA ALA B 626 10.84 -49.00 -0.85
C ALA B 626 10.54 -49.23 0.63
N VAL B 627 10.30 -48.14 1.37
CA VAL B 627 10.02 -48.17 2.84
C VAL B 627 8.85 -49.11 3.11
N ASN B 628 7.76 -48.98 2.34
CA ASN B 628 6.50 -49.74 2.53
C ASN B 628 6.72 -51.23 2.23
N ILE B 629 7.62 -51.56 1.28
CA ILE B 629 7.96 -52.96 0.90
C ILE B 629 8.74 -53.62 2.04
N ARG B 630 9.73 -52.90 2.61
CA ARG B 630 10.62 -53.39 3.69
C ARG B 630 9.80 -53.77 4.92
N HIS B 631 8.78 -52.96 5.27
CA HIS B 631 7.97 -53.08 6.50
C HIS B 631 6.62 -53.78 6.22
N ASP B 632 6.47 -54.36 5.02
CA ASP B 632 5.25 -55.11 4.58
C ASP B 632 4.01 -54.22 4.78
N LEU B 633 4.04 -52.99 4.27
CA LEU B 633 2.90 -52.03 4.27
C LEU B 633 2.33 -51.96 2.87
N PRO B 634 1.05 -51.54 2.70
CA PRO B 634 0.45 -51.41 1.37
C PRO B 634 1.10 -50.28 0.56
N TYR B 635 1.45 -50.55 -0.69
CA TYR B 635 2.09 -49.61 -1.64
C TYR B 635 1.40 -49.66 -3.00
N LYS B 636 0.14 -50.10 -3.04
CA LYS B 636 -0.63 -50.37 -4.29
C LYS B 636 -0.86 -49.05 -5.04
N ASN B 637 -1.31 -48.01 -4.34
CA ASN B 637 -1.60 -46.66 -4.90
C ASN B 637 -0.28 -45.97 -5.29
N LEU B 638 0.75 -46.11 -4.44
CA LEU B 638 2.12 -45.58 -4.70
C LEU B 638 2.67 -46.17 -6.01
N LEU B 639 2.44 -47.47 -6.23
CA LEU B 639 2.90 -48.22 -7.43
C LEU B 639 2.18 -47.68 -8.67
N LYS B 640 0.91 -47.31 -8.54
CA LYS B 640 0.08 -46.73 -9.64
C LYS B 640 0.65 -45.37 -10.03
N GLY B 641 0.94 -44.52 -9.05
CA GLY B 641 1.51 -43.17 -9.26
C GLY B 641 2.85 -43.21 -9.98
N ALA B 642 3.69 -44.19 -9.64
CA ALA B 642 5.01 -44.45 -10.27
C ALA B 642 4.80 -44.77 -11.76
N ALA B 643 3.86 -45.65 -12.07
CA ALA B 643 3.48 -46.06 -13.44
C ALA B 643 2.93 -44.86 -14.21
N LEU B 644 2.10 -44.04 -13.56
CA LEU B 644 1.49 -42.80 -14.14
C LEU B 644 2.60 -41.76 -14.38
N GLY B 645 3.67 -41.79 -13.59
CA GLY B 645 4.85 -40.93 -13.73
C GLY B 645 5.59 -41.21 -15.03
N TYR B 646 5.82 -42.49 -15.33
CA TYR B 646 6.49 -42.96 -16.58
C TYR B 646 5.51 -42.82 -17.76
N ALA B 647 4.22 -43.06 -17.52
CA ALA B 647 3.12 -42.88 -18.50
C ALA B 647 3.10 -41.43 -18.99
N TYR B 648 3.21 -40.46 -18.06
CA TYR B 648 3.24 -39.00 -18.34
C TYR B 648 4.50 -38.67 -19.15
N ALA B 649 5.65 -39.19 -18.73
CA ALA B 649 6.98 -38.93 -19.31
C ALA B 649 7.02 -39.34 -20.80
N ILE B 650 6.40 -40.47 -21.14
CA ILE B 650 6.42 -41.08 -22.50
C ILE B 650 5.36 -40.40 -23.39
N GLN B 651 4.24 -39.97 -22.81
CA GLN B 651 3.02 -39.52 -23.56
C GLN B 651 3.07 -37.99 -23.76
N PHE B 652 3.28 -37.21 -22.70
CA PHE B 652 3.20 -35.72 -22.69
C PHE B 652 4.55 -35.11 -23.07
N LEU B 653 5.65 -35.61 -22.51
CA LEU B 653 7.03 -35.08 -22.73
C LEU B 653 7.68 -35.76 -23.94
N GLU B 654 7.29 -37.01 -24.23
CA GLU B 654 7.81 -37.83 -25.37
C GLU B 654 9.32 -38.03 -25.20
N ILE B 655 9.70 -38.96 -24.31
CA ILE B 655 11.12 -39.19 -23.89
C ILE B 655 11.60 -40.56 -24.38
N GLU B 656 10.79 -41.26 -25.20
CA GLU B 656 11.06 -42.61 -25.75
C GLU B 656 10.85 -43.66 -24.65
N GLU B 657 10.05 -44.71 -24.94
CA GLU B 657 9.70 -45.79 -23.98
C GLU B 657 10.95 -46.60 -23.61
N THR B 658 11.91 -46.73 -24.53
CA THR B 658 13.17 -47.49 -24.35
C THR B 658 13.98 -46.88 -23.19
N LYS B 659 14.04 -45.55 -23.10
CA LYS B 659 14.78 -44.81 -22.04
C LYS B 659 14.05 -44.95 -20.70
N ALA B 660 12.72 -44.97 -20.73
CA ALA B 660 11.83 -45.06 -19.54
C ALA B 660 12.10 -46.36 -18.77
N VAL B 661 12.29 -47.47 -19.49
CA VAL B 661 12.56 -48.82 -18.90
C VAL B 661 14.01 -48.85 -18.39
N GLU B 662 14.96 -48.32 -19.16
CA GLU B 662 16.40 -48.25 -18.80
C GLU B 662 16.56 -47.44 -17.50
N HIS B 663 15.78 -46.36 -17.36
CA HIS B 663 15.71 -45.52 -16.13
C HIS B 663 15.04 -46.31 -15.00
N LEU B 664 13.86 -46.87 -15.26
CA LEU B 664 13.05 -47.67 -14.30
C LEU B 664 13.92 -48.77 -13.70
N GLN B 665 14.59 -49.57 -14.55
CA GLN B 665 15.44 -50.73 -14.15
C GLN B 665 16.63 -50.23 -13.32
N GLN B 666 17.30 -49.17 -13.77
CA GLN B 666 18.49 -48.56 -13.10
C GLN B 666 18.12 -48.15 -11.68
N GLN B 667 16.95 -47.52 -11.50
CA GLN B 667 16.49 -46.96 -10.19
C GLN B 667 16.08 -48.10 -9.26
N ILE B 668 15.35 -49.10 -9.77
CA ILE B 668 14.90 -50.29 -8.99
C ILE B 668 16.13 -51.09 -8.55
N GLN B 669 17.21 -51.07 -9.35
CA GLN B 669 18.50 -51.74 -9.04
C GLN B 669 19.18 -51.03 -7.87
N ASN B 670 19.01 -49.70 -7.76
CA ASN B 670 19.65 -48.85 -6.72
C ASN B 670 18.86 -48.92 -5.40
N LEU B 671 17.59 -49.31 -5.45
CA LEU B 671 16.70 -49.39 -4.25
C LEU B 671 17.26 -50.44 -3.27
N ASP B 672 17.31 -50.10 -1.98
CA ASP B 672 17.81 -50.97 -0.88
C ASP B 672 16.75 -52.05 -0.59
N LEU B 673 16.65 -53.04 -1.49
CA LEU B 673 15.72 -54.20 -1.40
C LEU B 673 16.48 -55.49 -1.74
N SER B 674 15.88 -56.65 -1.46
CA SER B 674 16.38 -57.98 -1.88
C SER B 674 16.06 -58.16 -3.38
N THR B 675 16.84 -58.99 -4.08
CA THR B 675 16.70 -59.27 -5.53
C THR B 675 15.29 -59.78 -5.82
N ALA B 676 14.70 -60.57 -4.90
CA ALA B 676 13.32 -61.10 -4.97
C ALA B 676 12.33 -59.93 -5.04
N GLN B 677 12.49 -58.93 -4.19
CA GLN B 677 11.61 -57.72 -4.10
C GLN B 677 11.86 -56.80 -5.30
N ARG B 678 13.13 -56.66 -5.72
CA ARG B 678 13.56 -55.83 -6.87
C ARG B 678 12.86 -56.29 -8.15
N ARG B 679 12.91 -57.59 -8.44
CA ARG B 679 12.37 -58.19 -9.70
C ARG B 679 10.83 -58.18 -9.64
N GLN B 680 10.26 -58.41 -8.45
CA GLN B 680 8.79 -58.34 -8.21
C GLN B 680 8.29 -56.91 -8.46
N LEU B 681 9.01 -55.92 -7.93
CA LEU B 681 8.70 -54.47 -8.09
C LEU B 681 8.74 -54.09 -9.58
N GLU B 682 9.80 -54.49 -10.29
CA GLU B 682 10.00 -54.23 -11.74
C GLU B 682 8.87 -54.89 -12.54
N ALA B 683 8.55 -56.15 -12.23
CA ALA B 683 7.52 -56.98 -12.91
C ALA B 683 6.14 -56.35 -12.72
N GLU B 684 5.81 -55.93 -11.50
CA GLU B 684 4.50 -55.31 -11.14
C GLU B 684 4.37 -53.95 -11.82
N LEU B 685 5.46 -53.15 -11.86
CA LEU B 685 5.46 -51.76 -12.36
C LEU B 685 5.39 -51.74 -13.90
N VAL B 686 6.18 -52.58 -14.57
CA VAL B 686 6.24 -52.66 -16.07
C VAL B 686 4.89 -53.18 -16.59
N GLN B 687 4.27 -54.13 -15.87
CA GLN B 687 2.94 -54.71 -16.18
C GLN B 687 1.88 -53.60 -16.13
N LEU B 688 1.94 -52.75 -15.09
CA LEU B 688 0.93 -51.69 -14.81
C LEU B 688 1.09 -50.53 -15.79
N ILE B 689 2.31 -50.29 -16.28
CA ILE B 689 2.62 -49.24 -17.30
C ILE B 689 2.00 -49.65 -18.65
N GLN B 690 2.19 -50.91 -19.05
CA GLN B 690 1.65 -51.49 -20.31
C GLN B 690 0.12 -51.50 -20.27
N TYR B 691 -0.47 -51.67 -19.07
CA TYR B 691 -1.93 -51.70 -18.82
C TYR B 691 -2.56 -50.34 -19.18
N LEU B 692 -1.90 -49.24 -18.79
CA LEU B 692 -2.40 -47.85 -19.00
C LEU B 692 -2.44 -47.52 -20.50
N PHE B 693 -1.36 -47.83 -21.23
CA PHE B 693 -1.20 -47.55 -22.69
C PHE B 693 -2.17 -48.41 -23.50
N SER B 694 -2.61 -49.56 -22.95
CA SER B 694 -3.65 -50.45 -23.53
C SER B 694 -4.97 -50.29 -22.76
O7N V8H C . -7.80 21.95 12.43
C7N V8H C . -8.45 21.77 11.41
N7N V8H C . -7.86 21.71 10.21
C3N V8H C . -9.94 21.64 11.50
C2N V8H C . -10.74 22.43 10.70
C4N V8H C . -10.55 20.63 12.46
C5N V8H C . -12.01 20.65 12.41
C6N V8H C . -12.71 21.50 11.55
N1N V8H C . -12.08 22.36 10.74
C1D V8H C . -12.88 23.23 9.87
O4D V8H C . -12.56 23.03 8.49
C2D V8H C . -12.62 24.71 10.16
O2D V8H C . -13.69 25.27 10.93
C3D V8H C . -12.48 25.37 8.80
O3D V8H C . -13.44 26.42 8.62
C4D V8H C . -12.70 24.27 7.78
C5D V8H C . -11.72 24.33 6.61
O5D V8H C . -10.38 24.18 7.07
PN V8H C . -9.14 24.46 6.08
O1N V8H C . -7.92 24.78 6.92
O2N V8H C . -8.91 23.23 5.24
O3 V8H C . -9.47 25.72 5.12
PA V8H C . -8.38 26.32 4.08
O1A V8H C . -8.36 27.82 4.20
O2A V8H C . -7.01 25.76 4.38
O5B V8H C . -8.78 25.91 2.58
C5B V8H C . -9.83 26.57 1.87
C4B V8H C . -9.70 26.27 0.38
C3B V8H C . -8.49 26.97 -0.23
O3B V8H C . -7.70 26.03 -0.96
C2B V8H C . -9.05 28.06 -1.14
O2B V8H C . -8.53 27.96 -2.47
C1B V8H C . -10.56 27.87 -1.14
O4B V8H C . -10.86 26.74 -0.32
O1 V8H C . -11.21 29.03 -0.63
MG MG D . -25.67 -12.59 -22.48
S SO4 E . -25.89 -16.02 -24.84
O1 SO4 E . -26.93 -15.19 -25.40
O2 SO4 E . -26.41 -17.34 -24.60
O3 SO4 E . -25.44 -15.46 -23.60
O4 SO4 E . -24.79 -16.11 -25.76
C1 EDO F . -33.68 14.33 1.48
O1 EDO F . -33.98 14.79 2.79
C2 EDO F . -34.69 13.38 0.95
O2 EDO F . -34.81 13.41 -0.47
C1 EDO G . -29.22 -26.54 -0.05
O1 EDO G . -28.64 -26.45 1.24
C2 EDO G . -29.49 -25.23 -0.68
O2 EDO G . -28.31 -24.56 -1.10
C1 GOL H . -3.58 -11.16 -31.24
O1 GOL H . -4.03 -12.51 -31.12
C2 GOL H . -4.72 -10.20 -31.47
O2 GOL H . -4.20 -8.92 -31.81
C3 GOL H . -5.70 -10.68 -32.52
O3 GOL H . -6.28 -9.59 -33.24
CL CL I . -16.47 29.40 17.94
CL CL J . -16.01 20.14 13.43
CL CL K . -19.27 0.83 -9.99
CL CL L . -14.73 39.58 23.94
N1 EPE M . -2.81 -10.46 -16.57
C2 EPE M . -3.26 -11.47 -15.63
C3 EPE M . -2.75 -12.87 -16.00
N4 EPE M . -3.10 -13.23 -17.35
C5 EPE M . -2.53 -12.26 -18.27
C6 EPE M . -3.02 -10.85 -17.95
C7 EPE M . -2.62 -14.56 -17.71
C8 EPE M . -3.38 -15.66 -16.97
O8 EPE M . -2.52 -16.29 -16.06
C9 EPE M . -3.32 -9.10 -16.38
C10 EPE M . -3.99 -8.77 -15.04
S EPE M . -5.81 -8.78 -15.20
O1S EPE M . -6.26 -9.96 -16.03
O2S EPE M . -6.38 -8.59 -13.90
O3S EPE M . -6.06 -7.48 -16.01
N1 EPE N . 8.73 17.51 2.83
C2 EPE N . 8.13 17.75 4.15
C3 EPE N . 7.86 19.21 4.48
N4 EPE N . 8.94 20.07 4.03
C5 EPE N . 9.07 19.98 2.59
C6 EPE N . 9.46 18.57 2.16
C7 EPE N . 8.75 21.45 4.47
C8 EPE N . 9.28 21.62 5.90
O8 EPE N . 8.22 21.54 6.80
C9 EPE N . 9.36 16.18 2.71
C10 EPE N . 10.67 16.07 3.49
S EPE N . 11.22 14.35 3.61
O1S EPE N . 10.08 13.37 3.59
O2S EPE N . 11.86 14.03 4.94
O3S EPE N . 12.16 14.06 2.45
PA NAI O . 11.14 -21.93 -12.57
O1A NAI O . 11.51 -22.88 -13.66
O2A NAI O . 9.92 -21.09 -12.77
O5B NAI O . 12.38 -20.97 -12.25
C5B NAI O . 12.75 -20.05 -13.30
C4B NAI O . 13.95 -19.24 -12.90
O4B NAI O . 15.12 -20.10 -12.91
C3B NAI O . 14.31 -18.07 -13.83
O3B NAI O . 14.96 -17.02 -13.14
C2B NAI O . 15.24 -18.76 -14.83
O2B NAI O . 16.07 -17.85 -15.52
C1B NAI O . 16.03 -19.67 -13.89
N9A NAI O . 16.59 -20.83 -14.56
C8A NAI O . 15.93 -21.98 -14.93
N7A NAI O . 16.70 -22.86 -15.51
C5A NAI O . 17.95 -22.26 -15.55
C6A NAI O . 19.20 -22.68 -16.06
N6A NAI O . 19.39 -23.86 -16.65
N1A NAI O . 20.24 -21.84 -15.93
C2A NAI O . 20.04 -20.65 -15.34
N3A NAI O . 18.92 -20.14 -14.83
C4A NAI O . 17.89 -21.00 -14.97
O3 NAI O . 10.97 -22.75 -11.20
PN NAI O . 11.00 -22.35 -9.65
O1N NAI O . 9.78 -22.90 -8.99
O2N NAI O . 11.27 -20.89 -9.53
O5D NAI O . 12.27 -23.18 -9.18
C5D NAI O . 13.07 -22.73 -8.05
C4D NAI O . 13.12 -23.83 -7.00
O4D NAI O . 12.03 -23.64 -6.07
C3D NAI O . 12.99 -25.27 -7.52
O3D NAI O . 14.22 -25.97 -7.34
C2D NAI O . 11.85 -25.85 -6.68
O2D NAI O . 12.14 -27.16 -6.21
C1D NAI O . 11.70 -24.89 -5.52
N1N NAI O . 10.31 -24.82 -4.97
C2N NAI O . 9.24 -24.54 -5.77
C3N NAI O . 7.96 -24.45 -5.26
C7N NAI O . 6.93 -23.73 -6.05
O7N NAI O . 5.74 -23.79 -5.70
N7N NAI O . 7.28 -23.05 -7.12
C4N NAI O . 7.69 -25.06 -3.93
C5N NAI O . 8.92 -25.39 -3.18
C6N NAI O . 10.09 -25.02 -3.62
MG MG P . 29.34 17.75 14.29
S SO4 Q . 9.98 -29.40 -8.05
O1 SO4 Q . 10.65 -30.51 -7.43
O2 SO4 Q . 9.35 -29.85 -9.27
O3 SO4 Q . 8.99 -28.86 -7.16
O4 SO4 Q . 10.94 -28.38 -8.37
S SO4 R . 13.43 -19.80 -18.13
O1 SO4 R . 12.58 -19.96 -16.99
O2 SO4 R . 14.32 -20.92 -18.23
O3 SO4 R . 12.62 -19.73 -19.32
O4 SO4 R . 14.19 -18.59 -18.00
C1 GOL S . 2.91 -28.39 8.73
O1 GOL S . 1.55 -28.03 8.98
C2 GOL S . 3.49 -27.61 7.57
O2 GOL S . 4.73 -28.20 7.16
C3 GOL S . 2.56 -27.53 6.38
O3 GOL S . 1.75 -26.35 6.42
CL CL T . -2.37 -12.49 -27.71
CL CL U . 12.14 -36.25 -18.00
CL CL V . -8.80 -27.96 -15.99
#